data_2KOH
#
_entry.id   2KOH
#
loop_
_entity.id
_entity.type
_entity.pdbx_description
1 polymer 'Partitioning defective 3 homolog'
2 polymer Cadherin-5
#
loop_
_entity_poly.entity_id
_entity_poly.type
_entity_poly.pdbx_seq_one_letter_code
_entity_poly.pdbx_strand_id
1 'polypeptide(L)'
;GSDGTREFLTFEVPLNDSGSAGLGVSVKGNRSKENHADLGIFVKSIINGGAASKDGRLRVNDQLIAVNGESLLGKANQEA
METLRRSMSTEGNKRGMIQLIVARRISRCNE
;
A
2 'polypeptide(L)' MLAELYGSDPQEELII B
#
# COMPACT_ATOMS: atom_id res chain seq x y z
N GLY A 1 -23.26 8.31 14.04
CA GLY A 1 -23.22 8.77 12.67
C GLY A 1 -22.07 8.16 11.93
N SER A 2 -22.30 7.01 11.36
CA SER A 2 -21.30 6.31 10.60
C SER A 2 -21.93 5.80 9.32
N ASP A 3 -21.49 6.30 8.19
CA ASP A 3 -22.03 5.86 6.91
C ASP A 3 -20.91 5.67 5.91
N GLY A 4 -20.25 6.75 5.55
CA GLY A 4 -19.18 6.70 4.57
C GLY A 4 -17.86 7.09 5.20
N THR A 5 -17.56 6.48 6.30
CA THR A 5 -16.35 6.75 7.03
C THR A 5 -15.26 5.75 6.62
N ARG A 6 -14.03 6.10 6.90
CA ARG A 6 -12.92 5.23 6.62
C ARG A 6 -12.18 4.94 7.91
N GLU A 7 -11.85 3.69 8.09
CA GLU A 7 -11.22 3.24 9.31
C GLU A 7 -9.79 2.88 9.02
N PHE A 8 -8.93 3.08 9.98
CA PHE A 8 -7.53 2.73 9.83
C PHE A 8 -7.24 1.45 10.57
N LEU A 9 -6.75 0.48 9.87
CA LEU A 9 -6.39 -0.76 10.48
C LEU A 9 -4.92 -0.90 10.43
N THR A 10 -4.37 -1.34 11.48
CA THR A 10 -2.96 -1.45 11.57
C THR A 10 -2.57 -2.90 11.64
N PHE A 11 -1.77 -3.32 10.71
CA PHE A 11 -1.29 -4.66 10.70
C PHE A 11 0.19 -4.66 11.04
N GLU A 12 0.59 -5.59 11.86
CA GLU A 12 1.97 -5.70 12.24
C GLU A 12 2.51 -6.99 11.74
N VAL A 13 3.49 -6.89 10.93
CA VAL A 13 4.02 -8.01 10.22
C VAL A 13 5.45 -8.22 10.63
N PRO A 14 5.76 -9.34 11.22
CA PRO A 14 7.13 -9.62 11.61
C PRO A 14 7.94 -10.06 10.41
N LEU A 15 9.18 -9.69 10.38
CA LEU A 15 10.02 -10.12 9.29
C LEU A 15 10.50 -11.53 9.52
N ASN A 16 9.56 -12.42 9.42
CA ASN A 16 9.81 -13.85 9.57
C ASN A 16 9.74 -14.48 8.22
N ASP A 17 8.54 -14.51 7.66
CA ASP A 17 8.38 -14.99 6.30
C ASP A 17 8.64 -13.82 5.41
N SER A 18 9.88 -13.49 5.36
CA SER A 18 10.36 -12.44 4.61
C SER A 18 11.58 -12.95 3.94
N GLY A 19 11.60 -12.74 2.72
CA GLY A 19 12.62 -13.24 1.87
C GLY A 19 11.96 -13.83 0.68
N SER A 20 10.74 -14.35 0.93
CA SER A 20 9.85 -14.84 -0.10
C SER A 20 9.49 -13.66 -0.97
N ALA A 21 9.35 -12.58 -0.29
CA ALA A 21 9.10 -11.27 -0.71
C ALA A 21 9.40 -10.46 0.52
N GLY A 22 9.22 -9.19 0.49
CA GLY A 22 9.45 -8.40 1.68
C GLY A 22 8.35 -8.65 2.67
N LEU A 23 7.15 -8.34 2.25
CA LEU A 23 5.93 -8.63 2.99
C LEU A 23 5.05 -9.54 2.20
N GLY A 24 5.10 -9.37 0.90
CA GLY A 24 4.35 -10.15 0.02
C GLY A 24 3.08 -9.46 -0.35
N VAL A 25 3.17 -8.18 -0.58
CA VAL A 25 2.03 -7.47 -1.05
C VAL A 25 2.45 -6.71 -2.27
N SER A 26 1.55 -6.48 -3.16
CA SER A 26 1.80 -5.66 -4.27
C SER A 26 0.92 -4.46 -4.15
N VAL A 27 1.49 -3.33 -4.30
CA VAL A 27 0.77 -2.11 -4.26
C VAL A 27 1.01 -1.30 -5.51
N LYS A 28 0.14 -0.42 -5.78
CA LYS A 28 0.27 0.48 -6.92
C LYS A 28 -0.40 1.78 -6.60
N GLY A 29 0.04 2.83 -7.22
CA GLY A 29 -0.58 4.10 -6.98
C GLY A 29 -1.34 4.56 -8.16
N ASN A 30 -2.43 5.23 -7.92
CA ASN A 30 -3.27 5.72 -9.00
C ASN A 30 -3.41 7.23 -8.85
N ARG A 31 -3.67 7.90 -9.94
CA ARG A 31 -3.90 9.34 -9.92
C ARG A 31 -5.24 9.64 -10.48
N SER A 32 -5.89 10.61 -9.92
CA SER A 32 -7.11 11.09 -10.47
C SER A 32 -6.75 11.84 -11.72
N LYS A 33 -7.33 11.46 -12.80
CA LYS A 33 -7.06 12.13 -14.04
C LYS A 33 -7.88 13.39 -14.14
N GLU A 34 -8.94 13.43 -13.37
CA GLU A 34 -9.80 14.58 -13.30
C GLU A 34 -9.19 15.61 -12.34
N ASN A 35 -8.84 15.14 -11.14
CA ASN A 35 -8.27 16.02 -10.11
C ASN A 35 -6.79 16.32 -10.38
N HIS A 36 -6.14 15.48 -11.21
CA HIS A 36 -4.72 15.66 -11.60
C HIS A 36 -3.82 15.53 -10.37
N ALA A 37 -4.25 14.70 -9.47
CA ALA A 37 -3.58 14.49 -8.23
C ALA A 37 -3.65 13.04 -7.90
N ASP A 38 -2.73 12.57 -7.11
CA ASP A 38 -2.69 11.17 -6.76
C ASP A 38 -3.84 10.79 -5.85
N LEU A 39 -4.25 9.55 -5.98
CA LEU A 39 -5.26 8.98 -5.13
C LEU A 39 -4.59 8.23 -4.01
N GLY A 40 -3.28 8.12 -4.15
CA GLY A 40 -2.49 7.43 -3.17
C GLY A 40 -2.14 6.04 -3.61
N ILE A 41 -1.51 5.32 -2.72
CA ILE A 41 -1.09 3.96 -2.98
C ILE A 41 -2.15 2.97 -2.48
N PHE A 42 -2.50 2.02 -3.32
CA PHE A 42 -3.49 1.03 -2.99
C PHE A 42 -2.94 -0.35 -3.21
N VAL A 43 -3.44 -1.31 -2.47
CA VAL A 43 -3.06 -2.71 -2.67
C VAL A 43 -3.70 -3.21 -3.96
N LYS A 44 -2.96 -3.95 -4.71
CA LYS A 44 -3.44 -4.50 -5.97
C LYS A 44 -3.52 -6.02 -5.90
N SER A 45 -2.53 -6.64 -5.30
CA SER A 45 -2.53 -8.08 -5.19
C SER A 45 -1.82 -8.48 -3.92
N ILE A 46 -2.36 -9.44 -3.24
CA ILE A 46 -1.73 -10.00 -2.09
C ILE A 46 -0.99 -11.23 -2.50
N ILE A 47 0.23 -11.30 -2.12
CA ILE A 47 1.02 -12.45 -2.41
C ILE A 47 0.84 -13.43 -1.28
N ASN A 48 0.19 -14.54 -1.56
CA ASN A 48 -0.03 -15.54 -0.52
C ASN A 48 1.20 -16.38 -0.35
N GLY A 49 2.11 -15.80 0.34
CA GLY A 49 3.38 -16.38 0.60
C GLY A 49 4.29 -15.31 1.10
N GLY A 50 3.79 -14.57 2.06
CA GLY A 50 4.52 -13.51 2.67
C GLY A 50 3.92 -13.19 4.01
N ALA A 51 4.74 -12.77 4.93
CA ALA A 51 4.33 -12.51 6.32
C ALA A 51 3.11 -11.58 6.45
N ALA A 52 3.04 -10.53 5.64
CA ALA A 52 1.92 -9.57 5.70
C ALA A 52 0.63 -10.23 5.34
N SER A 53 0.73 -11.19 4.48
CA SER A 53 -0.42 -11.91 4.05
C SER A 53 -0.82 -12.88 5.15
N LYS A 54 0.17 -13.62 5.65
CA LYS A 54 -0.05 -14.65 6.63
C LYS A 54 -0.59 -14.06 7.94
N ASP A 55 0.10 -13.07 8.46
CA ASP A 55 -0.28 -12.46 9.73
C ASP A 55 -1.40 -11.44 9.58
N GLY A 56 -1.20 -10.50 8.65
CA GLY A 56 -2.09 -9.36 8.52
C GLY A 56 -3.42 -9.67 7.89
N ARG A 57 -3.41 -10.50 6.83
CA ARG A 57 -4.66 -10.87 6.11
C ARG A 57 -5.33 -9.65 5.46
N LEU A 58 -4.54 -8.67 5.02
CA LEU A 58 -5.09 -7.49 4.37
C LEU A 58 -5.71 -7.77 2.97
N ARG A 59 -6.37 -6.77 2.43
CA ARG A 59 -7.21 -6.90 1.24
C ARG A 59 -6.68 -6.13 0.03
N VAL A 60 -7.33 -6.36 -1.09
CA VAL A 60 -7.05 -5.70 -2.35
C VAL A 60 -7.78 -4.35 -2.40
N ASN A 61 -7.11 -3.35 -2.96
CA ASN A 61 -7.61 -1.98 -3.17
C ASN A 61 -7.80 -1.24 -1.84
N ASP A 62 -7.07 -1.67 -0.84
CA ASP A 62 -7.04 -0.94 0.41
C ASP A 62 -6.06 0.24 0.20
N GLN A 63 -6.21 1.31 0.93
CA GLN A 63 -5.44 2.52 0.73
C GLN A 63 -4.34 2.62 1.83
N LEU A 64 -3.09 2.55 1.42
CA LEU A 64 -1.95 2.57 2.36
C LEU A 64 -1.68 3.95 2.93
N ILE A 65 -1.77 4.05 4.25
CA ILE A 65 -1.63 5.31 4.96
C ILE A 65 -0.21 5.52 5.45
N ALA A 66 0.28 4.56 6.22
CA ALA A 66 1.59 4.68 6.84
C ALA A 66 2.30 3.35 6.90
N VAL A 67 3.62 3.41 6.94
CA VAL A 67 4.47 2.23 7.01
C VAL A 67 5.57 2.45 8.08
N ASN A 68 5.70 1.50 9.00
CA ASN A 68 6.65 1.58 10.15
C ASN A 68 6.52 2.88 10.95
N GLY A 69 5.32 3.42 10.98
CA GLY A 69 5.10 4.67 11.69
C GLY A 69 5.28 5.90 10.82
N GLU A 70 5.89 5.74 9.67
CA GLU A 70 6.12 6.84 8.76
C GLU A 70 4.94 6.92 7.80
N SER A 71 4.34 8.07 7.69
CA SER A 71 3.15 8.22 6.92
C SER A 71 3.41 8.66 5.47
N LEU A 72 2.67 8.09 4.54
CA LEU A 72 2.75 8.50 3.15
C LEU A 72 1.49 9.17 2.70
N LEU A 73 0.50 9.22 3.59
CA LEU A 73 -0.73 9.91 3.32
C LEU A 73 -0.45 11.40 3.21
N GLY A 74 -0.23 11.85 1.99
CA GLY A 74 0.03 13.24 1.75
C GLY A 74 1.07 13.44 0.67
N LYS A 75 1.93 12.45 0.48
CA LYS A 75 2.95 12.53 -0.55
C LYS A 75 2.51 11.76 -1.79
N ALA A 76 3.01 12.17 -2.94
CA ALA A 76 2.62 11.58 -4.23
C ALA A 76 3.06 10.11 -4.34
N ASN A 77 2.53 9.42 -5.35
CA ASN A 77 2.76 7.96 -5.52
C ASN A 77 4.23 7.60 -5.62
N GLN A 78 4.98 8.32 -6.45
CA GLN A 78 6.40 8.03 -6.63
C GLN A 78 7.18 8.36 -5.35
N GLU A 79 6.70 9.35 -4.61
CA GLU A 79 7.33 9.73 -3.34
C GLU A 79 7.09 8.63 -2.35
N ALA A 80 5.84 8.21 -2.31
CA ALA A 80 5.35 7.19 -1.43
C ALA A 80 6.13 5.91 -1.61
N MET A 81 6.38 5.55 -2.86
CA MET A 81 7.14 4.35 -3.14
C MET A 81 8.52 4.40 -2.55
N GLU A 82 9.19 5.54 -2.66
CA GLU A 82 10.51 5.71 -2.05
C GLU A 82 10.44 5.55 -0.55
N THR A 83 9.45 6.18 0.06
CA THR A 83 9.23 6.07 1.48
C THR A 83 8.98 4.60 1.85
N LEU A 84 8.16 3.91 1.05
CA LEU A 84 7.88 2.51 1.28
C LEU A 84 9.13 1.67 1.18
N ARG A 85 9.80 1.76 0.02
CA ARG A 85 11.00 0.93 -0.26
C ARG A 85 12.05 1.10 0.81
N ARG A 86 12.20 2.32 1.25
CA ARG A 86 13.17 2.64 2.25
C ARG A 86 12.75 2.16 3.62
N SER A 87 11.56 2.50 4.03
CA SER A 87 11.14 2.20 5.38
C SER A 87 10.75 0.76 5.57
N MET A 88 10.20 0.13 4.54
CA MET A 88 9.74 -1.24 4.68
C MET A 88 10.92 -2.19 4.86
N SER A 89 12.02 -1.86 4.22
CA SER A 89 13.20 -2.65 4.34
C SER A 89 14.08 -2.12 5.46
N THR A 90 14.47 -0.84 5.38
CA THR A 90 15.43 -0.28 6.31
C THR A 90 14.91 -0.22 7.73
N GLU A 91 13.67 0.14 7.88
CA GLU A 91 13.11 0.20 9.20
C GLU A 91 12.41 -1.09 9.56
N GLY A 92 12.09 -1.88 8.53
CA GLY A 92 11.45 -3.17 8.74
C GLY A 92 12.37 -4.14 9.44
N ASN A 93 13.55 -4.35 8.87
CA ASN A 93 14.53 -5.26 9.48
C ASN A 93 15.16 -4.63 10.71
N LYS A 94 14.95 -3.33 10.87
CA LYS A 94 15.42 -2.60 12.01
C LYS A 94 14.55 -2.92 13.22
N ARG A 95 13.25 -2.73 13.06
CA ARG A 95 12.31 -3.01 14.13
C ARG A 95 12.21 -4.51 14.35
N GLY A 96 12.28 -5.26 13.27
CA GLY A 96 12.15 -6.71 13.33
C GLY A 96 10.78 -7.11 12.86
N MET A 97 9.90 -6.16 12.90
CA MET A 97 8.56 -6.30 12.44
C MET A 97 8.14 -4.97 11.87
N ILE A 98 7.36 -5.03 10.87
CA ILE A 98 6.97 -3.89 10.15
C ILE A 98 5.50 -3.59 10.39
N GLN A 99 5.21 -2.36 10.59
CA GLN A 99 3.89 -1.89 10.89
C GLN A 99 3.27 -1.24 9.67
N LEU A 100 2.07 -1.63 9.33
CA LEU A 100 1.41 -1.07 8.16
C LEU A 100 0.08 -0.52 8.58
N ILE A 101 -0.16 0.72 8.29
CA ILE A 101 -1.45 1.31 8.55
C ILE A 101 -2.16 1.45 7.23
N VAL A 102 -3.26 0.78 7.10
CA VAL A 102 -4.03 0.79 5.90
C VAL A 102 -5.46 1.25 6.20
N ALA A 103 -6.11 1.82 5.23
CA ALA A 103 -7.40 2.42 5.44
C ALA A 103 -8.50 1.69 4.70
N ARG A 104 -9.56 1.47 5.41
CA ARG A 104 -10.72 0.79 4.93
C ARG A 104 -11.82 1.78 4.75
N ARG A 105 -12.29 1.88 3.55
CA ARG A 105 -13.37 2.77 3.26
C ARG A 105 -14.66 1.99 3.41
N ILE A 106 -15.59 2.50 4.19
CA ILE A 106 -16.84 1.83 4.33
C ILE A 106 -17.72 2.17 3.15
N SER A 107 -17.69 1.29 2.23
CA SER A 107 -18.41 1.35 1.01
C SER A 107 -18.64 -0.10 0.62
N ARG A 108 -19.65 -0.37 -0.17
CA ARG A 108 -19.95 -1.75 -0.54
C ARG A 108 -18.97 -2.24 -1.60
N CYS A 109 -18.55 -1.32 -2.46
CA CYS A 109 -17.57 -1.64 -3.47
C CYS A 109 -16.18 -1.68 -2.83
N ASN A 110 -15.86 -2.83 -2.31
CA ASN A 110 -14.63 -3.09 -1.62
C ASN A 110 -14.33 -4.57 -1.68
N GLU A 111 -13.07 -4.90 -1.78
CA GLU A 111 -12.67 -6.29 -1.87
C GLU A 111 -11.60 -6.56 -0.82
N MET B 1 -9.40 -7.25 -26.20
CA MET B 1 -8.22 -7.54 -25.38
C MET B 1 -7.38 -6.28 -25.23
N LEU B 2 -7.67 -5.31 -26.04
CA LEU B 2 -6.99 -4.04 -25.99
C LEU B 2 -7.91 -3.01 -25.38
N ALA B 3 -7.33 -1.88 -25.02
CA ALA B 3 -8.05 -0.75 -24.44
C ALA B 3 -8.70 -1.08 -23.10
N GLU B 4 -7.91 -1.01 -22.07
CA GLU B 4 -8.37 -1.19 -20.73
C GLU B 4 -7.96 0.04 -19.99
N LEU B 5 -8.88 0.58 -19.22
CA LEU B 5 -8.72 1.92 -18.61
C LEU B 5 -8.58 2.94 -19.75
N TYR B 6 -8.15 4.13 -19.43
CA TYR B 6 -7.92 5.11 -20.44
C TYR B 6 -6.95 6.11 -19.90
N GLY B 7 -5.79 6.10 -20.46
CA GLY B 7 -4.76 6.94 -19.99
C GLY B 7 -3.43 6.32 -20.30
N SER B 8 -2.42 7.12 -20.45
CA SER B 8 -1.12 6.62 -20.72
C SER B 8 -0.43 6.28 -19.41
N ASP B 9 -0.67 5.08 -18.93
CA ASP B 9 -0.16 4.63 -17.68
C ASP B 9 0.33 3.22 -17.84
N PRO B 10 1.51 2.91 -17.32
CA PRO B 10 2.02 1.55 -17.31
C PRO B 10 1.65 0.84 -16.00
N GLN B 11 0.80 1.53 -15.22
CA GLN B 11 0.41 1.12 -13.87
C GLN B 11 1.63 1.02 -12.98
N GLU B 12 1.94 2.08 -12.27
CA GLU B 12 3.08 2.08 -11.39
C GLU B 12 2.83 1.24 -10.15
N GLU B 13 3.42 0.09 -10.17
CA GLU B 13 3.28 -0.92 -9.15
C GLU B 13 4.56 -0.98 -8.33
N LEU B 14 4.43 -1.35 -7.10
CA LEU B 14 5.53 -1.52 -6.22
C LEU B 14 5.24 -2.77 -5.40
N ILE B 15 6.17 -3.67 -5.30
CA ILE B 15 5.94 -4.89 -4.55
C ILE B 15 6.73 -4.86 -3.26
N ILE B 16 6.07 -5.06 -2.18
CA ILE B 16 6.72 -5.10 -0.92
C ILE B 16 6.63 -6.50 -0.36
N GLY A 1 -15.43 11.75 15.58
CA GLY A 1 -14.86 10.99 14.47
C GLY A 1 -15.82 10.94 13.32
N SER A 2 -15.35 11.30 12.16
CA SER A 2 -16.16 11.33 10.97
C SER A 2 -15.36 10.82 9.79
N ASP A 3 -15.99 10.81 8.61
CA ASP A 3 -15.35 10.39 7.35
C ASP A 3 -15.05 8.91 7.39
N GLY A 4 -15.80 8.21 8.22
CA GLY A 4 -15.65 6.78 8.41
C GLY A 4 -16.25 5.96 7.28
N THR A 5 -15.98 6.39 6.07
CA THR A 5 -16.34 5.65 4.88
C THR A 5 -15.24 4.62 4.68
N ARG A 6 -14.13 4.89 5.34
CA ARG A 6 -12.99 4.05 5.36
C ARG A 6 -12.37 4.15 6.74
N GLU A 7 -11.93 3.05 7.27
CA GLU A 7 -11.35 3.01 8.60
C GLU A 7 -9.89 2.75 8.50
N PHE A 8 -9.17 3.15 9.50
CA PHE A 8 -7.78 2.88 9.58
C PHE A 8 -7.57 1.68 10.42
N LEU A 9 -6.95 0.70 9.85
CA LEU A 9 -6.66 -0.49 10.58
C LEU A 9 -5.20 -0.72 10.52
N THR A 10 -4.68 -1.24 11.53
CA THR A 10 -3.28 -1.43 11.61
C THR A 10 -2.96 -2.91 11.56
N PHE A 11 -2.18 -3.30 10.59
CA PHE A 11 -1.74 -4.65 10.46
C PHE A 11 -0.27 -4.75 10.76
N GLU A 12 0.10 -5.75 11.48
CA GLU A 12 1.47 -5.94 11.88
C GLU A 12 2.06 -7.10 11.15
N VAL A 13 3.18 -6.89 10.53
CA VAL A 13 3.81 -7.95 9.79
C VAL A 13 5.26 -8.07 10.22
N PRO A 14 5.66 -9.18 10.80
CA PRO A 14 7.02 -9.36 11.23
C PRO A 14 7.91 -9.82 10.08
N LEU A 15 9.16 -9.43 10.13
CA LEU A 15 10.11 -9.80 9.10
C LEU A 15 10.58 -11.21 9.27
N ASN A 16 9.69 -12.12 8.95
CA ASN A 16 9.99 -13.55 8.96
C ASN A 16 9.78 -14.09 7.57
N ASP A 17 8.51 -14.25 7.18
CA ASP A 17 8.17 -14.62 5.80
C ASP A 17 8.08 -13.36 4.99
N SER A 18 8.24 -12.30 5.69
CA SER A 18 8.36 -11.00 5.16
C SER A 18 9.83 -10.75 5.24
N GLY A 19 10.35 -10.44 4.15
CA GLY A 19 11.75 -10.30 3.99
C GLY A 19 12.19 -11.31 2.98
N SER A 20 11.32 -12.30 2.78
CA SER A 20 11.52 -13.31 1.78
C SER A 20 11.35 -12.67 0.41
N ALA A 21 10.60 -11.59 0.41
CA ALA A 21 10.50 -10.70 -0.74
C ALA A 21 10.59 -9.29 -0.18
N GLY A 22 9.60 -8.96 0.54
CA GLY A 22 9.54 -7.74 1.28
C GLY A 22 8.56 -7.97 2.36
N LEU A 23 7.32 -8.03 1.97
CA LEU A 23 6.21 -8.44 2.82
C LEU A 23 5.48 -9.55 2.15
N GLY A 24 5.34 -9.36 0.87
CA GLY A 24 4.65 -10.26 0.06
C GLY A 24 3.30 -9.67 -0.27
N VAL A 25 3.31 -8.44 -0.69
CA VAL A 25 2.12 -7.77 -1.14
C VAL A 25 2.49 -7.00 -2.39
N SER A 26 1.55 -6.77 -3.22
CA SER A 26 1.77 -5.93 -4.32
C SER A 26 0.88 -4.73 -4.17
N VAL A 27 1.42 -3.58 -4.41
CA VAL A 27 0.68 -2.36 -4.37
C VAL A 27 0.82 -1.61 -5.66
N LYS A 28 -0.03 -0.66 -5.84
CA LYS A 28 -0.01 0.19 -7.01
C LYS A 28 -0.54 1.56 -6.68
N GLY A 29 -0.10 2.55 -7.39
CA GLY A 29 -0.55 3.88 -7.13
C GLY A 29 -1.50 4.38 -8.17
N ASN A 30 -2.57 4.99 -7.74
CA ASN A 30 -3.58 5.49 -8.65
C ASN A 30 -3.60 7.00 -8.59
N ARG A 31 -3.84 7.63 -9.70
CA ARG A 31 -3.87 9.05 -9.78
C ARG A 31 -5.07 9.51 -10.56
N SER A 32 -5.82 10.41 -9.99
CA SER A 32 -6.95 11.00 -10.66
C SER A 32 -6.44 12.06 -11.65
N LYS A 33 -6.80 11.91 -12.91
CA LYS A 33 -6.30 12.79 -13.96
C LYS A 33 -7.07 14.12 -14.01
N GLU A 34 -8.38 14.05 -13.94
CA GLU A 34 -9.24 15.23 -14.02
C GLU A 34 -9.05 16.03 -12.72
N ASN A 35 -9.04 15.31 -11.61
CA ASN A 35 -8.79 15.89 -10.29
C ASN A 35 -7.33 16.38 -10.24
N HIS A 36 -6.50 15.71 -11.05
CA HIS A 36 -5.07 16.03 -11.28
C HIS A 36 -4.22 15.75 -10.01
N ALA A 37 -4.79 15.00 -9.10
CA ALA A 37 -4.17 14.67 -7.84
C ALA A 37 -4.17 13.17 -7.68
N ASP A 38 -3.19 12.62 -7.01
CA ASP A 38 -3.13 11.19 -6.88
C ASP A 38 -3.90 10.71 -5.69
N LEU A 39 -4.34 9.49 -5.75
CA LEU A 39 -5.15 8.90 -4.71
C LEU A 39 -4.29 8.14 -3.73
N GLY A 40 -3.03 8.03 -4.03
CA GLY A 40 -2.13 7.33 -3.16
C GLY A 40 -1.78 5.95 -3.67
N ILE A 41 -1.41 5.07 -2.74
CA ILE A 41 -0.98 3.72 -3.05
C ILE A 41 -1.99 2.72 -2.50
N PHE A 42 -2.46 1.85 -3.34
CA PHE A 42 -3.46 0.87 -2.97
C PHE A 42 -2.92 -0.53 -3.16
N VAL A 43 -3.39 -1.44 -2.34
CA VAL A 43 -3.03 -2.85 -2.48
C VAL A 43 -3.69 -3.42 -3.73
N LYS A 44 -2.99 -4.23 -4.45
CA LYS A 44 -3.54 -4.86 -5.63
C LYS A 44 -3.63 -6.38 -5.46
N SER A 45 -2.60 -6.97 -4.90
CA SER A 45 -2.59 -8.39 -4.72
C SER A 45 -1.78 -8.73 -3.48
N ILE A 46 -2.26 -9.67 -2.70
CA ILE A 46 -1.53 -10.14 -1.56
C ILE A 46 -0.82 -11.42 -1.95
N ILE A 47 0.45 -11.48 -1.70
CA ILE A 47 1.25 -12.63 -2.07
C ILE A 47 1.20 -13.65 -0.95
N ASN A 48 0.60 -14.77 -1.23
CA ASN A 48 0.51 -15.84 -0.27
C ASN A 48 1.87 -16.46 -0.06
N GLY A 49 2.29 -16.49 1.17
CA GLY A 49 3.59 -17.01 1.48
C GLY A 49 4.39 -16.02 2.27
N GLY A 50 4.02 -14.76 2.14
CA GLY A 50 4.67 -13.72 2.90
C GLY A 50 3.99 -13.55 4.24
N ALA A 51 4.64 -12.89 5.15
CA ALA A 51 4.05 -12.70 6.47
C ALA A 51 2.85 -11.78 6.41
N ALA A 52 2.87 -10.88 5.44
CA ALA A 52 1.78 -9.97 5.22
C ALA A 52 0.55 -10.70 4.77
N SER A 53 0.73 -11.86 4.20
CA SER A 53 -0.44 -12.61 3.80
C SER A 53 -1.14 -13.18 5.03
N LYS A 54 -0.38 -13.88 5.87
CA LYS A 54 -0.95 -14.48 7.06
C LYS A 54 -1.24 -13.48 8.22
N ASP A 55 -0.27 -12.65 8.57
CA ASP A 55 -0.47 -11.61 9.61
C ASP A 55 -1.18 -10.40 9.09
N GLY A 56 -0.84 -10.00 7.88
CA GLY A 56 -1.37 -8.78 7.33
C GLY A 56 -2.85 -8.84 7.05
N ARG A 57 -3.33 -9.96 6.47
CA ARG A 57 -4.80 -10.17 6.23
C ARG A 57 -5.38 -9.03 5.38
N LEU A 58 -4.54 -8.43 4.55
CA LEU A 58 -4.90 -7.31 3.68
C LEU A 58 -6.07 -7.62 2.71
N ARG A 59 -6.67 -6.56 2.19
CA ARG A 59 -7.95 -6.63 1.49
C ARG A 59 -7.91 -6.64 -0.05
N VAL A 60 -7.07 -5.80 -0.61
CA VAL A 60 -6.98 -5.46 -2.04
C VAL A 60 -7.80 -4.19 -2.31
N ASN A 61 -7.16 -3.24 -2.97
CA ASN A 61 -7.70 -1.92 -3.32
C ASN A 61 -7.78 -1.06 -2.05
N ASP A 62 -7.14 -1.51 -1.00
CA ASP A 62 -7.09 -0.77 0.21
C ASP A 62 -5.88 0.16 0.20
N GLN A 63 -6.07 1.30 0.79
CA GLN A 63 -5.12 2.41 0.72
C GLN A 63 -4.06 2.34 1.81
N LEU A 64 -2.81 2.41 1.41
CA LEU A 64 -1.69 2.41 2.33
C LEU A 64 -1.47 3.79 2.92
N ILE A 65 -1.60 3.89 4.20
CA ILE A 65 -1.56 5.14 4.90
C ILE A 65 -0.21 5.37 5.54
N ALA A 66 0.20 4.47 6.38
CA ALA A 66 1.45 4.61 7.08
C ALA A 66 2.20 3.30 7.09
N VAL A 67 3.51 3.36 7.09
CA VAL A 67 4.33 2.19 7.02
C VAL A 67 5.49 2.28 8.03
N ASN A 68 5.68 1.21 8.79
CA ASN A 68 6.75 1.09 9.82
C ASN A 68 6.58 2.10 10.93
N GLY A 69 5.42 2.71 10.99
CA GLY A 69 5.16 3.70 12.00
C GLY A 69 5.40 5.09 11.47
N GLU A 70 5.82 5.18 10.22
CA GLU A 70 6.08 6.42 9.59
C GLU A 70 4.93 6.75 8.63
N SER A 71 4.47 7.96 8.68
CA SER A 71 3.35 8.39 7.89
C SER A 71 3.82 8.95 6.55
N LEU A 72 3.06 8.67 5.50
CA LEU A 72 3.38 9.17 4.18
C LEU A 72 2.18 9.73 3.49
N LEU A 73 1.07 9.82 4.20
CA LEU A 73 -0.13 10.38 3.62
C LEU A 73 0.10 11.86 3.44
N GLY A 74 0.40 12.24 2.22
CA GLY A 74 0.60 13.63 1.90
C GLY A 74 1.47 13.80 0.69
N LYS A 75 2.31 12.81 0.44
CA LYS A 75 3.20 12.84 -0.70
C LYS A 75 2.58 12.10 -1.88
N ALA A 76 3.20 12.21 -3.04
CA ALA A 76 2.67 11.64 -4.28
C ALA A 76 2.97 10.15 -4.42
N ASN A 77 2.38 9.52 -5.46
CA ASN A 77 2.56 8.05 -5.76
C ASN A 77 4.03 7.70 -5.78
N GLN A 78 4.78 8.51 -6.50
CA GLN A 78 6.21 8.32 -6.74
C GLN A 78 7.00 8.38 -5.44
N GLU A 79 6.67 9.38 -4.65
CA GLU A 79 7.35 9.63 -3.40
C GLU A 79 7.02 8.55 -2.40
N ALA A 80 5.75 8.14 -2.41
CA ALA A 80 5.24 7.14 -1.52
C ALA A 80 5.98 5.84 -1.66
N MET A 81 6.19 5.40 -2.90
CA MET A 81 6.92 4.16 -3.12
C MET A 81 8.36 4.25 -2.67
N GLU A 82 8.97 5.43 -2.83
CA GLU A 82 10.33 5.63 -2.34
C GLU A 82 10.34 5.47 -0.83
N THR A 83 9.35 6.08 -0.18
CA THR A 83 9.22 6.00 1.25
C THR A 83 8.96 4.55 1.68
N LEU A 84 8.00 3.88 1.01
CA LEU A 84 7.65 2.51 1.33
C LEU A 84 8.84 1.59 1.27
N ARG A 85 9.52 1.57 0.12
CA ARG A 85 10.64 0.65 -0.09
C ARG A 85 11.77 0.93 0.90
N ARG A 86 11.93 2.16 1.24
CA ARG A 86 12.98 2.57 2.14
C ARG A 86 12.63 2.23 3.58
N SER A 87 11.42 2.52 3.99
CA SER A 87 11.05 2.27 5.35
C SER A 87 10.92 0.78 5.60
N MET A 88 10.46 0.05 4.62
CA MET A 88 10.28 -1.38 4.77
C MET A 88 11.63 -2.09 4.83
N SER A 89 12.61 -1.50 4.20
CA SER A 89 13.94 -2.06 4.17
C SER A 89 14.72 -1.56 5.38
N THR A 90 14.79 -0.25 5.54
CA THR A 90 15.57 0.37 6.58
C THR A 90 14.95 0.16 7.97
N GLU A 91 13.70 0.53 8.11
CA GLU A 91 13.02 0.41 9.41
C GLU A 91 12.52 -1.01 9.61
N GLY A 92 12.20 -1.69 8.52
CA GLY A 92 11.68 -3.05 8.59
C GLY A 92 12.64 -4.00 9.28
N ASN A 93 13.84 -4.10 8.74
CA ASN A 93 14.86 -5.00 9.30
C ASN A 93 15.30 -4.49 10.67
N LYS A 94 15.12 -3.21 10.92
CA LYS A 94 15.49 -2.59 12.17
C LYS A 94 14.54 -3.00 13.30
N ARG A 95 13.25 -2.90 13.04
CA ARG A 95 12.25 -3.18 14.08
C ARG A 95 11.98 -4.66 14.19
N GLY A 96 12.30 -5.38 13.13
CA GLY A 96 12.05 -6.82 13.09
C GLY A 96 10.65 -7.09 12.60
N MET A 97 9.88 -6.04 12.52
CA MET A 97 8.53 -6.08 12.05
C MET A 97 8.19 -4.80 11.37
N ILE A 98 7.32 -4.88 10.45
CA ILE A 98 6.85 -3.76 9.75
C ILE A 98 5.40 -3.55 10.14
N GLN A 99 5.06 -2.33 10.41
CA GLN A 99 3.75 -1.98 10.88
C GLN A 99 3.03 -1.30 9.71
N LEU A 100 1.83 -1.70 9.39
CA LEU A 100 1.14 -1.11 8.25
C LEU A 100 -0.20 -0.55 8.65
N ILE A 101 -0.43 0.70 8.37
CA ILE A 101 -1.74 1.27 8.57
C ILE A 101 -2.35 1.47 7.22
N VAL A 102 -3.47 0.87 7.01
CA VAL A 102 -4.18 0.98 5.76
C VAL A 102 -5.58 1.51 6.02
N ALA A 103 -6.18 2.01 4.99
CA ALA A 103 -7.52 2.50 5.08
C ALA A 103 -8.41 1.56 4.30
N ARG A 104 -9.41 1.06 4.97
CA ARG A 104 -10.28 0.05 4.40
C ARG A 104 -11.71 0.55 4.34
N ARG A 105 -12.37 0.30 3.24
CA ARG A 105 -13.71 0.83 2.98
C ARG A 105 -14.76 0.14 3.85
N ILE A 106 -15.74 0.91 4.27
CA ILE A 106 -16.88 0.37 4.97
C ILE A 106 -17.92 -0.03 3.95
N SER A 107 -17.61 -1.12 3.32
CA SER A 107 -18.42 -1.75 2.34
C SER A 107 -17.89 -3.14 2.20
N ARG A 108 -18.76 -4.09 2.25
CA ARG A 108 -18.39 -5.45 2.10
C ARG A 108 -18.34 -5.73 0.61
N CYS A 109 -17.16 -5.64 0.07
CA CYS A 109 -16.96 -5.70 -1.33
C CYS A 109 -16.57 -7.08 -1.82
N ASN A 110 -17.23 -7.51 -2.87
CA ASN A 110 -16.92 -8.75 -3.52
C ASN A 110 -16.00 -8.43 -4.66
N GLU A 111 -14.70 -8.59 -4.44
CA GLU A 111 -13.65 -8.23 -5.41
C GLU A 111 -13.61 -6.72 -5.66
N MET B 1 -13.63 11.59 -34.00
CA MET B 1 -13.03 12.21 -32.83
C MET B 1 -11.77 11.44 -32.46
N LEU B 2 -10.73 12.17 -32.08
CA LEU B 2 -9.49 11.54 -31.73
C LEU B 2 -8.92 12.06 -30.42
N ALA B 3 -9.37 11.47 -29.35
CA ALA B 3 -8.86 11.78 -28.04
C ALA B 3 -7.70 10.83 -27.77
N GLU B 4 -7.96 9.55 -27.99
CA GLU B 4 -7.00 8.45 -27.84
C GLU B 4 -6.52 8.26 -26.40
N LEU B 5 -6.70 7.03 -25.91
CA LEU B 5 -6.34 6.63 -24.56
C LEU B 5 -7.23 7.31 -23.51
N TYR B 6 -6.99 6.97 -22.29
CA TYR B 6 -7.66 7.56 -21.20
C TYR B 6 -6.76 8.63 -20.65
N GLY B 7 -5.51 8.27 -20.53
CA GLY B 7 -4.52 9.17 -20.09
C GLY B 7 -3.24 8.45 -19.87
N SER B 8 -2.17 9.17 -19.82
CA SER B 8 -0.90 8.57 -19.64
C SER B 8 -0.44 8.61 -18.19
N ASP B 9 -0.86 7.61 -17.44
CA ASP B 9 -0.44 7.44 -16.06
C ASP B 9 0.94 6.86 -16.04
N PRO B 10 1.75 7.16 -15.01
CA PRO B 10 3.04 6.50 -14.83
C PRO B 10 2.82 5.01 -14.58
N GLN B 11 1.67 4.74 -13.94
CA GLN B 11 1.18 3.41 -13.59
C GLN B 11 2.23 2.62 -12.85
N GLU B 12 2.30 2.81 -11.57
CA GLU B 12 3.29 2.16 -10.80
C GLU B 12 2.75 1.10 -9.94
N GLU B 13 3.29 -0.05 -10.14
CA GLU B 13 3.01 -1.21 -9.34
C GLU B 13 4.28 -1.60 -8.66
N LEU B 14 4.19 -1.82 -7.39
CA LEU B 14 5.30 -2.15 -6.60
C LEU B 14 5.02 -3.37 -5.78
N ILE B 15 5.89 -4.32 -5.83
CA ILE B 15 5.79 -5.49 -5.00
C ILE B 15 6.62 -5.30 -3.75
N ILE B 16 5.97 -5.39 -2.63
CA ILE B 16 6.60 -5.28 -1.38
C ILE B 16 6.49 -6.61 -0.67
N GLY A 1 -15.05 8.19 16.68
CA GLY A 1 -14.15 9.30 16.45
C GLY A 1 -13.44 9.16 15.13
N SER A 2 -12.73 10.23 14.73
CA SER A 2 -11.99 10.27 13.46
C SER A 2 -12.94 10.24 12.26
N ASP A 3 -12.38 10.27 11.06
CA ASP A 3 -13.17 10.14 9.85
C ASP A 3 -13.76 8.76 9.74
N GLY A 4 -15.05 8.69 9.54
CA GLY A 4 -15.74 7.45 9.44
C GLY A 4 -16.12 7.12 8.01
N THR A 5 -15.35 7.59 7.07
CA THR A 5 -15.59 7.29 5.69
C THR A 5 -14.76 6.05 5.37
N ARG A 6 -13.48 6.18 5.55
CA ARG A 6 -12.58 5.09 5.40
C ARG A 6 -11.85 4.94 6.71
N GLU A 7 -11.64 3.74 7.15
CA GLU A 7 -11.06 3.58 8.46
C GLU A 7 -9.66 3.04 8.37
N PHE A 8 -8.83 3.49 9.27
CA PHE A 8 -7.46 3.08 9.32
C PHE A 8 -7.33 1.90 10.22
N LEU A 9 -6.72 0.88 9.73
CA LEU A 9 -6.45 -0.29 10.49
C LEU A 9 -4.99 -0.59 10.40
N THR A 10 -4.41 -0.82 11.50
CA THR A 10 -2.99 -1.02 11.58
C THR A 10 -2.66 -2.50 11.70
N PHE A 11 -1.85 -2.96 10.79
CA PHE A 11 -1.39 -4.33 10.80
C PHE A 11 0.11 -4.36 10.94
N GLU A 12 0.59 -5.13 11.86
CA GLU A 12 2.01 -5.28 12.05
C GLU A 12 2.47 -6.61 11.55
N VAL A 13 3.56 -6.59 10.85
CA VAL A 13 4.06 -7.75 10.18
C VAL A 13 5.48 -7.97 10.62
N PRO A 14 5.78 -9.07 11.25
CA PRO A 14 7.13 -9.39 11.56
C PRO A 14 7.80 -9.95 10.32
N LEU A 15 9.07 -9.70 10.16
CA LEU A 15 9.78 -10.19 9.01
C LEU A 15 10.10 -11.64 9.21
N ASN A 16 9.12 -12.44 8.95
CA ASN A 16 9.24 -13.88 9.12
C ASN A 16 8.94 -14.60 7.84
N ASP A 17 9.93 -15.35 7.35
CA ASP A 17 9.83 -16.24 6.14
C ASP A 17 9.76 -15.43 4.87
N SER A 18 9.54 -14.16 5.02
CA SER A 18 9.47 -13.26 3.96
C SER A 18 10.86 -12.87 3.55
N GLY A 19 11.28 -13.46 2.49
CA GLY A 19 12.57 -13.20 1.93
C GLY A 19 12.43 -12.94 0.46
N SER A 20 11.56 -13.73 -0.16
CA SER A 20 11.27 -13.60 -1.57
C SER A 20 10.43 -12.35 -1.79
N ALA A 21 9.80 -11.93 -0.76
CA ALA A 21 9.06 -10.76 -0.73
C ALA A 21 9.29 -10.17 0.61
N GLY A 22 9.17 -8.90 0.71
CA GLY A 22 9.39 -8.24 1.96
C GLY A 22 8.21 -8.41 2.84
N LEU A 23 7.07 -8.10 2.32
CA LEU A 23 5.83 -8.29 3.04
C LEU A 23 5.04 -9.34 2.32
N GLY A 24 5.16 -9.30 1.02
CA GLY A 24 4.47 -10.19 0.18
C GLY A 24 3.16 -9.64 -0.21
N VAL A 25 3.19 -8.43 -0.71
CA VAL A 25 2.04 -7.81 -1.24
C VAL A 25 2.48 -7.06 -2.47
N SER A 26 1.62 -6.89 -3.41
CA SER A 26 1.92 -6.07 -4.53
C SER A 26 1.04 -4.87 -4.44
N VAL A 27 1.61 -3.74 -4.60
CA VAL A 27 0.89 -2.53 -4.57
C VAL A 27 1.09 -1.72 -5.80
N LYS A 28 0.24 -0.78 -5.99
CA LYS A 28 0.31 0.13 -7.07
C LYS A 28 -0.26 1.45 -6.67
N GLY A 29 0.19 2.48 -7.28
CA GLY A 29 -0.28 3.77 -6.94
C GLY A 29 -1.05 4.37 -8.06
N ASN A 30 -2.26 4.72 -7.77
CA ASN A 30 -3.13 5.29 -8.76
C ASN A 30 -3.08 6.77 -8.73
N ARG A 31 -3.07 7.35 -9.87
CA ARG A 31 -3.13 8.75 -10.00
C ARG A 31 -4.18 9.07 -10.99
N SER A 32 -5.11 9.89 -10.59
CA SER A 32 -6.18 10.25 -11.46
C SER A 32 -5.65 11.05 -12.61
N LYS A 33 -5.93 10.64 -13.79
CA LYS A 33 -5.54 11.40 -14.94
C LYS A 33 -6.52 12.54 -15.06
N GLU A 34 -7.78 12.20 -14.82
CA GLU A 34 -8.89 13.11 -14.86
C GLU A 34 -8.71 14.26 -13.87
N ASN A 35 -8.43 13.91 -12.61
CA ASN A 35 -8.32 14.91 -11.53
C ASN A 35 -6.87 15.45 -11.46
N HIS A 36 -5.90 14.63 -11.90
CA HIS A 36 -4.44 14.96 -11.89
C HIS A 36 -3.83 14.82 -10.52
N ALA A 37 -4.61 14.35 -9.58
CA ALA A 37 -4.16 14.14 -8.24
C ALA A 37 -3.94 12.65 -8.02
N ASP A 38 -3.02 12.30 -7.19
CA ASP A 38 -2.81 10.93 -6.95
C ASP A 38 -3.73 10.45 -5.87
N LEU A 39 -4.21 9.26 -6.06
CA LEU A 39 -5.19 8.68 -5.16
C LEU A 39 -4.49 7.96 -4.03
N GLY A 40 -3.20 7.75 -4.22
CA GLY A 40 -2.41 7.07 -3.22
C GLY A 40 -1.99 5.67 -3.65
N ILE A 41 -1.49 4.90 -2.70
CA ILE A 41 -1.00 3.53 -2.94
C ILE A 41 -2.06 2.52 -2.56
N PHE A 42 -2.33 1.59 -3.43
CA PHE A 42 -3.35 0.60 -3.21
C PHE A 42 -2.80 -0.79 -3.48
N VAL A 43 -3.24 -1.74 -2.72
CA VAL A 43 -2.90 -3.13 -2.94
C VAL A 43 -3.49 -3.63 -4.27
N LYS A 44 -2.69 -4.27 -5.07
CA LYS A 44 -3.17 -4.82 -6.32
C LYS A 44 -3.30 -6.34 -6.24
N SER A 45 -2.38 -6.97 -5.54
CA SER A 45 -2.40 -8.40 -5.39
C SER A 45 -1.80 -8.79 -4.05
N ILE A 46 -2.45 -9.70 -3.36
CA ILE A 46 -1.94 -10.22 -2.13
C ILE A 46 -1.06 -11.41 -2.44
N ILE A 47 0.15 -11.37 -1.97
CA ILE A 47 1.07 -12.45 -2.24
C ILE A 47 1.01 -13.47 -1.13
N ASN A 48 0.55 -14.63 -1.46
CA ASN A 48 0.46 -15.70 -0.52
C ASN A 48 1.84 -16.27 -0.34
N GLY A 49 2.35 -16.11 0.84
CA GLY A 49 3.68 -16.52 1.14
C GLY A 49 4.37 -15.51 2.02
N GLY A 50 3.88 -14.28 1.98
CA GLY A 50 4.44 -13.24 2.78
C GLY A 50 3.80 -13.16 4.15
N ALA A 51 4.51 -12.62 5.09
CA ALA A 51 4.03 -12.49 6.45
C ALA A 51 2.88 -11.50 6.56
N ALA A 52 2.91 -10.46 5.74
CA ALA A 52 1.86 -9.44 5.75
C ALA A 52 0.55 -10.04 5.36
N SER A 53 0.63 -11.08 4.60
CA SER A 53 -0.53 -11.74 4.15
C SER A 53 -1.15 -12.55 5.29
N LYS A 54 -0.36 -13.43 5.89
CA LYS A 54 -0.88 -14.27 6.97
C LYS A 54 -1.08 -13.57 8.33
N ASP A 55 -0.22 -12.63 8.67
CA ASP A 55 -0.36 -11.87 9.91
C ASP A 55 -1.42 -10.80 9.81
N GLY A 56 -1.37 -10.03 8.74
CA GLY A 56 -2.24 -8.89 8.62
C GLY A 56 -3.58 -9.17 8.00
N ARG A 57 -3.59 -9.97 6.91
CA ARG A 57 -4.83 -10.24 6.13
C ARG A 57 -5.39 -8.92 5.55
N LEU A 58 -4.85 -8.50 4.42
CA LEU A 58 -5.28 -7.24 3.79
C LEU A 58 -6.21 -7.48 2.62
N ARG A 59 -6.67 -6.40 2.02
CA ARG A 59 -7.63 -6.52 0.92
C ARG A 59 -6.97 -6.06 -0.34
N VAL A 60 -7.64 -6.28 -1.42
CA VAL A 60 -7.22 -5.76 -2.69
C VAL A 60 -7.79 -4.34 -2.82
N ASN A 61 -7.02 -3.46 -3.41
CA ASN A 61 -7.35 -2.03 -3.62
C ASN A 61 -7.38 -1.30 -2.26
N ASP A 62 -6.74 -1.93 -1.29
CA ASP A 62 -6.63 -1.40 0.07
C ASP A 62 -5.68 -0.20 0.01
N GLN A 63 -6.03 0.84 0.71
CA GLN A 63 -5.31 2.09 0.70
C GLN A 63 -4.17 2.09 1.72
N LEU A 64 -2.95 2.13 1.25
CA LEU A 64 -1.81 2.18 2.13
C LEU A 64 -1.59 3.61 2.60
N ILE A 65 -1.62 3.79 3.91
CA ILE A 65 -1.54 5.10 4.52
C ILE A 65 -0.15 5.39 5.07
N ALA A 66 0.29 4.58 5.98
CA ALA A 66 1.55 4.81 6.64
C ALA A 66 2.31 3.51 6.81
N VAL A 67 3.60 3.61 6.96
CA VAL A 67 4.44 2.44 7.12
C VAL A 67 5.50 2.70 8.20
N ASN A 68 5.63 1.75 9.12
CA ASN A 68 6.57 1.85 10.27
C ASN A 68 6.41 3.13 11.08
N GLY A 69 5.20 3.65 11.09
CA GLY A 69 4.93 4.87 11.82
C GLY A 69 5.15 6.13 10.99
N GLU A 70 5.73 5.97 9.82
CA GLU A 70 6.02 7.10 8.95
C GLU A 70 4.76 7.35 8.13
N SER A 71 4.32 8.58 8.08
CA SER A 71 3.09 8.91 7.42
C SER A 71 3.34 9.24 5.95
N LEU A 72 2.86 8.39 5.08
CA LEU A 72 2.98 8.60 3.65
C LEU A 72 1.76 9.29 3.14
N LEU A 73 0.71 9.23 3.92
CA LEU A 73 -0.53 9.85 3.57
C LEU A 73 -0.38 11.35 3.70
N GLY A 74 -0.08 11.95 2.60
CA GLY A 74 0.12 13.37 2.53
C GLY A 74 1.00 13.68 1.38
N LYS A 75 2.01 12.86 1.23
CA LYS A 75 2.87 12.93 0.10
C LYS A 75 2.32 12.10 -1.02
N ALA A 76 2.85 12.28 -2.19
CA ALA A 76 2.30 11.64 -3.38
C ALA A 76 2.67 10.18 -3.44
N ASN A 77 1.92 9.42 -4.22
CA ASN A 77 2.17 8.00 -4.43
C ASN A 77 3.62 7.67 -4.75
N GLN A 78 4.22 8.42 -5.68
CA GLN A 78 5.62 8.24 -6.05
C GLN A 78 6.53 8.35 -4.83
N GLU A 79 6.29 9.39 -4.04
CA GLU A 79 7.05 9.66 -2.82
C GLU A 79 6.81 8.54 -1.84
N ALA A 80 5.55 8.14 -1.75
CA ALA A 80 5.11 7.10 -0.87
C ALA A 80 5.84 5.80 -1.16
N MET A 81 5.86 5.40 -2.42
CA MET A 81 6.50 4.13 -2.82
C MET A 81 7.96 4.14 -2.49
N GLU A 82 8.63 5.26 -2.74
CA GLU A 82 10.03 5.38 -2.43
C GLU A 82 10.26 5.35 -0.91
N THR A 83 9.38 6.03 -0.18
CA THR A 83 9.46 6.04 1.26
C THR A 83 9.16 4.63 1.81
N LEU A 84 8.21 3.97 1.18
CA LEU A 84 7.79 2.62 1.53
C LEU A 84 8.95 1.64 1.41
N ARG A 85 9.60 1.65 0.25
CA ARG A 85 10.75 0.78 0.00
C ARG A 85 11.83 0.99 1.05
N ARG A 86 12.16 2.24 1.28
CA ARG A 86 13.19 2.60 2.24
C ARG A 86 12.78 2.27 3.67
N SER A 87 11.55 2.55 4.02
CA SER A 87 11.11 2.32 5.38
C SER A 87 10.98 0.85 5.68
N MET A 88 10.65 0.04 4.69
CA MET A 88 10.53 -1.37 4.95
C MET A 88 11.91 -2.02 5.01
N SER A 89 12.82 -1.53 4.19
CA SER A 89 14.18 -2.04 4.16
C SER A 89 14.97 -1.51 5.37
N THR A 90 14.90 -0.22 5.61
CA THR A 90 15.63 0.39 6.69
C THR A 90 15.00 0.11 8.04
N GLU A 91 13.73 0.33 8.17
CA GLU A 91 13.09 0.09 9.45
C GLU A 91 12.63 -1.33 9.60
N GLY A 92 11.81 -1.80 8.67
CA GLY A 92 11.21 -3.13 8.77
C GLY A 92 12.22 -4.25 9.01
N ASN A 93 13.17 -4.40 8.10
CA ASN A 93 14.16 -5.49 8.18
C ASN A 93 15.16 -5.33 9.32
N LYS A 94 15.10 -4.23 10.02
CA LYS A 94 16.03 -3.99 11.10
C LYS A 94 15.35 -3.95 12.45
N ARG A 95 14.08 -3.56 12.46
CA ARG A 95 13.28 -3.61 13.67
C ARG A 95 12.88 -5.05 13.93
N GLY A 96 12.79 -5.81 12.85
CA GLY A 96 12.36 -7.19 12.94
C GLY A 96 10.91 -7.31 12.56
N MET A 97 10.21 -6.21 12.63
CA MET A 97 8.82 -6.14 12.28
C MET A 97 8.52 -4.79 11.69
N ILE A 98 7.53 -4.77 10.88
CA ILE A 98 7.10 -3.61 10.19
C ILE A 98 5.62 -3.32 10.53
N GLN A 99 5.29 -2.07 10.61
CA GLN A 99 3.94 -1.65 10.92
C GLN A 99 3.29 -1.02 9.68
N LEU A 100 2.11 -1.46 9.33
CA LEU A 100 1.43 -0.93 8.15
C LEU A 100 0.09 -0.37 8.55
N ILE A 101 -0.17 0.84 8.15
CA ILE A 101 -1.45 1.44 8.40
C ILE A 101 -2.17 1.51 7.06
N VAL A 102 -3.27 0.84 6.96
CA VAL A 102 -4.04 0.82 5.73
C VAL A 102 -5.45 1.30 5.99
N ALA A 103 -6.12 1.74 4.97
CA ALA A 103 -7.43 2.28 5.06
C ALA A 103 -8.38 1.56 4.15
N ARG A 104 -9.45 1.06 4.70
CA ARG A 104 -10.42 0.38 3.90
C ARG A 104 -11.66 1.23 3.83
N ARG A 105 -12.48 0.99 2.85
CA ARG A 105 -13.76 1.65 2.78
C ARG A 105 -14.74 0.93 3.66
N ILE A 106 -15.34 1.64 4.58
CA ILE A 106 -16.35 1.08 5.47
C ILE A 106 -17.55 0.69 4.64
N SER A 107 -17.85 1.53 3.71
CA SER A 107 -18.91 1.30 2.79
C SER A 107 -18.30 0.82 1.48
N ARG A 108 -18.17 -0.47 1.36
CA ARG A 108 -17.56 -1.06 0.20
C ARG A 108 -18.66 -1.50 -0.74
N CYS A 109 -18.90 -0.72 -1.75
CA CYS A 109 -19.97 -0.97 -2.68
C CYS A 109 -19.55 -2.02 -3.69
N ASN A 110 -20.25 -3.12 -3.72
CA ASN A 110 -19.99 -4.14 -4.70
C ASN A 110 -20.70 -3.78 -5.97
N GLU A 111 -19.98 -3.17 -6.86
CA GLU A 111 -20.52 -2.67 -8.11
C GLU A 111 -20.03 -3.54 -9.26
N MET B 1 -9.56 -2.39 -34.34
CA MET B 1 -9.90 -1.09 -33.81
C MET B 1 -9.13 -0.82 -32.53
N LEU B 2 -8.68 0.39 -32.37
CA LEU B 2 -7.92 0.77 -31.21
C LEU B 2 -8.74 1.68 -30.32
N ALA B 3 -8.55 1.54 -29.03
CA ALA B 3 -9.20 2.43 -28.09
C ALA B 3 -8.25 3.58 -27.79
N GLU B 4 -6.96 3.30 -28.00
CA GLU B 4 -5.85 4.23 -27.81
C GLU B 4 -5.66 4.61 -26.34
N LEU B 5 -4.55 5.23 -26.05
CA LEU B 5 -4.22 5.59 -24.69
C LEU B 5 -4.19 7.10 -24.53
N TYR B 6 -4.79 7.58 -23.48
CA TYR B 6 -4.77 8.97 -23.14
C TYR B 6 -4.31 9.01 -21.73
N GLY B 7 -3.10 9.36 -21.56
CA GLY B 7 -2.56 9.32 -20.27
C GLY B 7 -1.39 8.40 -20.23
N SER B 8 -0.29 8.85 -20.75
CA SER B 8 0.91 8.06 -20.80
C SER B 8 1.55 8.00 -19.43
N ASP B 9 1.13 7.04 -18.66
CA ASP B 9 1.67 6.77 -17.37
C ASP B 9 2.06 5.32 -17.33
N PRO B 10 3.20 4.99 -16.71
CA PRO B 10 3.70 3.60 -16.64
C PRO B 10 2.92 2.77 -15.63
N GLN B 11 2.12 3.45 -14.81
CA GLN B 11 1.36 2.84 -13.72
C GLN B 11 2.31 2.28 -12.68
N GLU B 12 2.48 3.00 -11.61
CA GLU B 12 3.41 2.63 -10.58
C GLU B 12 2.97 1.46 -9.77
N GLU B 13 3.77 0.44 -9.85
CA GLU B 13 3.55 -0.82 -9.19
C GLU B 13 4.79 -1.24 -8.45
N LEU B 14 4.61 -1.68 -7.24
CA LEU B 14 5.68 -2.08 -6.40
C LEU B 14 5.33 -3.36 -5.68
N ILE B 15 6.20 -4.30 -5.70
CA ILE B 15 6.02 -5.48 -4.92
C ILE B 15 6.82 -5.31 -3.66
N ILE B 16 6.16 -5.38 -2.54
CA ILE B 16 6.81 -5.22 -1.30
C ILE B 16 7.07 -6.56 -0.68
N GLY A 1 -19.61 11.26 0.04
CA GLY A 1 -19.71 12.16 1.17
C GLY A 1 -18.37 12.76 1.50
N SER A 2 -18.13 13.02 2.77
CA SER A 2 -16.89 13.62 3.18
C SER A 2 -15.93 12.57 3.73
N ASP A 3 -14.74 12.49 3.12
CA ASP A 3 -13.64 11.55 3.50
C ASP A 3 -13.94 10.11 3.08
N GLY A 4 -15.13 9.68 3.34
CA GLY A 4 -15.55 8.37 2.98
C GLY A 4 -15.63 7.49 4.19
N THR A 5 -16.55 6.56 4.18
CA THR A 5 -16.68 5.65 5.27
C THR A 5 -15.54 4.66 5.21
N ARG A 6 -14.55 4.92 5.98
CA ARG A 6 -13.35 4.14 5.97
C ARG A 6 -12.80 4.07 7.38
N GLU A 7 -11.93 3.14 7.62
CA GLU A 7 -11.33 2.95 8.91
C GLU A 7 -9.89 2.53 8.74
N PHE A 8 -9.06 2.88 9.68
CA PHE A 8 -7.64 2.59 9.59
C PHE A 8 -7.29 1.42 10.46
N LEU A 9 -6.73 0.40 9.88
CA LEU A 9 -6.31 -0.76 10.61
C LEU A 9 -4.83 -0.78 10.69
N THR A 10 -4.33 -1.27 11.77
CA THR A 10 -2.93 -1.34 11.95
C THR A 10 -2.51 -2.80 11.90
N PHE A 11 -1.64 -3.13 11.00
CA PHE A 11 -1.12 -4.46 10.90
C PHE A 11 0.36 -4.45 11.11
N GLU A 12 0.81 -5.27 12.00
CA GLU A 12 2.21 -5.37 12.28
C GLU A 12 2.69 -6.71 11.81
N VAL A 13 3.61 -6.68 10.91
CA VAL A 13 4.07 -7.85 10.21
C VAL A 13 5.53 -8.07 10.51
N PRO A 14 5.87 -9.18 11.14
CA PRO A 14 7.25 -9.50 11.39
C PRO A 14 7.92 -10.03 10.14
N LEU A 15 9.19 -9.77 10.00
CA LEU A 15 9.93 -10.27 8.87
C LEU A 15 10.23 -11.75 9.07
N ASN A 16 9.20 -12.51 8.92
CA ASN A 16 9.28 -13.96 9.05
C ASN A 16 9.13 -14.55 7.68
N ASP A 17 7.96 -14.40 7.11
CA ASP A 17 7.73 -14.83 5.74
C ASP A 17 8.13 -13.74 4.84
N SER A 18 9.39 -13.60 4.75
CA SER A 18 10.03 -12.65 3.97
C SER A 18 11.25 -13.29 3.43
N GLY A 19 11.45 -13.08 2.21
CA GLY A 19 12.58 -13.58 1.53
C GLY A 19 12.36 -13.49 0.07
N SER A 20 11.19 -13.92 -0.35
CA SER A 20 10.80 -13.80 -1.72
C SER A 20 10.29 -12.38 -1.95
N ALA A 21 9.72 -11.86 -0.91
CA ALA A 21 9.25 -10.54 -0.84
C ALA A 21 9.39 -10.11 0.60
N GLY A 22 8.94 -8.96 0.90
CA GLY A 22 9.02 -8.47 2.25
C GLY A 22 7.78 -8.82 2.98
N LEU A 23 6.69 -8.34 2.50
CA LEU A 23 5.41 -8.63 3.07
C LEU A 23 4.66 -9.54 2.16
N GLY A 24 4.98 -9.44 0.90
CA GLY A 24 4.35 -10.22 -0.07
C GLY A 24 3.07 -9.57 -0.45
N VAL A 25 3.15 -8.31 -0.75
CA VAL A 25 1.99 -7.63 -1.23
C VAL A 25 2.43 -6.85 -2.45
N SER A 26 1.54 -6.63 -3.34
CA SER A 26 1.80 -5.80 -4.44
C SER A 26 0.90 -4.62 -4.31
N VAL A 27 1.47 -3.50 -4.48
CA VAL A 27 0.76 -2.29 -4.43
C VAL A 27 0.95 -1.51 -5.67
N LYS A 28 0.09 -0.58 -5.86
CA LYS A 28 0.14 0.31 -6.98
C LYS A 28 -0.46 1.62 -6.58
N GLY A 29 -0.06 2.64 -7.21
CA GLY A 29 -0.58 3.91 -6.88
C GLY A 29 -1.54 4.38 -7.91
N ASN A 30 -2.45 5.19 -7.49
CA ASN A 30 -3.44 5.73 -8.38
C ASN A 30 -3.33 7.24 -8.28
N ARG A 31 -3.26 7.90 -9.39
CA ARG A 31 -3.21 9.33 -9.41
C ARG A 31 -4.28 9.86 -10.36
N SER A 32 -4.93 10.91 -9.95
CA SER A 32 -6.01 11.53 -10.70
C SER A 32 -5.49 12.49 -11.77
N LYS A 33 -6.21 12.59 -12.89
CA LYS A 33 -5.84 13.50 -13.97
C LYS A 33 -6.40 14.91 -13.72
N GLU A 34 -7.70 14.97 -13.46
CA GLU A 34 -8.43 16.21 -13.29
C GLU A 34 -8.20 16.76 -11.91
N ASN A 35 -8.25 15.90 -10.93
CA ASN A 35 -8.03 16.29 -9.56
C ASN A 35 -6.54 16.57 -9.31
N HIS A 36 -5.69 16.08 -10.26
CA HIS A 36 -4.21 16.32 -10.28
C HIS A 36 -3.50 15.86 -9.01
N ALA A 37 -4.17 15.12 -8.20
CA ALA A 37 -3.62 14.65 -6.97
C ALA A 37 -3.56 13.16 -6.98
N ASP A 38 -2.75 12.61 -6.13
CA ASP A 38 -2.62 11.20 -6.04
C ASP A 38 -3.72 10.70 -5.16
N LEU A 39 -4.24 9.56 -5.48
CA LEU A 39 -5.24 8.96 -4.65
C LEU A 39 -4.52 8.14 -3.59
N GLY A 40 -3.26 7.90 -3.86
CA GLY A 40 -2.42 7.18 -2.92
C GLY A 40 -1.98 5.86 -3.48
N ILE A 41 -1.40 5.04 -2.61
CA ILE A 41 -0.95 3.72 -2.98
C ILE A 41 -1.96 2.71 -2.43
N PHE A 42 -2.45 1.87 -3.29
CA PHE A 42 -3.43 0.88 -2.95
C PHE A 42 -2.88 -0.51 -3.22
N VAL A 43 -3.32 -1.45 -2.42
CA VAL A 43 -2.99 -2.83 -2.67
C VAL A 43 -3.70 -3.32 -3.92
N LYS A 44 -2.98 -3.94 -4.78
CA LYS A 44 -3.52 -4.48 -6.00
C LYS A 44 -3.64 -6.00 -5.93
N SER A 45 -2.67 -6.63 -5.32
CA SER A 45 -2.63 -8.07 -5.21
C SER A 45 -1.93 -8.48 -3.95
N ILE A 46 -2.42 -9.51 -3.29
CA ILE A 46 -1.80 -10.01 -2.11
C ILE A 46 -1.06 -11.29 -2.46
N ILE A 47 0.16 -11.37 -2.09
CA ILE A 47 0.98 -12.51 -2.40
C ILE A 47 0.86 -13.54 -1.28
N ASN A 48 0.39 -14.73 -1.61
CA ASN A 48 0.35 -15.79 -0.62
C ASN A 48 1.73 -16.38 -0.49
N GLY A 49 2.47 -15.81 0.41
CA GLY A 49 3.83 -16.20 0.65
C GLY A 49 4.54 -15.11 1.40
N GLY A 50 3.80 -14.42 2.24
CA GLY A 50 4.33 -13.33 2.99
C GLY A 50 3.63 -13.22 4.32
N ALA A 51 4.32 -12.73 5.31
CA ALA A 51 3.78 -12.65 6.66
C ALA A 51 2.60 -11.69 6.74
N ALA A 52 2.59 -10.67 5.90
CA ALA A 52 1.48 -9.73 5.89
C ALA A 52 0.25 -10.36 5.36
N SER A 53 0.44 -11.36 4.54
CA SER A 53 -0.65 -12.04 3.95
C SER A 53 -1.31 -12.94 4.99
N LYS A 54 -0.51 -13.78 5.64
CA LYS A 54 -1.04 -14.71 6.61
C LYS A 54 -1.44 -14.03 7.94
N ASP A 55 -0.54 -13.23 8.50
CA ASP A 55 -0.79 -12.63 9.80
C ASP A 55 -1.69 -11.42 9.71
N GLY A 56 -1.44 -10.57 8.72
CA GLY A 56 -2.15 -9.31 8.63
C GLY A 56 -3.46 -9.36 7.89
N ARG A 57 -3.49 -10.07 6.75
CA ARG A 57 -4.71 -10.14 5.91
C ARG A 57 -5.14 -8.77 5.39
N LEU A 58 -4.51 -8.32 4.33
CA LEU A 58 -4.88 -7.06 3.70
C LEU A 58 -5.79 -7.31 2.53
N ARG A 59 -6.34 -6.27 1.97
CA ARG A 59 -7.31 -6.44 0.90
C ARG A 59 -6.79 -5.81 -0.34
N VAL A 60 -7.46 -6.07 -1.42
CA VAL A 60 -7.20 -5.40 -2.67
C VAL A 60 -7.96 -4.06 -2.63
N ASN A 61 -7.36 -3.00 -3.22
CA ASN A 61 -7.94 -1.64 -3.24
C ASN A 61 -7.86 -1.02 -1.83
N ASP A 62 -6.98 -1.61 -1.04
CA ASP A 62 -6.74 -1.20 0.34
C ASP A 62 -5.72 -0.07 0.29
N GLN A 63 -6.03 1.01 0.96
CA GLN A 63 -5.21 2.21 0.90
C GLN A 63 -4.12 2.21 1.98
N LEU A 64 -2.89 2.33 1.53
CA LEU A 64 -1.76 2.38 2.43
C LEU A 64 -1.57 3.80 2.97
N ILE A 65 -1.76 3.94 4.25
CA ILE A 65 -1.74 5.23 4.92
C ILE A 65 -0.36 5.54 5.48
N ALA A 66 0.13 4.63 6.29
CA ALA A 66 1.40 4.81 6.96
C ALA A 66 2.16 3.51 7.00
N VAL A 67 3.46 3.60 6.91
CA VAL A 67 4.31 2.45 6.89
C VAL A 67 5.45 2.59 7.92
N ASN A 68 5.63 1.56 8.73
CA ASN A 68 6.64 1.50 9.82
C ASN A 68 6.46 2.64 10.83
N GLY A 69 5.26 3.17 10.88
CA GLY A 69 4.97 4.27 11.78
C GLY A 69 5.15 5.64 11.14
N GLU A 70 5.41 5.67 9.85
CA GLU A 70 5.57 6.91 9.15
C GLU A 70 4.50 7.04 8.08
N SER A 71 3.79 8.13 8.09
CA SER A 71 2.71 8.35 7.17
C SER A 71 3.22 8.76 5.80
N LEU A 72 2.52 8.34 4.76
CA LEU A 72 2.88 8.72 3.40
C LEU A 72 1.61 8.98 2.60
N LEU A 73 0.53 9.19 3.31
CA LEU A 73 -0.78 9.44 2.71
C LEU A 73 -0.83 10.83 2.04
N GLY A 74 0.14 11.65 2.36
CA GLY A 74 0.17 12.99 1.81
C GLY A 74 1.35 13.22 0.91
N LYS A 75 1.64 12.28 0.03
CA LYS A 75 2.72 12.46 -0.93
C LYS A 75 2.39 11.76 -2.25
N ALA A 76 3.26 11.92 -3.23
CA ALA A 76 3.06 11.39 -4.58
C ALA A 76 3.29 9.87 -4.63
N ASN A 77 2.84 9.23 -5.74
CA ASN A 77 3.00 7.77 -5.92
C ASN A 77 4.45 7.34 -5.81
N GLN A 78 5.33 8.05 -6.52
CA GLN A 78 6.76 7.77 -6.53
C GLN A 78 7.35 7.91 -5.15
N GLU A 79 7.09 9.04 -4.58
CA GLU A 79 7.55 9.41 -3.24
C GLU A 79 7.10 8.37 -2.24
N ALA A 80 5.85 7.95 -2.36
CA ALA A 80 5.28 6.97 -1.49
C ALA A 80 6.01 5.64 -1.60
N MET A 81 6.32 5.24 -2.82
CA MET A 81 7.07 4.00 -3.04
C MET A 81 8.45 4.10 -2.47
N GLU A 82 9.06 5.25 -2.67
CA GLU A 82 10.34 5.54 -2.15
C GLU A 82 10.29 5.46 -0.62
N THR A 83 9.25 6.04 -0.04
CA THR A 83 9.00 5.97 1.39
C THR A 83 8.80 4.52 1.85
N LEU A 84 7.98 3.75 1.11
CA LEU A 84 7.69 2.35 1.44
C LEU A 84 8.95 1.54 1.50
N ARG A 85 9.69 1.54 0.41
CA ARG A 85 10.89 0.73 0.31
C ARG A 85 11.92 1.16 1.37
N ARG A 86 11.98 2.48 1.59
CA ARG A 86 12.87 3.08 2.58
C ARG A 86 12.52 2.58 3.96
N SER A 87 11.25 2.59 4.26
CA SER A 87 10.80 2.21 5.56
C SER A 87 11.01 0.71 5.79
N MET A 88 10.87 -0.07 4.74
CA MET A 88 11.05 -1.51 4.85
C MET A 88 12.51 -1.83 5.09
N SER A 89 13.35 -1.12 4.39
CA SER A 89 14.77 -1.35 4.48
C SER A 89 15.34 -0.72 5.76
N THR A 90 15.03 0.55 5.98
CA THR A 90 15.55 1.28 7.10
C THR A 90 14.91 0.86 8.43
N GLU A 91 13.59 0.82 8.46
CA GLU A 91 12.89 0.47 9.69
C GLU A 91 12.55 -1.01 9.78
N GLY A 92 12.05 -1.57 8.69
CA GLY A 92 11.64 -2.96 8.66
C GLY A 92 12.74 -3.93 9.05
N ASN A 93 13.87 -3.86 8.35
CA ASN A 93 15.01 -4.77 8.63
C ASN A 93 15.71 -4.40 9.94
N LYS A 94 15.33 -3.28 10.51
CA LYS A 94 15.87 -2.82 11.77
C LYS A 94 15.04 -3.35 12.93
N ARG A 95 13.75 -3.07 12.88
CA ARG A 95 12.83 -3.42 13.96
C ARG A 95 12.57 -4.91 14.00
N GLY A 96 12.65 -5.55 12.85
CA GLY A 96 12.38 -6.97 12.76
C GLY A 96 10.95 -7.22 12.34
N MET A 97 10.17 -6.16 12.42
CA MET A 97 8.78 -6.18 12.06
C MET A 97 8.38 -4.85 11.49
N ILE A 98 7.51 -4.90 10.55
CA ILE A 98 7.05 -3.76 9.84
C ILE A 98 5.58 -3.48 10.16
N GLN A 99 5.26 -2.25 10.41
CA GLN A 99 3.91 -1.83 10.77
C GLN A 99 3.25 -1.14 9.59
N LEU A 100 2.04 -1.51 9.28
CA LEU A 100 1.34 -0.94 8.17
C LEU A 100 0.00 -0.42 8.63
N ILE A 101 -0.29 0.81 8.34
CA ILE A 101 -1.60 1.34 8.60
C ILE A 101 -2.29 1.45 7.27
N VAL A 102 -3.34 0.72 7.10
CA VAL A 102 -4.09 0.70 5.87
C VAL A 102 -5.54 1.03 6.15
N ALA A 103 -6.20 1.58 5.18
CA ALA A 103 -7.55 2.01 5.33
C ALA A 103 -8.48 1.26 4.40
N ARG A 104 -9.53 0.71 4.96
CA ARG A 104 -10.52 -0.01 4.18
C ARG A 104 -11.77 0.83 4.15
N ARG A 105 -12.47 0.82 3.05
CA ARG A 105 -13.74 1.49 3.00
C ARG A 105 -14.82 0.51 3.31
N ILE A 106 -15.77 0.95 4.07
CA ILE A 106 -16.87 0.12 4.45
C ILE A 106 -17.94 0.21 3.40
N SER A 107 -18.06 -0.83 2.66
CA SER A 107 -19.04 -0.93 1.63
C SER A 107 -19.73 -2.27 1.80
N ARG A 108 -18.97 -3.36 1.57
CA ARG A 108 -19.46 -4.75 1.67
C ARG A 108 -20.63 -4.98 0.71
N CYS A 109 -21.18 -6.20 0.73
CA CYS A 109 -22.37 -6.59 -0.08
C CYS A 109 -22.10 -6.64 -1.60
N ASN A 110 -21.60 -5.56 -2.15
CA ASN A 110 -21.32 -5.46 -3.56
C ASN A 110 -20.06 -6.22 -3.92
N GLU A 111 -18.94 -5.79 -3.38
CA GLU A 111 -17.67 -6.43 -3.64
C GLU A 111 -16.75 -6.17 -2.47
N MET B 1 -7.80 4.32 -31.67
CA MET B 1 -6.98 4.32 -30.46
C MET B 1 -7.80 3.94 -29.24
N LEU B 2 -7.39 2.91 -28.55
CA LEU B 2 -8.05 2.47 -27.34
C LEU B 2 -7.07 2.46 -26.18
N ALA B 3 -7.33 3.29 -25.19
CA ALA B 3 -6.49 3.38 -24.02
C ALA B 3 -7.16 2.74 -22.82
N GLU B 4 -8.51 2.66 -22.87
CA GLU B 4 -9.35 2.09 -21.80
C GLU B 4 -9.41 3.01 -20.55
N LEU B 5 -10.49 2.86 -19.76
CA LEU B 5 -10.76 3.61 -18.55
C LEU B 5 -11.19 5.04 -18.84
N TYR B 6 -11.30 5.83 -17.81
CA TYR B 6 -11.75 7.19 -17.93
C TYR B 6 -10.57 8.13 -17.96
N GLY B 7 -9.56 7.74 -17.25
CA GLY B 7 -8.39 8.52 -17.19
C GLY B 7 -7.90 8.65 -15.78
N SER B 8 -7.12 7.71 -15.38
CA SER B 8 -6.52 7.67 -14.10
C SER B 8 -5.24 6.92 -14.27
N ASP B 9 -4.27 7.19 -13.48
CA ASP B 9 -3.00 6.51 -13.61
C ASP B 9 -2.73 5.60 -12.45
N PRO B 10 -3.00 4.30 -12.62
CA PRO B 10 -2.67 3.27 -11.65
C PRO B 10 -1.46 2.46 -12.13
N GLN B 11 -0.70 3.06 -13.06
CA GLN B 11 0.39 2.39 -13.74
C GLN B 11 1.58 2.12 -12.82
N GLU B 12 1.79 2.96 -11.83
CA GLU B 12 2.92 2.75 -10.95
C GLU B 12 2.62 1.66 -9.93
N GLU B 13 3.34 0.56 -10.05
CA GLU B 13 3.20 -0.60 -9.17
C GLU B 13 4.47 -0.81 -8.40
N LEU B 14 4.35 -1.39 -7.23
CA LEU B 14 5.48 -1.67 -6.41
C LEU B 14 5.18 -2.96 -5.63
N ILE B 15 6.11 -3.86 -5.57
CA ILE B 15 5.92 -5.08 -4.77
C ILE B 15 6.73 -4.96 -3.50
N ILE B 16 6.11 -5.21 -2.38
CA ILE B 16 6.78 -5.11 -1.12
C ILE B 16 6.97 -6.47 -0.49
N GLY A 1 -17.52 14.04 11.13
CA GLY A 1 -17.79 12.70 10.62
C GLY A 1 -16.85 12.37 9.50
N SER A 2 -16.75 11.12 9.16
CA SER A 2 -15.89 10.71 8.09
C SER A 2 -16.63 10.77 6.77
N ASP A 3 -15.93 11.17 5.71
CA ASP A 3 -16.50 11.24 4.36
C ASP A 3 -17.11 9.92 3.98
N GLY A 4 -16.30 8.90 4.04
CA GLY A 4 -16.75 7.59 3.75
C GLY A 4 -16.55 6.72 4.93
N THR A 5 -17.41 5.75 5.09
CA THR A 5 -17.35 4.86 6.20
C THR A 5 -16.15 3.93 6.04
N ARG A 6 -15.14 4.14 6.83
CA ARG A 6 -13.94 3.36 6.69
C ARG A 6 -13.30 3.04 8.02
N GLU A 7 -12.58 1.96 8.06
CA GLU A 7 -11.88 1.54 9.24
C GLU A 7 -10.38 1.56 8.96
N PHE A 8 -9.62 2.06 9.90
CA PHE A 8 -8.19 2.04 9.79
C PHE A 8 -7.66 0.82 10.45
N LEU A 9 -6.96 0.04 9.72
CA LEU A 9 -6.43 -1.19 10.24
C LEU A 9 -4.96 -1.13 10.34
N THR A 10 -4.47 -1.50 11.46
CA THR A 10 -3.08 -1.52 11.71
C THR A 10 -2.59 -2.95 11.72
N PHE A 11 -1.67 -3.26 10.87
CA PHE A 11 -1.11 -4.56 10.83
C PHE A 11 0.36 -4.52 11.05
N GLU A 12 0.83 -5.19 12.06
CA GLU A 12 2.23 -5.28 12.30
C GLU A 12 2.71 -6.63 11.85
N VAL A 13 3.48 -6.59 10.82
CA VAL A 13 3.94 -7.75 10.11
C VAL A 13 5.39 -7.97 10.38
N PRO A 14 5.77 -9.10 10.95
CA PRO A 14 7.16 -9.40 11.19
C PRO A 14 7.86 -9.78 9.88
N LEU A 15 9.13 -9.46 9.77
CA LEU A 15 9.91 -9.86 8.61
C LEU A 15 10.27 -11.32 8.75
N ASN A 16 9.27 -12.15 8.54
CA ASN A 16 9.42 -13.58 8.74
C ASN A 16 9.58 -14.30 7.40
N ASP A 17 8.67 -14.03 6.48
CA ASP A 17 8.71 -14.60 5.12
C ASP A 17 9.46 -13.68 4.22
N SER A 18 10.20 -12.80 4.82
CA SER A 18 10.96 -11.85 4.12
C SER A 18 12.15 -12.51 3.50
N GLY A 19 12.14 -12.46 2.24
CA GLY A 19 13.19 -12.99 1.46
C GLY A 19 12.85 -12.82 0.00
N SER A 20 11.75 -13.42 -0.41
CA SER A 20 11.26 -13.25 -1.76
C SER A 20 10.57 -11.90 -1.88
N ALA A 21 10.02 -11.50 -0.79
CA ALA A 21 9.37 -10.27 -0.60
C ALA A 21 9.53 -9.99 0.85
N GLY A 22 9.21 -8.84 1.28
CA GLY A 22 9.35 -8.50 2.67
C GLY A 22 8.10 -8.85 3.42
N LEU A 23 7.00 -8.39 2.92
CA LEU A 23 5.71 -8.67 3.50
C LEU A 23 5.00 -9.64 2.63
N GLY A 24 5.21 -9.47 1.34
CA GLY A 24 4.63 -10.29 0.37
C GLY A 24 3.33 -9.73 -0.05
N VAL A 25 3.34 -8.46 -0.36
CA VAL A 25 2.17 -7.82 -0.89
C VAL A 25 2.62 -6.99 -2.07
N SER A 26 1.76 -6.79 -3.00
CA SER A 26 2.06 -5.92 -4.07
C SER A 26 1.17 -4.72 -3.97
N VAL A 27 1.73 -3.59 -4.13
CA VAL A 27 1.01 -2.38 -4.12
C VAL A 27 1.24 -1.58 -5.36
N LYS A 28 0.38 -0.65 -5.58
CA LYS A 28 0.50 0.28 -6.66
C LYS A 28 -0.13 1.57 -6.27
N GLY A 29 0.33 2.63 -6.84
CA GLY A 29 -0.21 3.90 -6.48
C GLY A 29 -1.11 4.44 -7.53
N ASN A 30 -2.20 5.00 -7.10
CA ASN A 30 -3.13 5.56 -8.01
C ASN A 30 -3.17 7.06 -7.80
N ARG A 31 -3.36 7.77 -8.85
CA ARG A 31 -3.36 9.19 -8.83
C ARG A 31 -4.53 9.71 -9.59
N SER A 32 -5.22 10.67 -9.00
CA SER A 32 -6.38 11.25 -9.59
C SER A 32 -5.97 12.01 -10.86
N LYS A 33 -6.47 11.59 -12.00
CA LYS A 33 -6.17 12.21 -13.26
C LYS A 33 -6.66 13.66 -13.31
N GLU A 34 -7.84 13.86 -12.81
CA GLU A 34 -8.47 15.17 -12.86
C GLU A 34 -8.11 15.99 -11.63
N ASN A 35 -7.95 15.31 -10.52
CA ASN A 35 -7.69 15.95 -9.23
C ASN A 35 -6.18 16.16 -8.92
N HIS A 36 -5.30 15.28 -9.43
CA HIS A 36 -3.81 15.40 -9.28
C HIS A 36 -3.29 15.33 -7.83
N ALA A 37 -4.13 15.00 -6.88
CA ALA A 37 -3.69 15.00 -5.47
C ALA A 37 -3.30 13.62 -5.02
N ASP A 38 -3.30 12.71 -5.97
CA ASP A 38 -3.02 11.31 -5.78
C ASP A 38 -4.15 10.67 -5.01
N LEU A 39 -4.33 9.42 -5.22
CA LEU A 39 -5.29 8.67 -4.47
C LEU A 39 -4.54 7.94 -3.38
N GLY A 40 -3.23 7.96 -3.51
CA GLY A 40 -2.38 7.25 -2.58
C GLY A 40 -1.93 5.89 -3.12
N ILE A 41 -1.42 5.05 -2.25
CA ILE A 41 -0.91 3.75 -2.61
C ILE A 41 -1.91 2.68 -2.18
N PHE A 42 -2.28 1.80 -3.09
CA PHE A 42 -3.27 0.77 -2.81
C PHE A 42 -2.70 -0.61 -3.08
N VAL A 43 -3.17 -1.59 -2.36
CA VAL A 43 -2.80 -2.98 -2.63
C VAL A 43 -3.37 -3.43 -3.98
N LYS A 44 -2.57 -4.10 -4.74
CA LYS A 44 -3.00 -4.64 -6.03
C LYS A 44 -3.17 -6.14 -5.96
N SER A 45 -2.23 -6.82 -5.36
CA SER A 45 -2.28 -8.25 -5.28
C SER A 45 -1.61 -8.70 -4.00
N ILE A 46 -2.16 -9.71 -3.39
CA ILE A 46 -1.64 -10.30 -2.19
C ILE A 46 -0.74 -11.46 -2.58
N ILE A 47 0.44 -11.50 -2.01
CA ILE A 47 1.38 -12.56 -2.32
C ILE A 47 1.24 -13.69 -1.33
N ASN A 48 1.00 -14.88 -1.85
CA ASN A 48 0.90 -16.06 -1.01
C ASN A 48 2.29 -16.40 -0.50
N GLY A 49 2.38 -16.64 0.78
CA GLY A 49 3.65 -16.89 1.38
C GLY A 49 4.27 -15.62 1.89
N GLY A 50 3.45 -14.81 2.53
CA GLY A 50 3.90 -13.58 3.12
C GLY A 50 3.22 -13.38 4.45
N ALA A 51 3.95 -12.89 5.43
CA ALA A 51 3.43 -12.70 6.77
C ALA A 51 2.31 -11.66 6.82
N ALA A 52 2.36 -10.69 5.93
CA ALA A 52 1.31 -9.66 5.89
C ALA A 52 0.05 -10.25 5.37
N SER A 53 0.21 -11.18 4.50
CA SER A 53 -0.89 -11.86 3.89
C SER A 53 -1.53 -12.82 4.89
N LYS A 54 -0.69 -13.59 5.55
CA LYS A 54 -1.15 -14.59 6.50
C LYS A 54 -1.62 -14.00 7.85
N ASP A 55 -0.78 -13.19 8.48
CA ASP A 55 -1.05 -12.76 9.86
C ASP A 55 -2.09 -11.66 9.94
N GLY A 56 -1.87 -10.60 9.21
CA GLY A 56 -2.77 -9.47 9.28
C GLY A 56 -3.89 -9.59 8.30
N ARG A 57 -3.55 -10.04 7.10
CA ARG A 57 -4.49 -10.22 5.99
C ARG A 57 -4.95 -8.91 5.44
N LEU A 58 -4.29 -8.51 4.44
CA LEU A 58 -4.64 -7.33 3.69
C LEU A 58 -5.62 -7.69 2.60
N ARG A 59 -6.03 -6.73 1.85
CA ARG A 59 -7.04 -6.94 0.86
C ARG A 59 -6.64 -6.24 -0.39
N VAL A 60 -7.39 -6.40 -1.40
CA VAL A 60 -7.08 -5.77 -2.64
C VAL A 60 -7.69 -4.38 -2.69
N ASN A 61 -6.87 -3.43 -3.08
CA ASN A 61 -7.25 -2.04 -3.29
C ASN A 61 -7.46 -1.31 -1.95
N ASP A 62 -6.85 -1.81 -0.89
CA ASP A 62 -6.89 -1.05 0.34
C ASP A 62 -5.88 0.08 0.28
N GLN A 63 -6.17 1.14 0.96
CA GLN A 63 -5.36 2.34 0.92
C GLN A 63 -4.30 2.36 2.01
N LEU A 64 -3.05 2.33 1.60
CA LEU A 64 -1.94 2.40 2.51
C LEU A 64 -1.75 3.83 3.00
N ILE A 65 -2.07 4.04 4.24
CA ILE A 65 -2.03 5.34 4.87
C ILE A 65 -0.65 5.61 5.41
N ALA A 66 -0.17 4.71 6.20
CA ALA A 66 1.11 4.84 6.83
C ALA A 66 1.88 3.56 6.71
N VAL A 67 3.17 3.67 6.51
CA VAL A 67 3.98 2.53 6.36
C VAL A 67 5.16 2.57 7.32
N ASN A 68 5.19 1.57 8.16
CA ASN A 68 6.27 1.29 9.08
C ASN A 68 6.60 2.53 9.88
N GLY A 69 5.56 3.16 10.40
CA GLY A 69 5.77 4.37 11.17
C GLY A 69 5.37 5.66 10.46
N GLU A 70 5.88 5.86 9.25
CA GLU A 70 5.65 7.12 8.54
C GLU A 70 4.33 7.10 7.78
N SER A 71 3.66 8.22 7.77
CA SER A 71 2.45 8.36 7.03
C SER A 71 2.77 8.74 5.59
N LEU A 72 2.35 7.91 4.64
CA LEU A 72 2.58 8.19 3.22
C LEU A 72 1.59 9.18 2.72
N LEU A 73 0.48 9.26 3.43
CA LEU A 73 -0.57 10.18 3.08
C LEU A 73 -0.06 11.59 3.38
N GLY A 74 0.48 12.19 2.36
CA GLY A 74 1.04 13.51 2.46
C GLY A 74 1.98 13.78 1.30
N LYS A 75 2.69 12.75 0.91
CA LYS A 75 3.58 12.83 -0.23
C LYS A 75 2.95 12.14 -1.44
N ALA A 76 3.38 12.53 -2.64
CA ALA A 76 2.85 11.98 -3.90
C ALA A 76 3.18 10.48 -4.05
N ASN A 77 2.55 9.80 -5.03
CA ASN A 77 2.73 8.32 -5.20
C ASN A 77 4.19 7.94 -5.27
N GLN A 78 4.93 8.62 -6.13
CA GLN A 78 6.34 8.27 -6.36
C GLN A 78 7.14 8.48 -5.10
N GLU A 79 6.88 9.57 -4.42
CA GLU A 79 7.56 9.90 -3.19
C GLU A 79 7.28 8.83 -2.15
N ALA A 80 6.02 8.47 -2.05
CA ALA A 80 5.57 7.48 -1.10
C ALA A 80 6.19 6.13 -1.37
N MET A 81 6.26 5.75 -2.62
CA MET A 81 6.80 4.45 -3.02
C MET A 81 8.30 4.41 -2.82
N GLU A 82 8.97 5.52 -3.07
CA GLU A 82 10.41 5.61 -2.83
C GLU A 82 10.69 5.51 -1.34
N THR A 83 9.87 6.18 -0.54
CA THR A 83 9.97 6.11 0.89
C THR A 83 9.66 4.69 1.35
N LEU A 84 8.62 4.13 0.77
CA LEU A 84 8.17 2.80 1.04
C LEU A 84 9.28 1.80 0.87
N ARG A 85 9.91 1.80 -0.30
CA ARG A 85 10.97 0.84 -0.60
C ARG A 85 12.07 0.91 0.45
N ARG A 86 12.45 2.12 0.80
CA ARG A 86 13.51 2.32 1.74
C ARG A 86 13.10 1.90 3.14
N SER A 87 11.98 2.37 3.59
CA SER A 87 11.60 2.19 4.97
C SER A 87 11.08 0.80 5.26
N MET A 88 10.49 0.15 4.31
CA MET A 88 9.97 -1.17 4.56
C MET A 88 11.11 -2.17 4.60
N SER A 89 12.19 -1.83 3.93
CA SER A 89 13.34 -2.68 3.88
C SER A 89 14.31 -2.29 5.01
N THR A 90 14.72 -1.04 5.03
CA THR A 90 15.70 -0.56 5.96
C THR A 90 15.15 -0.51 7.39
N GLU A 91 14.11 0.29 7.57
CA GLU A 91 13.52 0.45 8.88
C GLU A 91 12.75 -0.81 9.29
N GLY A 92 12.26 -1.54 8.30
CA GLY A 92 11.54 -2.78 8.56
C GLY A 92 12.42 -3.79 9.26
N ASN A 93 13.57 -4.07 8.66
CA ASN A 93 14.53 -5.01 9.24
C ASN A 93 15.14 -4.46 10.51
N LYS A 94 15.05 -3.17 10.68
CA LYS A 94 15.55 -2.54 11.88
C LYS A 94 14.61 -2.81 13.04
N ARG A 95 13.35 -2.51 12.86
CA ARG A 95 12.35 -2.71 13.90
C ARG A 95 12.11 -4.19 14.14
N GLY A 96 12.24 -4.97 13.11
CA GLY A 96 12.01 -6.39 13.20
C GLY A 96 10.68 -6.74 12.56
N MET A 97 9.74 -5.87 12.74
CA MET A 97 8.45 -5.99 12.14
C MET A 97 8.03 -4.66 11.61
N ILE A 98 7.21 -4.69 10.63
CA ILE A 98 6.76 -3.53 9.95
C ILE A 98 5.29 -3.26 10.25
N GLN A 99 4.98 -2.03 10.53
CA GLN A 99 3.63 -1.60 10.90
C GLN A 99 2.93 -0.89 9.76
N LEU A 100 1.87 -1.46 9.28
CA LEU A 100 1.14 -0.89 8.18
C LEU A 100 -0.20 -0.40 8.65
N ILE A 101 -0.53 0.83 8.35
CA ILE A 101 -1.85 1.31 8.62
C ILE A 101 -2.53 1.51 7.30
N VAL A 102 -3.58 0.79 7.10
CA VAL A 102 -4.31 0.85 5.87
C VAL A 102 -5.72 1.24 6.16
N ALA A 103 -6.35 1.85 5.21
CA ALA A 103 -7.69 2.26 5.36
C ALA A 103 -8.57 1.43 4.47
N ARG A 104 -9.54 0.84 5.07
CA ARG A 104 -10.48 0.04 4.37
C ARG A 104 -11.80 0.70 4.46
N ARG A 105 -12.43 0.96 3.36
CA ARG A 105 -13.74 1.49 3.46
C ARG A 105 -14.73 0.36 3.56
N ILE A 106 -15.62 0.46 4.53
CA ILE A 106 -16.62 -0.56 4.78
C ILE A 106 -17.55 -0.64 3.60
N SER A 107 -17.66 0.47 2.93
CA SER A 107 -18.37 0.57 1.70
C SER A 107 -17.61 -0.29 0.69
N ARG A 108 -18.19 -1.41 0.34
CA ARG A 108 -17.55 -2.39 -0.50
C ARG A 108 -17.24 -1.86 -1.87
N CYS A 109 -15.99 -1.83 -2.18
CA CYS A 109 -15.52 -1.42 -3.47
C CYS A 109 -15.42 -2.65 -4.36
N ASN A 110 -15.87 -2.51 -5.59
CA ASN A 110 -15.83 -3.60 -6.53
C ASN A 110 -15.69 -3.07 -7.94
N GLU A 111 -14.83 -3.67 -8.71
CA GLU A 111 -14.60 -3.27 -10.09
C GLU A 111 -14.37 -4.49 -10.97
N MET B 1 5.36 1.08 -30.53
CA MET B 1 4.70 2.36 -30.69
C MET B 1 3.31 2.32 -30.07
N LEU B 2 2.91 1.15 -29.63
CA LEU B 2 1.62 0.96 -29.03
C LEU B 2 1.69 1.10 -27.53
N ALA B 3 0.74 1.80 -26.97
CA ALA B 3 0.64 2.00 -25.56
C ALA B 3 -0.70 2.61 -25.22
N GLU B 4 -1.64 1.78 -24.88
CA GLU B 4 -2.94 2.23 -24.43
C GLU B 4 -2.82 3.00 -23.12
N LEU B 5 -3.31 4.21 -23.12
CA LEU B 5 -3.22 5.06 -21.97
C LEU B 5 -4.54 5.74 -21.72
N TYR B 6 -4.67 6.31 -20.56
CA TYR B 6 -5.87 7.01 -20.19
C TYR B 6 -5.54 8.28 -19.45
N GLY B 7 -4.31 8.72 -19.57
CA GLY B 7 -3.89 9.93 -18.94
C GLY B 7 -2.88 9.68 -17.87
N SER B 8 -3.18 10.18 -16.68
CA SER B 8 -2.33 10.01 -15.54
C SER B 8 -2.22 8.54 -15.22
N ASP B 9 -1.08 8.00 -15.56
CA ASP B 9 -0.77 6.60 -15.33
C ASP B 9 -0.63 6.29 -13.87
N PRO B 10 -1.52 5.49 -13.32
CA PRO B 10 -1.42 5.01 -11.97
C PRO B 10 -0.88 3.58 -12.01
N GLN B 11 0.06 3.36 -12.90
CA GLN B 11 0.60 2.05 -13.17
C GLN B 11 1.87 1.83 -12.36
N GLU B 12 2.11 2.68 -11.42
CA GLU B 12 3.27 2.57 -10.57
C GLU B 12 3.05 1.48 -9.54
N GLU B 13 3.68 0.36 -9.76
CA GLU B 13 3.56 -0.80 -8.92
C GLU B 13 4.81 -1.01 -8.12
N LEU B 14 4.66 -1.49 -6.93
CA LEU B 14 5.75 -1.73 -6.06
C LEU B 14 5.41 -2.95 -5.21
N ILE B 15 6.32 -3.87 -5.12
CA ILE B 15 6.10 -5.06 -4.33
C ILE B 15 6.89 -4.95 -3.06
N ILE B 16 6.25 -5.23 -1.95
CA ILE B 16 6.90 -5.16 -0.70
C ILE B 16 7.08 -6.54 -0.10
N GLY A 1 -17.68 14.12 11.93
CA GLY A 1 -17.91 12.90 11.14
C GLY A 1 -18.07 13.22 9.69
N SER A 2 -17.76 12.29 8.84
CA SER A 2 -17.93 12.44 7.42
C SER A 2 -18.48 11.15 6.85
N ASP A 3 -19.46 11.25 5.97
CA ASP A 3 -20.02 10.07 5.35
C ASP A 3 -19.04 9.52 4.35
N GLY A 4 -19.05 8.22 4.17
CA GLY A 4 -18.04 7.58 3.35
C GLY A 4 -16.77 7.52 4.16
N THR A 5 -16.95 7.42 5.46
CA THR A 5 -15.88 7.50 6.41
C THR A 5 -14.87 6.37 6.26
N ARG A 6 -13.62 6.74 6.31
CA ARG A 6 -12.54 5.83 6.21
C ARG A 6 -11.96 5.59 7.60
N GLU A 7 -11.52 4.40 7.85
CA GLU A 7 -10.92 4.07 9.12
C GLU A 7 -9.54 3.51 8.87
N PHE A 8 -8.71 3.53 9.88
CA PHE A 8 -7.36 3.03 9.76
C PHE A 8 -7.20 1.69 10.45
N LEU A 9 -6.69 0.73 9.74
CA LEU A 9 -6.38 -0.55 10.30
C LEU A 9 -4.90 -0.69 10.39
N THR A 10 -4.45 -1.32 11.41
CA THR A 10 -3.05 -1.49 11.61
C THR A 10 -2.67 -2.95 11.44
N PHE A 11 -1.77 -3.20 10.54
CA PHE A 11 -1.26 -4.52 10.31
C PHE A 11 0.23 -4.53 10.58
N GLU A 12 0.65 -5.33 11.52
CA GLU A 12 2.06 -5.42 11.82
C GLU A 12 2.58 -6.75 11.34
N VAL A 13 3.46 -6.69 10.41
CA VAL A 13 4.00 -7.85 9.77
C VAL A 13 5.40 -8.10 10.27
N PRO A 14 5.65 -9.21 10.92
CA PRO A 14 6.98 -9.54 11.36
C PRO A 14 7.84 -9.95 10.18
N LEU A 15 9.12 -9.67 10.24
CA LEU A 15 10.02 -10.02 9.15
C LEU A 15 10.33 -11.50 9.15
N ASN A 16 9.34 -12.26 8.77
CA ASN A 16 9.40 -13.71 8.74
C ASN A 16 9.05 -14.16 7.35
N ASP A 17 9.88 -15.02 6.77
CA ASP A 17 9.70 -15.52 5.37
C ASP A 17 9.79 -14.37 4.40
N SER A 18 10.44 -13.33 4.85
CA SER A 18 10.59 -12.14 4.11
C SER A 18 11.98 -12.11 3.53
N GLY A 19 12.03 -12.17 2.26
CA GLY A 19 13.26 -12.18 1.52
C GLY A 19 12.96 -12.37 0.08
N SER A 20 12.11 -13.34 -0.19
CA SER A 20 11.63 -13.58 -1.53
C SER A 20 10.64 -12.51 -1.92
N ALA A 21 9.97 -12.02 -0.94
CA ALA A 21 9.11 -10.92 -1.04
C ALA A 21 9.30 -10.19 0.25
N GLY A 22 9.15 -8.92 0.22
CA GLY A 22 9.36 -8.11 1.39
C GLY A 22 8.27 -8.33 2.37
N LEU A 23 7.06 -8.10 1.94
CA LEU A 23 5.91 -8.39 2.75
C LEU A 23 5.13 -9.46 2.05
N GLY A 24 5.20 -9.41 0.72
CA GLY A 24 4.52 -10.31 -0.11
C GLY A 24 3.17 -9.76 -0.42
N VAL A 25 3.16 -8.50 -0.82
CA VAL A 25 1.96 -7.83 -1.23
C VAL A 25 2.34 -7.00 -2.45
N SER A 26 1.42 -6.74 -3.29
CA SER A 26 1.65 -5.87 -4.37
C SER A 26 0.82 -4.64 -4.18
N VAL A 27 1.41 -3.51 -4.40
CA VAL A 27 0.73 -2.26 -4.30
C VAL A 27 0.85 -1.47 -5.56
N LYS A 28 0.01 -0.51 -5.69
CA LYS A 28 -0.05 0.36 -6.83
C LYS A 28 -0.54 1.69 -6.39
N GLY A 29 -0.19 2.70 -7.10
CA GLY A 29 -0.64 3.98 -6.73
C GLY A 29 -1.72 4.46 -7.64
N ASN A 30 -2.79 4.89 -7.04
CA ASN A 30 -3.89 5.46 -7.77
C ASN A 30 -3.78 6.94 -7.70
N ARG A 31 -3.70 7.56 -8.81
CA ARG A 31 -3.59 8.98 -8.88
C ARG A 31 -4.61 9.51 -9.84
N SER A 32 -5.05 10.68 -9.58
CA SER A 32 -6.00 11.33 -10.42
C SER A 32 -5.39 12.58 -11.06
N LYS A 33 -4.90 12.42 -12.29
CA LYS A 33 -4.26 13.48 -13.08
C LYS A 33 -5.20 14.68 -13.20
N GLU A 34 -6.46 14.42 -13.47
CA GLU A 34 -7.45 15.48 -13.65
C GLU A 34 -7.69 16.33 -12.39
N ASN A 35 -7.39 15.77 -11.25
CA ASN A 35 -7.49 16.49 -9.99
C ASN A 35 -6.07 16.86 -9.51
N HIS A 36 -5.08 16.32 -10.24
CA HIS A 36 -3.64 16.52 -10.00
C HIS A 36 -3.22 15.97 -8.61
N ALA A 37 -4.02 15.09 -8.08
CA ALA A 37 -3.79 14.58 -6.76
C ALA A 37 -3.66 13.08 -6.77
N ASP A 38 -2.71 12.59 -6.03
CA ASP A 38 -2.54 11.18 -5.89
C ASP A 38 -3.54 10.75 -4.86
N LEU A 39 -4.17 9.66 -5.07
CA LEU A 39 -5.16 9.19 -4.13
C LEU A 39 -4.46 8.35 -3.10
N GLY A 40 -3.25 7.98 -3.42
CA GLY A 40 -2.43 7.21 -2.52
C GLY A 40 -2.02 5.87 -3.09
N ILE A 41 -1.44 5.04 -2.27
CA ILE A 41 -1.00 3.72 -2.68
C ILE A 41 -2.01 2.70 -2.18
N PHE A 42 -2.47 1.86 -3.06
CA PHE A 42 -3.47 0.88 -2.74
C PHE A 42 -2.97 -0.52 -3.06
N VAL A 43 -3.31 -1.48 -2.22
CA VAL A 43 -3.00 -2.88 -2.49
C VAL A 43 -3.70 -3.37 -3.75
N LYS A 44 -2.98 -4.02 -4.59
CA LYS A 44 -3.52 -4.56 -5.84
C LYS A 44 -3.68 -6.07 -5.76
N SER A 45 -2.71 -6.73 -5.18
CA SER A 45 -2.72 -8.17 -5.08
C SER A 45 -1.99 -8.59 -3.80
N ILE A 46 -2.47 -9.62 -3.17
CA ILE A 46 -1.82 -10.18 -2.03
C ILE A 46 -1.01 -11.38 -2.46
N ILE A 47 0.21 -11.46 -2.02
CA ILE A 47 1.05 -12.58 -2.37
C ILE A 47 1.01 -13.59 -1.25
N ASN A 48 0.41 -14.71 -1.52
CA ASN A 48 0.29 -15.75 -0.54
C ASN A 48 1.61 -16.45 -0.38
N GLY A 49 2.17 -16.29 0.78
CA GLY A 49 3.47 -16.81 1.06
C GLY A 49 4.25 -15.83 1.91
N GLY A 50 3.89 -14.57 1.78
CA GLY A 50 4.55 -13.54 2.56
C GLY A 50 3.95 -13.41 3.94
N ALA A 51 4.71 -12.84 4.87
CA ALA A 51 4.27 -12.69 6.25
C ALA A 51 3.06 -11.78 6.36
N ALA A 52 2.98 -10.81 5.47
CA ALA A 52 1.85 -9.89 5.47
C ALA A 52 0.60 -10.62 5.10
N SER A 53 0.76 -11.61 4.30
CA SER A 53 -0.33 -12.41 3.84
C SER A 53 -0.74 -13.40 4.92
N LYS A 54 0.23 -14.10 5.46
CA LYS A 54 0.01 -15.12 6.43
C LYS A 54 -0.56 -14.50 7.72
N ASP A 55 0.11 -13.49 8.24
CA ASP A 55 -0.25 -13.00 9.55
C ASP A 55 -1.48 -12.08 9.57
N GLY A 56 -1.46 -11.04 8.76
CA GLY A 56 -2.57 -10.10 8.78
C GLY A 56 -3.54 -10.28 7.63
N ARG A 57 -2.99 -10.45 6.44
CA ARG A 57 -3.72 -10.54 5.18
C ARG A 57 -4.61 -9.33 4.94
N LEU A 58 -4.07 -8.40 4.18
CA LEU A 58 -4.74 -7.15 3.84
C LEU A 58 -5.78 -7.39 2.74
N ARG A 59 -6.28 -6.34 2.17
CA ARG A 59 -7.31 -6.47 1.17
C ARG A 59 -7.00 -5.67 -0.06
N VAL A 60 -7.45 -6.17 -1.18
CA VAL A 60 -7.25 -5.49 -2.43
C VAL A 60 -7.95 -4.15 -2.38
N ASN A 61 -7.23 -3.12 -2.79
CA ASN A 61 -7.69 -1.73 -2.86
C ASN A 61 -7.57 -1.00 -1.50
N ASP A 62 -6.87 -1.59 -0.50
CA ASP A 62 -6.69 -0.81 0.73
C ASP A 62 -5.67 0.29 0.55
N GLN A 63 -5.93 1.41 1.17
CA GLN A 63 -5.09 2.59 1.07
C GLN A 63 -3.99 2.60 2.11
N LEU A 64 -2.77 2.51 1.66
CA LEU A 64 -1.61 2.55 2.53
C LEU A 64 -1.37 3.99 3.02
N ILE A 65 -1.62 4.19 4.29
CA ILE A 65 -1.53 5.49 4.93
C ILE A 65 -0.15 5.74 5.48
N ALA A 66 0.29 4.82 6.29
CA ALA A 66 1.55 4.94 6.95
C ALA A 66 2.27 3.62 6.98
N VAL A 67 3.57 3.68 6.88
CA VAL A 67 4.39 2.51 6.90
C VAL A 67 5.46 2.70 7.99
N ASN A 68 5.57 1.73 8.88
CA ASN A 68 6.48 1.80 10.06
C ASN A 68 6.29 3.07 10.86
N GLY A 69 5.04 3.51 10.91
CA GLY A 69 4.70 4.70 11.64
C GLY A 69 4.84 5.98 10.83
N GLU A 70 5.51 5.92 9.70
CA GLU A 70 5.70 7.10 8.90
C GLU A 70 4.56 7.25 7.92
N SER A 71 3.92 8.38 7.94
CA SER A 71 2.80 8.62 7.08
C SER A 71 3.28 9.10 5.72
N LEU A 72 2.68 8.57 4.69
CA LEU A 72 3.00 8.96 3.33
C LEU A 72 1.72 9.25 2.59
N LEU A 73 0.68 9.45 3.38
CA LEU A 73 -0.68 9.74 2.94
C LEU A 73 -0.71 10.97 2.02
N GLY A 74 0.19 11.90 2.24
CA GLY A 74 0.15 13.13 1.52
C GLY A 74 1.26 13.31 0.54
N LYS A 75 1.97 12.26 0.20
CA LYS A 75 3.03 12.41 -0.77
C LYS A 75 2.67 11.72 -2.08
N ALA A 76 3.38 12.06 -3.14
CA ALA A 76 3.12 11.51 -4.48
C ALA A 76 3.35 10.02 -4.52
N ASN A 77 2.66 9.32 -5.41
CA ASN A 77 2.78 7.86 -5.56
C ASN A 77 4.21 7.40 -5.78
N GLN A 78 4.95 8.13 -6.62
CA GLN A 78 6.35 7.81 -6.87
C GLN A 78 7.16 7.95 -5.59
N GLU A 79 6.92 9.04 -4.88
CA GLU A 79 7.58 9.34 -3.61
C GLU A 79 7.21 8.29 -2.57
N ALA A 80 5.96 7.88 -2.63
CA ALA A 80 5.41 6.91 -1.73
C ALA A 80 6.08 5.57 -1.88
N MET A 81 6.32 5.14 -3.12
CA MET A 81 7.01 3.89 -3.39
C MET A 81 8.39 3.90 -2.76
N GLU A 82 9.10 5.00 -2.94
CA GLU A 82 10.42 5.17 -2.40
C GLU A 82 10.36 5.12 -0.88
N THR A 83 9.35 5.78 -0.32
CA THR A 83 9.13 5.78 1.11
C THR A 83 8.88 4.36 1.62
N LEU A 84 7.98 3.63 0.94
CA LEU A 84 7.65 2.26 1.33
C LEU A 84 8.87 1.40 1.35
N ARG A 85 9.57 1.35 0.23
CA ARG A 85 10.74 0.49 0.11
C ARG A 85 11.83 0.89 1.13
N ARG A 86 11.91 2.19 1.39
CA ARG A 86 12.86 2.72 2.36
C ARG A 86 12.52 2.24 3.74
N SER A 87 11.28 2.42 4.13
CA SER A 87 10.85 2.05 5.44
C SER A 87 10.94 0.56 5.66
N MET A 88 10.71 -0.22 4.63
CA MET A 88 10.80 -1.67 4.74
C MET A 88 12.24 -2.09 4.98
N SER A 89 13.15 -1.47 4.27
CA SER A 89 14.54 -1.80 4.34
C SER A 89 15.20 -1.16 5.57
N THR A 90 14.97 0.12 5.77
CA THR A 90 15.59 0.87 6.83
C THR A 90 14.96 0.57 8.18
N GLU A 91 13.67 0.73 8.27
CA GLU A 91 12.97 0.62 9.54
C GLU A 91 12.48 -0.80 9.81
N GLY A 92 11.98 -1.45 8.77
CA GLY A 92 11.46 -2.80 8.88
C GLY A 92 12.47 -3.77 9.43
N ASN A 93 13.60 -3.88 8.75
CA ASN A 93 14.66 -4.75 9.22
C ASN A 93 15.47 -4.06 10.30
N LYS A 94 14.82 -3.88 11.43
CA LYS A 94 15.36 -3.26 12.61
C LYS A 94 14.32 -3.39 13.71
N ARG A 95 13.10 -2.94 13.41
CA ARG A 95 11.98 -2.97 14.35
C ARG A 95 11.54 -4.41 14.61
N GLY A 96 11.88 -5.31 13.68
CA GLY A 96 11.55 -6.72 13.82
C GLY A 96 10.29 -7.04 13.08
N MET A 97 9.45 -6.07 13.00
CA MET A 97 8.23 -6.15 12.30
C MET A 97 7.95 -4.82 11.66
N ILE A 98 7.20 -4.85 10.63
CA ILE A 98 6.85 -3.69 9.92
C ILE A 98 5.38 -3.38 10.13
N GLN A 99 5.11 -2.16 10.41
CA GLN A 99 3.79 -1.73 10.71
C GLN A 99 3.17 -1.04 9.51
N LEU A 100 2.03 -1.48 9.10
CA LEU A 100 1.35 -0.88 7.98
C LEU A 100 0.02 -0.36 8.45
N ILE A 101 -0.21 0.90 8.25
CA ILE A 101 -1.48 1.48 8.57
C ILE A 101 -2.21 1.70 7.28
N VAL A 102 -3.31 1.05 7.10
CA VAL A 102 -4.06 1.13 5.87
C VAL A 102 -5.48 1.59 6.17
N ALA A 103 -6.08 2.23 5.21
CA ALA A 103 -7.40 2.76 5.38
C ALA A 103 -8.42 2.07 4.51
N ARG A 104 -9.61 1.97 5.02
CA ARG A 104 -10.72 1.44 4.29
C ARG A 104 -11.93 2.27 4.58
N ARG A 105 -12.86 2.27 3.69
CA ARG A 105 -14.10 2.92 3.94
C ARG A 105 -15.08 1.96 4.51
N ILE A 106 -15.63 2.32 5.64
CA ILE A 106 -16.62 1.49 6.34
C ILE A 106 -17.91 1.49 5.52
N SER A 107 -17.98 2.45 4.67
CA SER A 107 -19.12 2.70 3.83
C SER A 107 -19.12 1.82 2.56
N ARG A 108 -18.15 0.91 2.42
CA ARG A 108 -18.13 0.09 1.24
C ARG A 108 -18.92 -1.20 1.41
N CYS A 109 -19.75 -1.48 0.46
CA CYS A 109 -20.46 -2.71 0.41
C CYS A 109 -20.16 -3.34 -0.92
N ASN A 110 -19.04 -4.04 -0.98
CA ASN A 110 -18.57 -4.64 -2.20
C ASN A 110 -17.38 -5.51 -1.90
N GLU A 111 -17.30 -6.63 -2.55
CA GLU A 111 -16.16 -7.53 -2.38
C GLU A 111 -15.86 -8.22 -3.70
N MET B 1 -11.41 14.06 -34.36
CA MET B 1 -10.41 14.69 -33.52
C MET B 1 -9.68 13.65 -32.71
N LEU B 2 -8.41 13.85 -32.50
CA LEU B 2 -7.60 12.91 -31.77
C LEU B 2 -6.84 13.62 -30.67
N ALA B 3 -6.65 12.93 -29.59
CA ALA B 3 -5.84 13.42 -28.51
C ALA B 3 -4.60 12.56 -28.43
N GLU B 4 -4.83 11.29 -28.14
CA GLU B 4 -3.82 10.24 -28.05
C GLU B 4 -2.76 10.58 -27.03
N LEU B 5 -3.01 10.12 -25.82
CA LEU B 5 -2.15 10.34 -24.65
C LEU B 5 -2.04 11.83 -24.32
N TYR B 6 -2.81 12.25 -23.36
CA TYR B 6 -2.79 13.63 -22.94
C TYR B 6 -2.30 13.67 -21.52
N GLY B 7 -3.12 13.13 -20.64
CA GLY B 7 -2.80 13.13 -19.28
C GLY B 7 -3.64 12.15 -18.51
N SER B 8 -3.11 11.01 -18.30
CA SER B 8 -3.70 9.98 -17.54
C SER B 8 -2.64 9.51 -16.57
N ASP B 9 -2.93 8.53 -15.82
CA ASP B 9 -1.98 8.03 -14.86
C ASP B 9 -1.57 6.62 -15.18
N PRO B 10 -0.26 6.39 -15.31
CA PRO B 10 0.30 5.10 -15.74
C PRO B 10 0.13 3.99 -14.73
N GLN B 11 -0.17 4.37 -13.49
CA GLN B 11 -0.36 3.45 -12.38
C GLN B 11 0.94 2.72 -12.05
N GLU B 12 1.67 3.26 -11.11
CA GLU B 12 2.88 2.63 -10.67
C GLU B 12 2.57 1.51 -9.71
N GLU B 13 3.11 0.38 -10.02
CA GLU B 13 2.91 -0.84 -9.28
C GLU B 13 4.19 -1.33 -8.71
N LEU B 14 4.15 -1.66 -7.46
CA LEU B 14 5.28 -2.11 -6.76
C LEU B 14 4.95 -3.33 -5.96
N ILE B 15 5.76 -4.33 -6.06
CA ILE B 15 5.62 -5.49 -5.24
C ILE B 15 6.54 -5.33 -4.05
N ILE B 16 5.99 -5.45 -2.88
CA ILE B 16 6.74 -5.36 -1.70
C ILE B 16 6.86 -6.74 -1.11
N GLY A 1 -18.50 12.10 14.23
CA GLY A 1 -19.65 11.83 13.39
C GLY A 1 -19.20 11.41 12.02
N SER A 2 -19.85 10.39 11.44
CA SER A 2 -19.53 9.87 10.11
C SER A 2 -18.11 9.27 10.09
N ASP A 3 -17.72 8.76 11.25
CA ASP A 3 -16.40 8.17 11.45
C ASP A 3 -16.34 6.81 10.80
N GLY A 4 -17.50 6.22 10.61
CA GLY A 4 -17.59 4.91 10.03
C GLY A 4 -17.59 4.93 8.50
N THR A 5 -17.03 5.97 7.91
CA THR A 5 -16.90 6.03 6.48
C THR A 5 -15.69 5.20 6.08
N ARG A 6 -14.55 5.60 6.61
CA ARG A 6 -13.33 4.87 6.41
C ARG A 6 -12.59 4.87 7.73
N GLU A 7 -11.88 3.83 7.99
CA GLU A 7 -11.13 3.75 9.20
C GLU A 7 -9.74 3.25 8.95
N PHE A 8 -8.87 3.56 9.85
CA PHE A 8 -7.50 3.18 9.76
C PHE A 8 -7.24 1.89 10.50
N LEU A 9 -6.73 0.92 9.79
CA LEU A 9 -6.39 -0.35 10.39
C LEU A 9 -4.91 -0.50 10.43
N THR A 10 -4.42 -1.11 11.46
CA THR A 10 -3.02 -1.31 11.59
C THR A 10 -2.71 -2.79 11.45
N PHE A 11 -1.89 -3.09 10.50
CA PHE A 11 -1.47 -4.44 10.26
C PHE A 11 0.02 -4.51 10.45
N GLU A 12 0.46 -5.32 11.37
CA GLU A 12 1.88 -5.40 11.64
C GLU A 12 2.42 -6.73 11.19
N VAL A 13 3.36 -6.66 10.33
CA VAL A 13 3.90 -7.80 9.65
C VAL A 13 5.34 -8.01 10.06
N PRO A 14 5.67 -9.13 10.67
CA PRO A 14 7.03 -9.40 11.07
C PRO A 14 7.86 -9.85 9.88
N LEU A 15 9.14 -9.54 9.92
CA LEU A 15 10.05 -10.00 8.91
C LEU A 15 10.31 -11.49 9.14
N ASN A 16 9.40 -12.28 8.61
CA ASN A 16 9.44 -13.74 8.77
C ASN A 16 9.90 -14.44 7.48
N ASP A 17 9.03 -14.52 6.50
CA ASP A 17 9.35 -15.17 5.21
C ASP A 17 9.64 -14.06 4.20
N SER A 18 10.16 -12.98 4.73
CA SER A 18 10.42 -11.77 3.98
C SER A 18 11.58 -11.88 2.97
N GLY A 19 12.07 -13.07 2.77
CA GLY A 19 13.09 -13.29 1.81
C GLY A 19 12.51 -13.57 0.43
N SER A 20 11.26 -14.02 0.39
CA SER A 20 10.59 -14.28 -0.86
C SER A 20 10.01 -12.99 -1.42
N ALA A 21 9.56 -12.20 -0.52
CA ALA A 21 9.01 -10.92 -0.71
C ALA A 21 8.98 -10.33 0.66
N GLY A 22 9.06 -9.04 0.76
CA GLY A 22 9.15 -8.40 2.07
C GLY A 22 7.93 -8.65 2.89
N LEU A 23 6.82 -8.33 2.34
CA LEU A 23 5.57 -8.59 2.95
C LEU A 23 4.82 -9.56 2.12
N GLY A 24 5.03 -9.45 0.83
CA GLY A 24 4.37 -10.27 -0.08
C GLY A 24 3.09 -9.64 -0.45
N VAL A 25 3.16 -8.37 -0.75
CA VAL A 25 2.02 -7.67 -1.22
C VAL A 25 2.46 -6.90 -2.43
N SER A 26 1.57 -6.66 -3.31
CA SER A 26 1.83 -5.80 -4.38
C SER A 26 0.94 -4.62 -4.23
N VAL A 27 1.49 -3.48 -4.39
CA VAL A 27 0.77 -2.27 -4.31
C VAL A 27 0.95 -1.44 -5.54
N LYS A 28 0.04 -0.55 -5.74
CA LYS A 28 0.08 0.33 -6.89
C LYS A 28 -0.53 1.65 -6.51
N GLY A 29 -0.14 2.68 -7.15
CA GLY A 29 -0.66 3.96 -6.81
C GLY A 29 -1.50 4.56 -7.87
N ASN A 30 -2.68 4.97 -7.49
CA ASN A 30 -3.59 5.64 -8.39
C ASN A 30 -3.60 7.10 -8.05
N ARG A 31 -3.62 7.92 -9.05
CA ARG A 31 -3.72 9.34 -8.88
C ARG A 31 -4.71 9.88 -9.84
N SER A 32 -5.16 11.04 -9.58
CA SER A 32 -5.98 11.75 -10.50
C SER A 32 -5.13 12.23 -11.64
N LYS A 33 -5.69 12.04 -12.83
CA LYS A 33 -4.97 12.13 -14.09
C LYS A 33 -3.93 13.18 -14.23
N GLU A 34 -2.74 12.67 -14.48
CA GLU A 34 -1.49 13.44 -14.57
C GLU A 34 -1.08 13.78 -13.18
N ASN A 35 -1.70 14.79 -12.65
CA ASN A 35 -1.55 15.13 -11.27
C ASN A 35 -2.57 16.13 -10.84
N HIS A 36 -3.79 15.67 -10.73
CA HIS A 36 -4.79 16.52 -10.10
C HIS A 36 -4.62 16.41 -8.62
N ALA A 37 -4.24 15.20 -8.21
CA ALA A 37 -3.98 14.83 -6.83
C ALA A 37 -3.72 13.35 -6.84
N ASP A 38 -3.01 12.85 -5.88
CA ASP A 38 -2.82 11.42 -5.80
C ASP A 38 -3.96 10.82 -5.01
N LEU A 39 -4.33 9.61 -5.32
CA LEU A 39 -5.38 8.92 -4.58
C LEU A 39 -4.72 7.98 -3.60
N GLY A 40 -3.41 7.96 -3.65
CA GLY A 40 -2.62 7.17 -2.75
C GLY A 40 -2.23 5.84 -3.32
N ILE A 41 -1.64 5.03 -2.49
CA ILE A 41 -1.20 3.70 -2.87
C ILE A 41 -2.27 2.70 -2.42
N PHE A 42 -2.61 1.78 -3.27
CA PHE A 42 -3.61 0.78 -2.97
C PHE A 42 -3.04 -0.60 -3.21
N VAL A 43 -3.45 -1.55 -2.40
CA VAL A 43 -3.09 -2.94 -2.60
C VAL A 43 -3.76 -3.46 -3.88
N LYS A 44 -3.00 -4.14 -4.70
CA LYS A 44 -3.50 -4.72 -5.95
C LYS A 44 -3.62 -6.23 -5.86
N SER A 45 -2.63 -6.84 -5.28
CA SER A 45 -2.58 -8.27 -5.16
C SER A 45 -1.84 -8.70 -3.90
N ILE A 46 -2.34 -9.71 -3.25
CA ILE A 46 -1.68 -10.29 -2.10
C ILE A 46 -0.89 -11.50 -2.54
N ILE A 47 0.34 -11.55 -2.15
CA ILE A 47 1.17 -12.68 -2.47
C ILE A 47 0.98 -13.73 -1.39
N ASN A 48 0.38 -14.84 -1.78
CA ASN A 48 0.04 -15.91 -0.85
C ASN A 48 1.28 -16.55 -0.28
N GLY A 49 1.41 -16.48 1.02
CA GLY A 49 2.54 -17.08 1.67
C GLY A 49 3.45 -16.06 2.28
N GLY A 50 3.28 -14.81 1.88
CA GLY A 50 4.05 -13.74 2.45
C GLY A 50 3.68 -13.50 3.91
N ALA A 51 4.51 -12.77 4.61
CA ALA A 51 4.27 -12.50 6.02
C ALA A 51 3.02 -11.65 6.22
N ALA A 52 2.81 -10.69 5.33
CA ALA A 52 1.62 -9.84 5.38
C ALA A 52 0.41 -10.63 4.98
N SER A 53 0.66 -11.63 4.21
CA SER A 53 -0.39 -12.52 3.75
C SER A 53 -0.88 -13.37 4.90
N LYS A 54 0.05 -13.99 5.62
CA LYS A 54 -0.29 -14.87 6.72
C LYS A 54 -0.76 -14.10 7.95
N ASP A 55 0.03 -13.14 8.40
CA ASP A 55 -0.29 -12.40 9.62
C ASP A 55 -1.31 -11.30 9.37
N GLY A 56 -1.02 -10.46 8.40
CA GLY A 56 -1.83 -9.28 8.16
C GLY A 56 -3.17 -9.59 7.56
N ARG A 57 -3.18 -10.49 6.56
CA ARG A 57 -4.43 -10.93 5.92
C ARG A 57 -5.21 -9.75 5.33
N LEU A 58 -4.48 -8.79 4.78
CA LEU A 58 -5.08 -7.59 4.15
C LEU A 58 -5.90 -7.94 2.91
N ARG A 59 -6.51 -6.95 2.36
CA ARG A 59 -7.36 -7.13 1.19
C ARG A 59 -6.78 -6.39 0.02
N VAL A 60 -7.32 -6.64 -1.13
CA VAL A 60 -7.02 -5.87 -2.30
C VAL A 60 -7.78 -4.55 -2.15
N ASN A 61 -7.20 -3.46 -2.64
CA ASN A 61 -7.84 -2.12 -2.62
C ASN A 61 -7.63 -1.35 -1.29
N ASP A 62 -6.93 -1.96 -0.29
CA ASP A 62 -6.58 -1.18 0.91
C ASP A 62 -5.65 -0.02 0.54
N GLN A 63 -6.00 1.18 0.95
CA GLN A 63 -5.22 2.36 0.63
C GLN A 63 -4.14 2.55 1.73
N LEU A 64 -2.88 2.43 1.33
CA LEU A 64 -1.74 2.54 2.24
C LEU A 64 -1.48 3.98 2.70
N ILE A 65 -1.61 4.18 3.99
CA ILE A 65 -1.51 5.50 4.62
C ILE A 65 -0.12 5.71 5.20
N ALA A 66 0.28 4.81 6.04
CA ALA A 66 1.53 4.92 6.72
C ALA A 66 2.21 3.58 6.78
N VAL A 67 3.51 3.61 6.88
CA VAL A 67 4.28 2.41 6.92
C VAL A 67 5.40 2.56 7.96
N ASN A 68 5.65 1.50 8.72
CA ASN A 68 6.69 1.43 9.75
C ASN A 68 6.52 2.53 10.82
N GLY A 69 5.32 3.08 10.91
CA GLY A 69 5.05 4.11 11.88
C GLY A 69 5.25 5.51 11.33
N GLU A 70 5.50 5.61 10.03
CA GLU A 70 5.69 6.87 9.36
C GLU A 70 4.61 7.06 8.29
N SER A 71 4.00 8.22 8.26
CA SER A 71 2.89 8.49 7.35
C SER A 71 3.35 9.02 5.99
N LEU A 72 2.73 8.50 4.95
CA LEU A 72 3.04 8.90 3.59
C LEU A 72 1.92 9.69 3.00
N LEU A 73 0.78 9.66 3.67
CA LEU A 73 -0.42 10.33 3.22
C LEU A 73 -0.16 11.84 3.04
N GLY A 74 0.05 12.22 1.81
CA GLY A 74 0.34 13.60 1.49
C GLY A 74 1.35 13.71 0.37
N LYS A 75 2.18 12.69 0.23
CA LYS A 75 3.18 12.70 -0.82
C LYS A 75 2.68 11.92 -2.03
N ALA A 76 3.24 12.20 -3.20
CA ALA A 76 2.83 11.58 -4.46
C ALA A 76 3.04 10.05 -4.44
N ASN A 77 2.48 9.36 -5.44
CA ASN A 77 2.49 7.89 -5.51
C ASN A 77 3.90 7.34 -5.56
N GLN A 78 4.73 7.92 -6.42
CA GLN A 78 6.09 7.46 -6.57
C GLN A 78 6.92 7.84 -5.34
N GLU A 79 6.58 8.99 -4.74
CA GLU A 79 7.23 9.43 -3.50
C GLU A 79 6.93 8.44 -2.40
N ALA A 80 5.69 7.97 -2.39
CA ALA A 80 5.26 7.01 -1.42
C ALA A 80 6.07 5.73 -1.54
N MET A 81 6.29 5.28 -2.76
CA MET A 81 7.09 4.09 -2.99
C MET A 81 8.52 4.28 -2.55
N GLU A 82 9.03 5.48 -2.78
CA GLU A 82 10.36 5.85 -2.40
C GLU A 82 10.50 5.79 -0.87
N THR A 83 9.42 6.12 -0.19
CA THR A 83 9.37 6.03 1.24
C THR A 83 9.25 4.55 1.66
N LEU A 84 8.26 3.84 1.06
CA LEU A 84 7.97 2.42 1.37
C LEU A 84 9.21 1.56 1.32
N ARG A 85 9.90 1.58 0.17
CA ARG A 85 11.08 0.75 -0.05
C ARG A 85 12.13 0.98 1.06
N ARG A 86 12.26 2.22 1.47
CA ARG A 86 13.21 2.65 2.47
C ARG A 86 12.77 2.25 3.84
N SER A 87 11.54 2.49 4.18
CA SER A 87 11.02 2.19 5.49
C SER A 87 11.11 0.68 5.78
N MET A 88 10.90 -0.13 4.75
CA MET A 88 10.98 -1.58 4.88
C MET A 88 12.41 -2.01 5.23
N SER A 89 13.35 -1.32 4.66
CA SER A 89 14.74 -1.65 4.81
C SER A 89 15.32 -0.97 6.06
N THR A 90 15.08 0.32 6.20
CA THR A 90 15.64 1.09 7.28
C THR A 90 14.94 0.79 8.62
N GLU A 91 13.62 0.76 8.60
CA GLU A 91 12.86 0.49 9.82
C GLU A 91 12.54 -0.98 9.98
N GLY A 92 12.08 -1.60 8.90
CA GLY A 92 11.69 -3.00 8.92
C GLY A 92 12.79 -3.91 9.42
N ASN A 93 13.90 -3.93 8.72
CA ASN A 93 15.01 -4.75 9.16
C ASN A 93 15.83 -3.98 10.18
N LYS A 94 15.30 -3.96 11.38
CA LYS A 94 15.84 -3.25 12.52
C LYS A 94 14.86 -3.41 13.67
N ARG A 95 13.59 -3.20 13.36
CA ARG A 95 12.54 -3.25 14.36
C ARG A 95 11.88 -4.61 14.42
N GLY A 96 12.28 -5.51 13.56
CA GLY A 96 11.76 -6.86 13.57
C GLY A 96 10.48 -7.01 12.78
N MET A 97 9.64 -6.01 12.84
CA MET A 97 8.38 -6.06 12.12
C MET A 97 8.10 -4.74 11.46
N ILE A 98 7.31 -4.79 10.44
CA ILE A 98 6.91 -3.66 9.71
C ILE A 98 5.41 -3.40 9.94
N GLN A 99 5.10 -2.16 10.20
CA GLN A 99 3.75 -1.76 10.51
C GLN A 99 3.10 -1.11 9.31
N LEU A 100 1.93 -1.57 8.95
CA LEU A 100 1.23 -1.03 7.83
C LEU A 100 -0.06 -0.42 8.30
N ILE A 101 -0.28 0.79 7.92
CA ILE A 101 -1.50 1.46 8.22
C ILE A 101 -2.20 1.71 6.95
N VAL A 102 -3.35 1.16 6.84
CA VAL A 102 -4.13 1.31 5.65
C VAL A 102 -5.46 1.89 5.99
N ALA A 103 -6.11 2.41 5.00
CA ALA A 103 -7.39 2.98 5.16
C ALA A 103 -8.38 2.09 4.52
N ARG A 104 -9.34 1.74 5.28
CA ARG A 104 -10.32 0.82 4.88
C ARG A 104 -11.62 1.54 4.71
N ARG A 105 -12.14 1.48 3.51
CA ARG A 105 -13.46 1.99 3.27
C ARG A 105 -14.39 0.87 3.60
N ILE A 106 -15.31 1.12 4.50
CA ILE A 106 -16.24 0.12 4.99
C ILE A 106 -17.06 -0.43 3.85
N SER A 107 -16.71 -1.60 3.44
CA SER A 107 -17.36 -2.26 2.35
C SER A 107 -17.00 -3.75 2.34
N ARG A 108 -15.73 -4.05 2.03
CA ARG A 108 -15.15 -5.40 1.97
C ARG A 108 -15.67 -6.17 0.70
N CYS A 109 -16.92 -5.92 0.35
CA CYS A 109 -17.52 -6.43 -0.86
C CYS A 109 -16.82 -5.81 -2.06
N ASN A 110 -16.72 -6.55 -3.13
CA ASN A 110 -16.03 -6.08 -4.32
C ASN A 110 -16.54 -6.80 -5.56
N GLU A 111 -16.63 -6.07 -6.64
CA GLU A 111 -17.13 -6.61 -7.90
C GLU A 111 -16.37 -5.99 -9.08
N MET B 1 -10.74 2.29 -32.44
CA MET B 1 -9.55 3.01 -32.02
C MET B 1 -9.79 3.66 -30.67
N LEU B 2 -10.88 4.37 -30.58
CA LEU B 2 -11.24 5.03 -29.34
C LEU B 2 -12.19 4.16 -28.56
N ALA B 3 -11.66 3.46 -27.61
CA ALA B 3 -12.46 2.63 -26.75
C ALA B 3 -12.56 3.26 -25.37
N GLU B 4 -11.42 3.59 -24.80
CA GLU B 4 -11.38 4.19 -23.49
C GLU B 4 -10.28 5.26 -23.44
N LEU B 5 -10.58 6.36 -22.82
CA LEU B 5 -9.61 7.41 -22.61
C LEU B 5 -9.50 7.67 -21.13
N TYR B 6 -8.37 7.30 -20.59
CA TYR B 6 -8.15 7.41 -19.17
C TYR B 6 -7.17 8.53 -18.93
N GLY B 7 -6.00 8.36 -19.45
CA GLY B 7 -4.94 9.30 -19.29
C GLY B 7 -3.63 8.58 -19.34
N SER B 8 -2.56 9.29 -19.58
CA SER B 8 -1.27 8.68 -19.67
C SER B 8 -0.62 8.50 -18.30
N ASP B 9 -1.18 7.58 -17.55
CA ASP B 9 -0.68 7.14 -16.28
C ASP B 9 -0.88 5.66 -16.24
N PRO B 10 0.15 4.88 -15.97
CA PRO B 10 0.04 3.43 -15.93
C PRO B 10 -0.24 2.89 -14.54
N GLN B 11 -0.31 3.80 -13.54
CA GLN B 11 -0.46 3.44 -12.12
C GLN B 11 0.72 2.55 -11.71
N GLU B 12 1.77 3.17 -11.20
CA GLU B 12 3.00 2.45 -10.84
C GLU B 12 2.70 1.34 -9.85
N GLU B 13 3.32 0.19 -10.07
CA GLU B 13 3.12 -0.99 -9.23
C GLU B 13 4.41 -1.37 -8.55
N LEU B 14 4.33 -1.59 -7.26
CA LEU B 14 5.43 -1.96 -6.46
C LEU B 14 5.13 -3.22 -5.67
N ILE B 15 6.00 -4.18 -5.75
CA ILE B 15 5.89 -5.37 -4.95
C ILE B 15 6.75 -5.20 -3.72
N ILE B 16 6.18 -5.38 -2.58
CA ILE B 16 6.90 -5.24 -1.37
C ILE B 16 7.17 -6.58 -0.72
N GLY A 1 -13.04 11.59 14.87
CA GLY A 1 -13.67 12.49 13.90
C GLY A 1 -14.92 11.88 13.34
N SER A 2 -15.45 12.45 12.31
CA SER A 2 -16.67 11.95 11.71
C SER A 2 -16.68 12.37 10.24
N ASP A 3 -17.68 11.90 9.50
CA ASP A 3 -17.80 12.14 8.06
C ASP A 3 -16.62 11.58 7.31
N GLY A 4 -16.76 10.37 6.94
CA GLY A 4 -15.72 9.64 6.29
C GLY A 4 -15.82 8.22 6.70
N THR A 5 -16.55 7.45 5.93
CA THR A 5 -16.80 6.07 6.28
C THR A 5 -15.59 5.20 5.95
N ARG A 6 -14.56 5.40 6.72
CA ARG A 6 -13.36 4.65 6.62
C ARG A 6 -12.76 4.48 8.00
N GLU A 7 -12.05 3.42 8.19
CA GLU A 7 -11.38 3.18 9.43
C GLU A 7 -9.94 2.85 9.15
N PHE A 8 -9.12 2.99 10.15
CA PHE A 8 -7.71 2.72 10.03
C PHE A 8 -7.37 1.42 10.67
N LEU A 9 -6.67 0.61 9.95
CA LEU A 9 -6.23 -0.65 10.46
C LEU A 9 -4.75 -0.73 10.47
N THR A 10 -4.25 -1.14 11.56
CA THR A 10 -2.87 -1.30 11.73
C THR A 10 -2.53 -2.78 11.74
N PHE A 11 -1.68 -3.16 10.85
CA PHE A 11 -1.25 -4.51 10.73
C PHE A 11 0.22 -4.58 10.99
N GLU A 12 0.62 -5.51 11.78
CA GLU A 12 2.01 -5.70 12.02
C GLU A 12 2.45 -6.99 11.40
N VAL A 13 3.47 -6.92 10.63
CA VAL A 13 3.94 -8.05 9.90
C VAL A 13 5.33 -8.32 10.33
N PRO A 14 5.58 -9.45 10.94
CA PRO A 14 6.92 -9.81 11.29
C PRO A 14 7.62 -10.27 10.05
N LEU A 15 8.87 -9.98 9.95
CA LEU A 15 9.62 -10.37 8.81
C LEU A 15 10.00 -11.81 8.95
N ASN A 16 9.06 -12.64 8.57
CA ASN A 16 9.20 -14.09 8.66
C ASN A 16 10.25 -14.54 7.68
N ASP A 17 9.91 -14.54 6.43
CA ASP A 17 10.85 -14.85 5.39
C ASP A 17 11.27 -13.55 4.79
N SER A 18 10.36 -12.96 4.04
CA SER A 18 10.49 -11.60 3.52
C SER A 18 11.65 -11.38 2.56
N GLY A 19 12.34 -12.44 2.21
CA GLY A 19 13.47 -12.28 1.35
C GLY A 19 13.07 -12.10 -0.09
N SER A 20 12.13 -12.89 -0.53
CA SER A 20 11.64 -12.82 -1.89
C SER A 20 10.67 -11.66 -2.03
N ALA A 21 9.89 -11.50 -1.04
CA ALA A 21 8.96 -10.44 -0.97
C ALA A 21 8.88 -10.04 0.46
N GLY A 22 9.05 -8.78 0.71
CA GLY A 22 9.15 -8.27 2.05
C GLY A 22 7.91 -8.53 2.83
N LEU A 23 6.81 -8.11 2.29
CA LEU A 23 5.56 -8.34 2.93
C LEU A 23 4.82 -9.36 2.13
N GLY A 24 5.13 -9.39 0.86
CA GLY A 24 4.49 -10.27 -0.03
C GLY A 24 3.18 -9.71 -0.41
N VAL A 25 3.21 -8.46 -0.77
CA VAL A 25 2.05 -7.80 -1.25
C VAL A 25 2.48 -7.01 -2.44
N SER A 26 1.60 -6.78 -3.33
CA SER A 26 1.87 -5.93 -4.40
C SER A 26 1.00 -4.73 -4.24
N VAL A 27 1.54 -3.61 -4.47
CA VAL A 27 0.81 -2.41 -4.40
C VAL A 27 0.91 -1.65 -5.68
N LYS A 28 0.02 -0.74 -5.82
CA LYS A 28 -0.09 0.09 -6.98
C LYS A 28 -0.43 1.48 -6.50
N GLY A 29 -0.06 2.45 -7.24
CA GLY A 29 -0.44 3.77 -6.89
C GLY A 29 -1.45 4.27 -7.87
N ASN A 30 -2.62 4.57 -7.38
CA ASN A 30 -3.65 5.05 -8.25
C ASN A 30 -3.63 6.56 -8.22
N ARG A 31 -3.66 7.12 -9.37
CA ARG A 31 -3.55 8.53 -9.54
C ARG A 31 -4.58 8.98 -10.53
N SER A 32 -5.37 9.92 -10.13
CA SER A 32 -6.39 10.44 -10.99
C SER A 32 -5.78 11.39 -11.99
N LYS A 33 -5.88 11.08 -13.27
CA LYS A 33 -5.30 11.92 -14.29
C LYS A 33 -6.15 13.14 -14.55
N GLU A 34 -7.45 12.93 -14.56
CA GLU A 34 -8.38 14.01 -14.82
C GLU A 34 -8.45 14.94 -13.62
N ASN A 35 -8.50 14.36 -12.44
CA ASN A 35 -8.57 15.15 -11.21
C ASN A 35 -7.19 15.71 -10.85
N HIS A 36 -6.15 15.16 -11.52
CA HIS A 36 -4.75 15.60 -11.38
C HIS A 36 -4.19 15.41 -9.97
N ALA A 37 -4.81 14.54 -9.22
CA ALA A 37 -4.39 14.27 -7.87
C ALA A 37 -4.16 12.79 -7.72
N ASP A 38 -3.32 12.42 -6.79
CA ASP A 38 -3.05 11.03 -6.55
C ASP A 38 -4.08 10.54 -5.56
N LEU A 39 -4.40 9.30 -5.63
CA LEU A 39 -5.34 8.73 -4.71
C LEU A 39 -4.59 7.94 -3.65
N GLY A 40 -3.30 7.86 -3.84
CA GLY A 40 -2.46 7.15 -2.90
C GLY A 40 -2.04 5.79 -3.40
N ILE A 41 -1.40 5.03 -2.54
CA ILE A 41 -0.97 3.69 -2.86
C ILE A 41 -2.01 2.70 -2.35
N PHE A 42 -2.37 1.73 -3.15
CA PHE A 42 -3.37 0.76 -2.81
C PHE A 42 -2.84 -0.63 -3.06
N VAL A 43 -3.27 -1.58 -2.27
CA VAL A 43 -2.93 -2.97 -2.53
C VAL A 43 -3.60 -3.45 -3.81
N LYS A 44 -2.82 -3.98 -4.70
CA LYS A 44 -3.35 -4.48 -5.95
C LYS A 44 -3.56 -5.98 -5.89
N SER A 45 -2.60 -6.68 -5.34
CA SER A 45 -2.63 -8.12 -5.28
C SER A 45 -1.88 -8.58 -4.05
N ILE A 46 -2.33 -9.65 -3.46
CA ILE A 46 -1.70 -10.24 -2.32
C ILE A 46 -0.85 -11.41 -2.75
N ILE A 47 0.37 -11.46 -2.29
CA ILE A 47 1.28 -12.53 -2.65
C ILE A 47 1.10 -13.71 -1.70
N ASN A 48 0.76 -14.84 -2.27
CA ASN A 48 0.55 -16.05 -1.50
C ASN A 48 1.88 -16.50 -0.93
N GLY A 49 1.95 -16.55 0.37
CA GLY A 49 3.17 -16.93 1.02
C GLY A 49 3.86 -15.73 1.64
N GLY A 50 3.21 -14.58 1.58
CA GLY A 50 3.77 -13.40 2.18
C GLY A 50 3.43 -13.31 3.65
N ALA A 51 4.29 -12.72 4.43
CA ALA A 51 4.05 -12.59 5.87
C ALA A 51 2.86 -11.69 6.13
N ALA A 52 2.74 -10.64 5.36
CA ALA A 52 1.64 -9.71 5.48
C ALA A 52 0.33 -10.38 5.14
N SER A 53 0.40 -11.40 4.33
CA SER A 53 -0.82 -12.07 3.94
C SER A 53 -1.35 -12.93 5.08
N LYS A 54 -0.48 -13.74 5.69
CA LYS A 54 -0.86 -14.61 6.73
C LYS A 54 -1.04 -13.87 8.07
N ASP A 55 -0.03 -13.09 8.43
CA ASP A 55 -0.02 -12.39 9.71
C ASP A 55 -0.90 -11.15 9.71
N GLY A 56 -0.72 -10.30 8.72
CA GLY A 56 -1.44 -9.05 8.71
C GLY A 56 -2.85 -9.17 8.18
N ARG A 57 -3.02 -9.91 7.09
CA ARG A 57 -4.33 -10.09 6.43
C ARG A 57 -4.90 -8.78 5.93
N LEU A 58 -4.37 -8.34 4.85
CA LEU A 58 -4.85 -7.12 4.19
C LEU A 58 -5.81 -7.49 3.09
N ARG A 59 -6.17 -6.54 2.29
CA ARG A 59 -7.17 -6.77 1.27
C ARG A 59 -6.73 -6.13 -0.02
N VAL A 60 -7.43 -6.39 -1.07
CA VAL A 60 -7.19 -5.70 -2.31
C VAL A 60 -7.85 -4.32 -2.24
N ASN A 61 -7.16 -3.33 -2.75
CA ASN A 61 -7.63 -1.94 -2.86
C ASN A 61 -7.58 -1.19 -1.51
N ASP A 62 -6.91 -1.74 -0.50
CA ASP A 62 -6.74 -0.94 0.70
C ASP A 62 -5.69 0.13 0.46
N GLN A 63 -5.93 1.30 0.99
CA GLN A 63 -5.07 2.43 0.75
C GLN A 63 -4.03 2.51 1.87
N LEU A 64 -2.77 2.40 1.49
CA LEU A 64 -1.65 2.43 2.42
C LEU A 64 -1.42 3.84 2.95
N ILE A 65 -1.72 4.02 4.21
CA ILE A 65 -1.68 5.29 4.89
C ILE A 65 -0.29 5.56 5.44
N ALA A 66 0.17 4.63 6.22
CA ALA A 66 1.44 4.78 6.87
C ALA A 66 2.15 3.44 6.95
N VAL A 67 3.45 3.50 7.09
CA VAL A 67 4.26 2.32 7.18
C VAL A 67 5.32 2.53 8.25
N ASN A 68 5.48 1.54 9.13
CA ASN A 68 6.41 1.62 10.29
C ASN A 68 6.21 2.88 11.15
N GLY A 69 5.00 3.43 11.09
CA GLY A 69 4.68 4.63 11.84
C GLY A 69 4.80 5.90 11.02
N GLU A 70 5.49 5.84 9.88
CA GLU A 70 5.67 7.00 9.03
C GLU A 70 4.52 7.10 8.04
N SER A 71 3.95 8.27 7.93
CA SER A 71 2.81 8.51 7.10
C SER A 71 3.20 9.01 5.70
N LEU A 72 2.35 8.74 4.72
CA LEU A 72 2.61 9.10 3.33
C LEU A 72 1.51 9.99 2.79
N LEU A 73 0.75 10.59 3.67
CA LEU A 73 -0.38 11.40 3.25
C LEU A 73 0.11 12.76 2.80
N GLY A 74 0.16 12.95 1.51
CA GLY A 74 0.54 14.23 0.98
C GLY A 74 1.53 14.12 -0.13
N LYS A 75 2.35 13.10 -0.09
CA LYS A 75 3.34 12.90 -1.11
C LYS A 75 2.77 12.11 -2.29
N ALA A 76 3.35 12.29 -3.46
CA ALA A 76 2.88 11.63 -4.68
C ALA A 76 3.13 10.12 -4.66
N ASN A 77 2.54 9.41 -5.62
CA ASN A 77 2.61 7.92 -5.69
C ASN A 77 4.04 7.42 -5.74
N GLN A 78 4.85 8.04 -6.58
CA GLN A 78 6.24 7.65 -6.73
C GLN A 78 7.04 7.96 -5.48
N GLU A 79 6.66 9.02 -4.80
CA GLU A 79 7.35 9.44 -3.60
C GLU A 79 6.99 8.48 -2.48
N ALA A 80 5.74 8.09 -2.47
CA ALA A 80 5.20 7.16 -1.51
C ALA A 80 5.94 5.83 -1.59
N MET A 81 6.21 5.38 -2.80
CA MET A 81 6.94 4.12 -2.97
C MET A 81 8.36 4.20 -2.48
N GLU A 82 9.01 5.34 -2.67
CA GLU A 82 10.34 5.53 -2.17
C GLU A 82 10.31 5.48 -0.63
N THR A 83 9.25 6.06 -0.07
CA THR A 83 9.03 6.04 1.36
C THR A 83 8.86 4.60 1.85
N LEU A 84 7.95 3.86 1.18
CA LEU A 84 7.65 2.47 1.54
C LEU A 84 8.89 1.61 1.51
N ARG A 85 9.58 1.61 0.38
CA ARG A 85 10.76 0.76 0.22
C ARG A 85 11.83 1.10 1.27
N ARG A 86 12.01 2.39 1.52
CA ARG A 86 12.98 2.87 2.50
C ARG A 86 12.61 2.39 3.88
N SER A 87 11.36 2.53 4.24
CA SER A 87 10.92 2.16 5.55
C SER A 87 10.98 0.66 5.75
N MET A 88 10.75 -0.09 4.69
CA MET A 88 10.80 -1.55 4.80
C MET A 88 12.24 -2.01 4.97
N SER A 89 13.11 -1.41 4.21
CA SER A 89 14.50 -1.77 4.27
C SER A 89 15.12 -1.23 5.56
N THR A 90 15.00 0.08 5.76
CA THR A 90 15.63 0.74 6.88
C THR A 90 14.99 0.37 8.20
N GLU A 91 13.70 0.53 8.29
CA GLU A 91 13.04 0.35 9.55
C GLU A 91 12.44 -1.06 9.73
N GLY A 92 12.29 -1.80 8.66
CA GLY A 92 11.81 -3.16 8.76
C GLY A 92 12.82 -4.02 9.52
N ASN A 93 14.09 -3.82 9.19
CA ASN A 93 15.18 -4.56 9.83
C ASN A 93 15.56 -3.93 11.17
N LYS A 94 14.79 -2.94 11.56
CA LYS A 94 14.98 -2.26 12.83
C LYS A 94 14.24 -3.03 13.92
N ARG A 95 12.98 -3.30 13.68
CA ARG A 95 12.15 -4.01 14.66
C ARG A 95 12.16 -5.50 14.41
N GLY A 96 12.44 -5.90 13.17
CA GLY A 96 12.37 -7.30 12.80
C GLY A 96 11.00 -7.62 12.26
N MET A 97 10.18 -6.60 12.28
CA MET A 97 8.83 -6.63 11.83
C MET A 97 8.54 -5.27 11.29
N ILE A 98 7.46 -5.16 10.65
CA ILE A 98 7.05 -3.94 10.04
C ILE A 98 5.58 -3.65 10.34
N GLN A 99 5.29 -2.40 10.51
CA GLN A 99 3.94 -1.95 10.81
C GLN A 99 3.31 -1.33 9.57
N LEU A 100 2.08 -1.64 9.30
CA LEU A 100 1.37 -1.08 8.18
C LEU A 100 0.07 -0.49 8.64
N ILE A 101 -0.22 0.68 8.18
CA ILE A 101 -1.49 1.31 8.47
C ILE A 101 -2.18 1.56 7.19
N VAL A 102 -3.27 0.91 7.03
CA VAL A 102 -4.04 1.02 5.82
C VAL A 102 -5.45 1.47 6.16
N ALA A 103 -6.11 2.04 5.21
CA ALA A 103 -7.45 2.51 5.41
C ALA A 103 -8.43 1.68 4.62
N ARG A 104 -9.56 1.45 5.19
CA ARG A 104 -10.60 0.73 4.51
C ARG A 104 -11.89 1.46 4.69
N ARG A 105 -12.72 1.41 3.71
CA ARG A 105 -14.03 1.92 3.85
C ARG A 105 -14.90 0.82 4.41
N ILE A 106 -15.83 1.15 5.24
CA ILE A 106 -16.68 0.12 5.81
C ILE A 106 -17.71 -0.32 4.79
N SER A 107 -17.36 -1.32 4.04
CA SER A 107 -18.21 -1.90 3.04
C SER A 107 -17.82 -3.36 2.89
N ARG A 108 -18.71 -4.25 3.28
CA ARG A 108 -18.44 -5.67 3.18
C ARG A 108 -18.62 -6.08 1.72
N CYS A 109 -19.47 -5.34 1.04
CA CYS A 109 -19.69 -5.51 -0.36
C CYS A 109 -18.97 -4.37 -1.07
N ASN A 110 -17.80 -4.66 -1.56
CA ASN A 110 -17.01 -3.68 -2.28
C ASN A 110 -17.21 -3.89 -3.77
N GLU A 111 -16.76 -5.04 -4.25
CA GLU A 111 -16.90 -5.48 -5.65
C GLU A 111 -16.39 -4.43 -6.64
N MET B 1 -6.35 -8.29 -26.30
CA MET B 1 -7.60 -8.20 -27.03
C MET B 1 -8.32 -6.93 -26.66
N LEU B 2 -8.21 -5.93 -27.54
CA LEU B 2 -8.77 -4.58 -27.31
C LEU B 2 -8.10 -3.96 -26.08
N ALA B 3 -6.99 -3.30 -26.29
CA ALA B 3 -6.24 -2.76 -25.17
C ALA B 3 -6.05 -1.27 -25.26
N GLU B 4 -7.01 -0.55 -24.73
CA GLU B 4 -6.94 0.89 -24.63
C GLU B 4 -6.96 1.22 -23.16
N LEU B 5 -5.96 1.91 -22.69
CA LEU B 5 -5.90 2.28 -21.30
C LEU B 5 -6.47 3.66 -21.08
N TYR B 6 -7.43 3.77 -20.17
CA TYR B 6 -7.97 5.07 -19.84
C TYR B 6 -6.97 5.70 -18.95
N GLY B 7 -6.39 4.86 -18.14
CA GLY B 7 -5.36 5.24 -17.28
C GLY B 7 -4.04 4.97 -17.95
N SER B 8 -3.72 5.76 -18.96
CA SER B 8 -2.47 5.63 -19.63
C SER B 8 -1.38 6.23 -18.77
N ASP B 9 -0.80 5.42 -17.96
CA ASP B 9 0.24 5.82 -17.05
C ASP B 9 1.37 4.86 -17.18
N PRO B 10 2.58 5.24 -16.70
CA PRO B 10 3.73 4.32 -16.64
C PRO B 10 3.44 3.13 -15.70
N GLN B 11 2.37 3.29 -14.91
CA GLN B 11 1.84 2.29 -14.01
C GLN B 11 2.77 2.03 -12.83
N GLU B 12 2.51 2.74 -11.76
CA GLU B 12 3.29 2.57 -10.57
C GLU B 12 2.79 1.43 -9.75
N GLU B 13 3.50 0.35 -9.81
CA GLU B 13 3.24 -0.82 -9.02
C GLU B 13 4.50 -1.32 -8.42
N LEU B 14 4.43 -1.61 -7.16
CA LEU B 14 5.53 -2.01 -6.41
C LEU B 14 5.22 -3.29 -5.67
N ILE B 15 6.09 -4.23 -5.76
CA ILE B 15 5.96 -5.43 -4.96
C ILE B 15 6.80 -5.25 -3.72
N ILE B 16 6.16 -5.31 -2.59
CA ILE B 16 6.84 -5.11 -1.36
C ILE B 16 7.20 -6.43 -0.73
N GLY A 1 -14.35 16.91 6.96
CA GLY A 1 -12.96 16.77 6.56
C GLY A 1 -12.42 15.43 6.96
N SER A 2 -12.27 15.23 8.25
CA SER A 2 -11.88 13.96 8.75
C SER A 2 -13.16 13.17 9.04
N ASP A 3 -13.59 12.43 8.06
CA ASP A 3 -14.86 11.74 8.14
C ASP A 3 -14.69 10.25 8.16
N GLY A 4 -15.70 9.55 8.63
CA GLY A 4 -15.62 8.12 8.77
C GLY A 4 -15.98 7.39 7.50
N THR A 5 -15.47 7.87 6.39
CA THR A 5 -15.67 7.20 5.14
C THR A 5 -14.61 6.09 5.03
N ARG A 6 -13.56 6.26 5.80
CA ARG A 6 -12.46 5.34 5.80
C ARG A 6 -12.01 5.09 7.24
N GLU A 7 -11.60 3.88 7.51
CA GLU A 7 -11.10 3.53 8.84
C GLU A 7 -9.69 2.96 8.72
N PHE A 8 -8.92 3.14 9.76
CA PHE A 8 -7.52 2.78 9.75
C PHE A 8 -7.24 1.55 10.56
N LEU A 9 -6.68 0.57 9.93
CA LEU A 9 -6.28 -0.64 10.61
C LEU A 9 -4.79 -0.74 10.59
N THR A 10 -4.26 -1.16 11.68
CA THR A 10 -2.84 -1.30 11.78
C THR A 10 -2.48 -2.77 11.80
N PHE A 11 -1.67 -3.18 10.88
CA PHE A 11 -1.20 -4.51 10.86
C PHE A 11 0.29 -4.51 11.07
N GLU A 12 0.77 -5.37 11.91
CA GLU A 12 2.18 -5.50 12.11
C GLU A 12 2.62 -6.85 11.66
N VAL A 13 3.44 -6.83 10.67
CA VAL A 13 3.83 -7.98 9.92
C VAL A 13 5.31 -8.25 10.07
N PRO A 14 5.71 -9.39 10.60
CA PRO A 14 7.11 -9.74 10.65
C PRO A 14 7.62 -10.06 9.25
N LEU A 15 8.87 -9.78 8.98
CA LEU A 15 9.44 -10.04 7.64
C LEU A 15 9.86 -11.51 7.50
N ASN A 16 9.30 -12.32 8.39
CA ASN A 16 9.61 -13.75 8.52
C ASN A 16 9.29 -14.53 7.26
N ASP A 17 8.01 -14.68 6.97
CA ASP A 17 7.56 -15.43 5.78
C ASP A 17 7.84 -14.67 4.52
N SER A 18 7.94 -13.37 4.66
CA SER A 18 8.25 -12.47 3.59
C SER A 18 9.59 -12.85 2.98
N GLY A 19 10.67 -12.71 3.76
CA GLY A 19 12.01 -13.11 3.34
C GLY A 19 12.54 -12.28 2.17
N SER A 20 12.02 -12.56 0.99
CA SER A 20 12.41 -11.87 -0.20
C SER A 20 11.50 -10.68 -0.43
N ALA A 21 10.41 -10.65 0.28
CA ALA A 21 9.51 -9.58 0.19
C ALA A 21 9.49 -8.91 1.53
N GLY A 22 8.79 -7.87 1.61
CA GLY A 22 8.66 -7.17 2.86
C GLY A 22 7.40 -7.57 3.54
N LEU A 23 6.34 -7.47 2.81
CA LEU A 23 5.04 -7.88 3.28
C LEU A 23 4.64 -9.11 2.50
N GLY A 24 4.95 -9.06 1.22
CA GLY A 24 4.58 -10.06 0.32
C GLY A 24 3.26 -9.68 -0.23
N VAL A 25 3.21 -8.46 -0.73
CA VAL A 25 2.04 -7.91 -1.34
C VAL A 25 2.49 -7.11 -2.54
N SER A 26 1.66 -6.97 -3.50
CA SER A 26 1.95 -6.11 -4.58
C SER A 26 1.05 -4.93 -4.44
N VAL A 27 1.58 -3.78 -4.60
CA VAL A 27 0.83 -2.59 -4.53
C VAL A 27 0.99 -1.76 -5.75
N LYS A 28 0.14 -0.82 -5.88
CA LYS A 28 0.18 0.13 -6.96
C LYS A 28 -0.37 1.43 -6.48
N GLY A 29 0.05 2.49 -7.07
CA GLY A 29 -0.46 3.74 -6.67
C GLY A 29 -1.42 4.27 -7.68
N ASN A 30 -2.57 4.68 -7.22
CA ASN A 30 -3.54 5.21 -8.10
C ASN A 30 -3.55 6.72 -7.95
N ARG A 31 -3.47 7.39 -9.06
CA ARG A 31 -3.39 8.79 -9.09
C ARG A 31 -4.43 9.31 -10.04
N SER A 32 -5.18 10.25 -9.59
CA SER A 32 -6.10 10.90 -10.45
C SER A 32 -5.34 12.07 -11.06
N LYS A 33 -4.75 11.82 -12.21
CA LYS A 33 -3.88 12.75 -12.86
C LYS A 33 -4.65 13.95 -13.39
N GLU A 34 -5.80 13.69 -13.96
CA GLU A 34 -6.64 14.73 -14.49
C GLU A 34 -7.22 15.57 -13.35
N ASN A 35 -7.38 14.93 -12.20
CA ASN A 35 -7.82 15.59 -10.98
C ASN A 35 -6.64 16.34 -10.34
N HIS A 36 -5.43 15.84 -10.63
CA HIS A 36 -4.15 16.38 -10.11
C HIS A 36 -3.96 16.07 -8.64
N ALA A 37 -4.51 14.94 -8.22
CA ALA A 37 -4.39 14.48 -6.86
C ALA A 37 -4.25 12.96 -6.83
N ASP A 38 -3.34 12.47 -6.03
CA ASP A 38 -3.11 11.04 -5.92
C ASP A 38 -4.14 10.49 -5.00
N LEU A 39 -4.47 9.25 -5.16
CA LEU A 39 -5.44 8.63 -4.30
C LEU A 39 -4.71 7.79 -3.25
N GLY A 40 -3.40 7.73 -3.41
CA GLY A 40 -2.58 6.98 -2.51
C GLY A 40 -2.14 5.65 -3.10
N ILE A 41 -1.45 4.87 -2.32
CA ILE A 41 -0.99 3.57 -2.72
C ILE A 41 -2.05 2.55 -2.32
N PHE A 42 -2.41 1.68 -3.21
CA PHE A 42 -3.42 0.68 -2.94
C PHE A 42 -2.86 -0.70 -3.17
N VAL A 43 -3.38 -1.64 -2.43
CA VAL A 43 -3.04 -3.02 -2.62
C VAL A 43 -3.53 -3.49 -3.97
N LYS A 44 -2.60 -3.90 -4.73
CA LYS A 44 -2.80 -4.37 -6.05
C LYS A 44 -3.21 -5.85 -6.02
N SER A 45 -2.36 -6.66 -5.46
CA SER A 45 -2.58 -8.09 -5.37
C SER A 45 -1.83 -8.60 -4.14
N ILE A 46 -2.26 -9.70 -3.60
CA ILE A 46 -1.62 -10.28 -2.44
C ILE A 46 -0.68 -11.41 -2.84
N ILE A 47 0.51 -11.43 -2.27
CA ILE A 47 1.46 -12.49 -2.53
C ILE A 47 1.26 -13.59 -1.52
N ASN A 48 0.90 -14.75 -2.00
CA ASN A 48 0.61 -15.86 -1.12
C ASN A 48 1.88 -16.43 -0.56
N GLY A 49 1.95 -16.46 0.73
CA GLY A 49 3.15 -16.91 1.39
C GLY A 49 3.74 -15.78 2.19
N GLY A 50 3.32 -14.57 1.87
CA GLY A 50 3.78 -13.40 2.57
C GLY A 50 3.21 -13.33 3.97
N ALA A 51 3.99 -12.82 4.89
CA ALA A 51 3.57 -12.76 6.29
C ALA A 51 2.41 -11.80 6.48
N ALA A 52 2.36 -10.76 5.63
CA ALA A 52 1.29 -9.78 5.71
C ALA A 52 -0.03 -10.40 5.39
N SER A 53 0.02 -11.42 4.61
CA SER A 53 -1.16 -12.10 4.20
C SER A 53 -1.65 -13.00 5.34
N LYS A 54 -0.72 -13.70 5.98
CA LYS A 54 -1.10 -14.61 7.03
C LYS A 54 -1.48 -13.88 8.32
N ASP A 55 -0.59 -13.01 8.78
CA ASP A 55 -0.82 -12.33 10.05
C ASP A 55 -1.77 -11.16 9.91
N GLY A 56 -1.47 -10.28 8.98
CA GLY A 56 -2.22 -9.05 8.87
C GLY A 56 -3.55 -9.19 8.20
N ARG A 57 -3.57 -9.94 7.08
CA ARG A 57 -4.78 -10.15 6.26
C ARG A 57 -5.18 -8.84 5.59
N LEU A 58 -4.64 -8.64 4.45
CA LEU A 58 -4.90 -7.43 3.68
C LEU A 58 -5.92 -7.69 2.60
N ARG A 59 -6.28 -6.66 1.87
CA ARG A 59 -7.24 -6.79 0.81
C ARG A 59 -6.88 -5.96 -0.39
N VAL A 60 -7.38 -6.35 -1.51
CA VAL A 60 -7.13 -5.66 -2.77
C VAL A 60 -7.86 -4.32 -2.77
N ASN A 61 -7.17 -3.29 -3.26
CA ASN A 61 -7.67 -1.89 -3.38
C ASN A 61 -7.69 -1.21 -1.99
N ASP A 62 -6.96 -1.81 -1.07
CA ASP A 62 -6.75 -1.28 0.29
C ASP A 62 -5.72 -0.16 0.20
N GLN A 63 -5.94 0.94 0.88
CA GLN A 63 -5.09 2.11 0.71
C GLN A 63 -4.05 2.20 1.85
N LEU A 64 -2.78 2.06 1.46
CA LEU A 64 -1.62 2.08 2.38
C LEU A 64 -1.30 3.51 2.86
N ILE A 65 -1.36 3.70 4.16
CA ILE A 65 -1.23 5.02 4.79
C ILE A 65 0.16 5.25 5.35
N ALA A 66 0.60 4.33 6.18
CA ALA A 66 1.85 4.48 6.88
C ALA A 66 2.65 3.19 6.89
N VAL A 67 3.96 3.34 7.05
CA VAL A 67 4.88 2.24 7.05
C VAL A 67 5.92 2.40 8.19
N ASN A 68 6.01 1.40 9.05
CA ASN A 68 6.97 1.36 10.18
C ASN A 68 6.95 2.58 11.07
N GLY A 69 5.80 3.23 11.16
CA GLY A 69 5.68 4.42 11.99
C GLY A 69 5.78 5.70 11.18
N GLU A 70 6.21 5.58 9.95
CA GLU A 70 6.34 6.72 9.07
C GLU A 70 5.05 6.84 8.26
N SER A 71 4.42 7.98 8.32
CA SER A 71 3.20 8.21 7.59
C SER A 71 3.51 8.94 6.30
N LEU A 72 3.01 8.44 5.19
CA LEU A 72 3.36 9.02 3.91
C LEU A 72 2.16 9.41 3.08
N LEU A 73 0.97 9.40 3.66
CA LEU A 73 -0.20 9.81 2.91
C LEU A 73 -0.25 11.33 2.81
N GLY A 74 0.46 11.85 1.85
CA GLY A 74 0.50 13.26 1.61
C GLY A 74 1.58 13.60 0.61
N LYS A 75 1.76 12.73 -0.35
CA LYS A 75 2.72 12.91 -1.42
C LYS A 75 2.32 12.03 -2.59
N ALA A 76 2.93 12.25 -3.74
CA ALA A 76 2.61 11.52 -4.95
C ALA A 76 2.94 10.04 -4.82
N ASN A 77 2.29 9.21 -5.62
CA ASN A 77 2.47 7.74 -5.61
C ASN A 77 3.94 7.34 -5.71
N GLN A 78 4.66 7.95 -6.63
CA GLN A 78 6.07 7.66 -6.84
C GLN A 78 6.90 8.08 -5.63
N GLU A 79 6.54 9.21 -5.03
CA GLU A 79 7.22 9.72 -3.84
C GLU A 79 6.95 8.81 -2.67
N ALA A 80 5.72 8.33 -2.62
CA ALA A 80 5.28 7.43 -1.61
C ALA A 80 6.10 6.17 -1.65
N MET A 81 6.24 5.59 -2.82
CA MET A 81 7.04 4.36 -2.97
C MET A 81 8.50 4.58 -2.59
N GLU A 82 9.02 5.74 -2.92
CA GLU A 82 10.38 6.10 -2.59
C GLU A 82 10.57 6.09 -1.06
N THR A 83 9.55 6.55 -0.37
CA THR A 83 9.56 6.57 1.08
C THR A 83 9.31 5.15 1.62
N LEU A 84 8.29 4.52 1.07
CA LEU A 84 7.82 3.20 1.48
C LEU A 84 8.90 2.14 1.40
N ARG A 85 9.52 1.99 0.23
CA ARG A 85 10.53 0.94 0.02
C ARG A 85 11.70 1.10 0.99
N ARG A 86 12.03 2.34 1.29
CA ARG A 86 13.11 2.67 2.17
C ARG A 86 12.76 2.33 3.60
N SER A 87 11.60 2.72 4.04
CA SER A 87 11.18 2.47 5.38
C SER A 87 10.95 0.98 5.62
N MET A 88 10.60 0.25 4.58
CA MET A 88 10.44 -1.20 4.69
C MET A 88 11.75 -1.86 5.02
N SER A 89 12.80 -1.39 4.39
CA SER A 89 14.08 -1.99 4.55
C SER A 89 14.82 -1.36 5.73
N THR A 90 14.87 -0.05 5.78
CA THR A 90 15.63 0.62 6.80
C THR A 90 14.92 0.54 8.15
N GLU A 91 13.64 0.81 8.14
CA GLU A 91 12.88 0.81 9.37
C GLU A 91 12.23 -0.55 9.65
N GLY A 92 12.40 -1.48 8.75
CA GLY A 92 11.88 -2.80 8.97
C GLY A 92 12.82 -3.60 9.82
N ASN A 93 14.09 -3.47 9.51
CA ASN A 93 15.18 -4.15 10.22
C ASN A 93 15.32 -3.69 11.66
N LYS A 94 14.76 -2.54 11.99
CA LYS A 94 14.89 -1.99 13.35
C LYS A 94 14.04 -2.78 14.33
N ARG A 95 12.99 -3.37 13.83
CA ARG A 95 12.11 -4.21 14.65
C ARG A 95 12.25 -5.67 14.27
N GLY A 96 12.17 -5.93 12.99
CA GLY A 96 12.13 -7.29 12.50
C GLY A 96 10.76 -7.54 11.94
N MET A 97 9.90 -6.59 12.21
CA MET A 97 8.58 -6.59 11.72
C MET A 97 8.24 -5.21 11.21
N ILE A 98 7.38 -5.18 10.27
CA ILE A 98 6.97 -4.00 9.64
C ILE A 98 5.53 -3.68 9.98
N GLN A 99 5.34 -2.46 10.33
CA GLN A 99 4.06 -1.95 10.72
C GLN A 99 3.44 -1.23 9.56
N LEU A 100 2.26 -1.58 9.21
CA LEU A 100 1.58 -0.93 8.14
C LEU A 100 0.18 -0.54 8.52
N ILE A 101 -0.14 0.70 8.30
CA ILE A 101 -1.48 1.18 8.53
C ILE A 101 -2.13 1.31 7.20
N VAL A 102 -3.23 0.66 7.06
CA VAL A 102 -3.98 0.67 5.84
C VAL A 102 -5.37 1.16 6.11
N ALA A 103 -5.98 1.76 5.14
CA ALA A 103 -7.27 2.34 5.29
C ALA A 103 -8.27 1.70 4.36
N ARG A 104 -9.34 1.23 4.93
CA ARG A 104 -10.40 0.63 4.15
C ARG A 104 -11.57 1.58 4.16
N ARG A 105 -12.32 1.58 3.11
CA ARG A 105 -13.49 2.41 3.03
C ARG A 105 -14.64 1.70 3.69
N ILE A 106 -15.40 2.43 4.47
CA ILE A 106 -16.50 1.87 5.21
C ILE A 106 -17.71 1.63 4.34
N SER A 107 -17.75 0.43 3.85
CA SER A 107 -18.80 -0.16 3.02
C SER A 107 -18.39 -1.61 2.75
N ARG A 108 -17.52 -1.79 1.78
CA ARG A 108 -16.94 -3.05 1.37
C ARG A 108 -15.73 -2.70 0.57
N CYS A 109 -14.77 -3.58 0.47
CA CYS A 109 -13.65 -3.30 -0.36
C CYS A 109 -13.82 -4.07 -1.66
N ASN A 110 -14.33 -3.39 -2.64
CA ASN A 110 -14.64 -3.99 -3.92
C ASN A 110 -13.40 -4.12 -4.79
N GLU A 111 -13.14 -5.33 -5.25
CA GLU A 111 -12.00 -5.61 -6.12
C GLU A 111 -12.34 -5.29 -7.57
N MET B 1 2.83 -0.31 -29.96
CA MET B 1 2.92 1.01 -30.58
C MET B 1 1.72 1.85 -30.19
N LEU B 2 0.81 1.21 -29.51
CA LEU B 2 -0.39 1.85 -29.02
C LEU B 2 -0.28 2.01 -27.53
N ALA B 3 -0.03 3.21 -27.11
CA ALA B 3 0.13 3.51 -25.71
C ALA B 3 -0.12 4.97 -25.46
N GLU B 4 -1.29 5.27 -24.96
CA GLU B 4 -1.67 6.63 -24.65
C GLU B 4 -1.02 7.08 -23.35
N LEU B 5 -0.20 8.09 -23.43
CA LEU B 5 0.39 8.65 -22.25
C LEU B 5 -0.45 9.84 -21.87
N TYR B 6 -1.19 9.72 -20.80
CA TYR B 6 -2.09 10.76 -20.39
C TYR B 6 -2.23 10.78 -18.88
N GLY B 7 -2.72 9.71 -18.31
CA GLY B 7 -2.90 9.65 -16.89
C GLY B 7 -3.27 8.27 -16.41
N SER B 8 -2.29 7.42 -16.32
CA SER B 8 -2.45 6.09 -15.86
C SER B 8 -1.13 5.68 -15.22
N ASP B 9 -1.08 4.52 -14.64
CA ASP B 9 0.13 4.02 -13.99
C ASP B 9 1.04 3.33 -15.01
N PRO B 10 2.20 3.93 -15.34
CA PRO B 10 3.14 3.34 -16.27
C PRO B 10 4.33 2.65 -15.58
N GLN B 11 4.47 2.88 -14.29
CA GLN B 11 5.63 2.40 -13.53
C GLN B 11 5.32 2.54 -12.01
N GLU B 12 4.04 2.58 -11.70
CA GLU B 12 3.61 2.87 -10.34
C GLU B 12 3.04 1.64 -9.66
N GLU B 13 3.58 0.53 -10.03
CA GLU B 13 3.36 -0.74 -9.35
C GLU B 13 4.61 -1.14 -8.59
N LEU B 14 4.42 -1.57 -7.38
CA LEU B 14 5.49 -1.94 -6.52
C LEU B 14 5.17 -3.22 -5.77
N ILE B 15 6.10 -4.13 -5.72
CA ILE B 15 5.94 -5.29 -4.87
C ILE B 15 6.65 -5.03 -3.55
N ILE B 16 5.92 -5.15 -2.49
CA ILE B 16 6.46 -4.95 -1.18
C ILE B 16 6.68 -6.27 -0.47
N GLY A 1 -11.33 13.46 16.35
CA GLY A 1 -11.51 12.03 16.15
C GLY A 1 -11.27 11.66 14.71
N SER A 2 -11.36 10.39 14.39
CA SER A 2 -11.17 9.96 13.03
C SER A 2 -12.52 10.02 12.29
N ASP A 3 -12.52 10.64 11.12
CA ASP A 3 -13.72 10.72 10.31
C ASP A 3 -14.05 9.36 9.72
N GLY A 4 -15.31 9.13 9.45
CA GLY A 4 -15.74 7.86 8.95
C GLY A 4 -15.87 7.82 7.45
N THR A 5 -15.07 8.58 6.74
CA THR A 5 -15.07 8.52 5.31
C THR A 5 -14.32 7.26 4.93
N ARG A 6 -13.19 7.11 5.55
CA ARG A 6 -12.34 5.97 5.42
C ARG A 6 -11.76 5.70 6.78
N GLU A 7 -11.73 4.47 7.18
CA GLU A 7 -11.23 4.15 8.48
C GLU A 7 -9.92 3.42 8.35
N PHE A 8 -9.05 3.65 9.29
CA PHE A 8 -7.72 3.13 9.26
C PHE A 8 -7.62 1.84 10.05
N LEU A 9 -6.96 0.88 9.48
CA LEU A 9 -6.70 -0.39 10.12
C LEU A 9 -5.21 -0.53 10.30
N THR A 10 -4.80 -1.29 11.25
CA THR A 10 -3.40 -1.46 11.47
C THR A 10 -2.99 -2.91 11.24
N PHE A 11 -2.07 -3.12 10.34
CA PHE A 11 -1.54 -4.41 10.08
C PHE A 11 -0.03 -4.39 10.26
N GLU A 12 0.47 -5.17 11.18
CA GLU A 12 1.89 -5.27 11.38
C GLU A 12 2.37 -6.59 10.85
N VAL A 13 3.38 -6.55 10.08
CA VAL A 13 3.87 -7.69 9.35
C VAL A 13 5.29 -8.01 9.75
N PRO A 14 5.55 -9.17 10.33
CA PRO A 14 6.89 -9.54 10.73
C PRO A 14 7.76 -9.90 9.53
N LEU A 15 9.05 -9.63 9.62
CA LEU A 15 9.96 -10.02 8.55
C LEU A 15 10.25 -11.51 8.61
N ASN A 16 9.22 -12.27 8.38
CA ASN A 16 9.27 -13.74 8.42
C ASN A 16 9.34 -14.29 7.04
N ASP A 17 8.22 -14.21 6.33
CA ASP A 17 8.14 -14.65 4.93
C ASP A 17 8.63 -13.54 4.04
N SER A 18 9.79 -13.06 4.37
CA SER A 18 10.41 -12.00 3.68
C SER A 18 11.69 -12.51 3.06
N GLY A 19 11.69 -12.56 1.77
CA GLY A 19 12.81 -13.00 1.04
C GLY A 19 12.56 -12.88 -0.43
N SER A 20 11.44 -13.41 -0.87
CA SER A 20 11.03 -13.26 -2.25
C SER A 20 10.26 -11.96 -2.40
N ALA A 21 9.74 -11.52 -1.29
CA ALA A 21 9.06 -10.31 -1.14
C ALA A 21 9.19 -9.97 0.30
N GLY A 22 8.94 -8.76 0.64
CA GLY A 22 9.07 -8.34 2.01
C GLY A 22 7.82 -8.63 2.78
N LEU A 23 6.75 -8.09 2.31
CA LEU A 23 5.46 -8.33 2.92
C LEU A 23 4.72 -9.31 2.08
N GLY A 24 5.05 -9.30 0.80
CA GLY A 24 4.44 -10.15 -0.14
C GLY A 24 3.15 -9.57 -0.55
N VAL A 25 3.20 -8.33 -0.94
CA VAL A 25 2.04 -7.64 -1.41
C VAL A 25 2.44 -6.89 -2.66
N SER A 26 1.51 -6.70 -3.55
CA SER A 26 1.76 -5.88 -4.66
C SER A 26 0.94 -4.65 -4.47
N VAL A 27 1.53 -3.53 -4.66
CA VAL A 27 0.86 -2.28 -4.51
C VAL A 27 0.95 -1.45 -5.74
N LYS A 28 0.06 -0.53 -5.86
CA LYS A 28 -0.01 0.35 -6.99
C LYS A 28 -0.56 1.66 -6.58
N GLY A 29 -0.21 2.66 -7.27
CA GLY A 29 -0.69 3.95 -6.93
C GLY A 29 -1.64 4.45 -7.96
N ASN A 30 -2.72 4.99 -7.51
CA ASN A 30 -3.68 5.56 -8.41
C ASN A 30 -3.53 7.04 -8.33
N ARG A 31 -3.38 7.64 -9.44
CA ARG A 31 -3.21 9.05 -9.50
C ARG A 31 -4.25 9.65 -10.39
N SER A 32 -4.93 10.64 -9.90
CA SER A 32 -5.87 11.35 -10.69
C SER A 32 -5.16 12.53 -11.34
N LYS A 33 -4.73 12.36 -12.60
CA LYS A 33 -3.98 13.40 -13.32
C LYS A 33 -4.83 14.67 -13.53
N GLU A 34 -6.09 14.48 -13.78
CA GLU A 34 -7.01 15.58 -13.99
C GLU A 34 -7.38 16.29 -12.70
N ASN A 35 -7.49 15.53 -11.63
CA ASN A 35 -7.79 16.10 -10.31
C ASN A 35 -6.51 16.65 -9.67
N HIS A 36 -5.36 16.26 -10.26
CA HIS A 36 -4.02 16.70 -9.82
C HIS A 36 -3.68 16.19 -8.43
N ALA A 37 -4.30 15.10 -8.06
CA ALA A 37 -4.10 14.53 -6.77
C ALA A 37 -3.94 13.05 -6.87
N ASP A 38 -3.03 12.53 -6.11
CA ASP A 38 -2.82 11.12 -6.03
C ASP A 38 -3.84 10.55 -5.08
N LEU A 39 -4.29 9.36 -5.35
CA LEU A 39 -5.27 8.71 -4.50
C LEU A 39 -4.55 7.85 -3.51
N GLY A 40 -3.25 7.76 -3.69
CA GLY A 40 -2.42 7.02 -2.79
C GLY A 40 -2.05 5.67 -3.34
N ILE A 41 -1.29 4.95 -2.56
CA ILE A 41 -0.85 3.63 -2.90
C ILE A 41 -1.87 2.62 -2.37
N PHE A 42 -2.34 1.77 -3.23
CA PHE A 42 -3.32 0.77 -2.88
C PHE A 42 -2.78 -0.63 -3.11
N VAL A 43 -3.24 -1.55 -2.32
CA VAL A 43 -2.90 -2.96 -2.47
C VAL A 43 -3.58 -3.53 -3.70
N LYS A 44 -2.82 -4.20 -4.50
CA LYS A 44 -3.32 -4.84 -5.69
C LYS A 44 -3.79 -6.21 -5.34
N SER A 45 -2.85 -7.01 -4.93
CA SER A 45 -3.08 -8.36 -4.58
C SER A 45 -2.09 -8.79 -3.51
N ILE A 46 -2.45 -9.80 -2.78
CA ILE A 46 -1.62 -10.38 -1.79
C ILE A 46 -0.83 -11.56 -2.36
N ILE A 47 0.44 -11.61 -2.06
CA ILE A 47 1.29 -12.70 -2.45
C ILE A 47 1.22 -13.73 -1.34
N ASN A 48 0.69 -14.91 -1.65
CA ASN A 48 0.43 -15.97 -0.64
C ASN A 48 1.63 -16.30 0.24
N GLY A 49 2.81 -16.17 -0.30
CA GLY A 49 4.01 -16.47 0.44
C GLY A 49 4.59 -15.24 1.07
N GLY A 50 3.73 -14.43 1.63
CA GLY A 50 4.13 -13.23 2.29
C GLY A 50 3.60 -13.17 3.69
N ALA A 51 4.29 -12.47 4.55
CA ALA A 51 3.91 -12.38 5.94
C ALA A 51 2.64 -11.55 6.14
N ALA A 52 2.40 -10.59 5.27
CA ALA A 52 1.19 -9.76 5.39
C ALA A 52 0.00 -10.56 4.98
N SER A 53 0.27 -11.50 4.15
CA SER A 53 -0.71 -12.37 3.63
C SER A 53 -1.09 -13.41 4.69
N LYS A 54 -0.09 -14.06 5.25
CA LYS A 54 -0.31 -15.11 6.23
C LYS A 54 -0.71 -14.55 7.59
N ASP A 55 0.07 -13.62 8.10
CA ASP A 55 -0.15 -13.11 9.46
C ASP A 55 -1.26 -12.10 9.50
N GLY A 56 -1.16 -11.12 8.63
CA GLY A 56 -2.07 -9.99 8.65
C GLY A 56 -3.42 -10.25 8.04
N ARG A 57 -3.49 -11.13 7.00
CA ARG A 57 -4.75 -11.41 6.27
C ARG A 57 -5.22 -10.09 5.64
N LEU A 58 -4.23 -9.26 5.21
CA LEU A 58 -4.50 -7.89 4.74
C LEU A 58 -5.53 -7.88 3.59
N ARG A 59 -6.52 -7.03 3.77
CA ARG A 59 -7.78 -6.97 3.00
C ARG A 59 -7.70 -6.84 1.47
N VAL A 60 -6.62 -6.26 0.94
CA VAL A 60 -6.47 -6.03 -0.53
C VAL A 60 -7.33 -4.81 -1.02
N ASN A 61 -6.78 -4.07 -2.02
CA ASN A 61 -7.37 -2.83 -2.60
C ASN A 61 -7.51 -1.77 -1.51
N ASP A 62 -6.67 -1.89 -0.54
CA ASP A 62 -6.67 -0.99 0.55
C ASP A 62 -5.62 0.09 0.29
N GLN A 63 -5.73 1.23 0.90
CA GLN A 63 -4.82 2.33 0.64
C GLN A 63 -3.82 2.43 1.81
N LEU A 64 -2.55 2.24 1.49
CA LEU A 64 -1.47 2.23 2.46
C LEU A 64 -1.18 3.63 3.00
N ILE A 65 -1.53 3.84 4.24
CA ILE A 65 -1.40 5.13 4.90
C ILE A 65 -0.02 5.32 5.51
N ALA A 66 0.30 4.51 6.50
CA ALA A 66 1.53 4.69 7.24
C ALA A 66 2.41 3.46 7.21
N VAL A 67 3.70 3.70 7.13
CA VAL A 67 4.69 2.65 7.04
C VAL A 67 5.67 2.80 8.18
N ASN A 68 5.75 1.78 9.01
CA ASN A 68 6.59 1.78 10.21
C ASN A 68 6.35 2.98 11.10
N GLY A 69 5.15 3.54 10.98
CA GLY A 69 4.77 4.71 11.73
C GLY A 69 4.49 5.94 10.86
N GLU A 70 5.20 6.09 9.75
CA GLU A 70 5.05 7.32 8.94
C GLU A 70 4.01 7.25 7.87
N SER A 71 3.22 8.27 7.85
CA SER A 71 2.14 8.40 6.90
C SER A 71 2.69 8.93 5.56
N LEU A 72 2.22 8.37 4.46
CA LEU A 72 2.68 8.72 3.12
C LEU A 72 1.71 9.69 2.42
N LEU A 73 0.85 10.31 3.19
CA LEU A 73 -0.21 11.17 2.63
C LEU A 73 0.26 12.59 2.33
N GLY A 74 1.51 12.86 2.63
CA GLY A 74 2.06 14.17 2.38
C GLY A 74 3.00 14.15 1.19
N LYS A 75 2.91 13.11 0.40
CA LYS A 75 3.72 12.94 -0.77
C LYS A 75 2.96 12.12 -1.81
N ALA A 76 3.36 12.23 -3.07
CA ALA A 76 2.70 11.52 -4.15
C ALA A 76 3.04 10.04 -4.12
N ASN A 77 2.34 9.27 -4.95
CA ASN A 77 2.47 7.80 -5.01
C ASN A 77 3.92 7.36 -5.19
N GLN A 78 4.60 7.98 -6.13
CA GLN A 78 5.98 7.63 -6.41
C GLN A 78 6.87 7.90 -5.21
N GLU A 79 6.71 9.08 -4.64
CA GLU A 79 7.47 9.48 -3.46
C GLU A 79 7.19 8.52 -2.33
N ALA A 80 5.93 8.13 -2.22
CA ALA A 80 5.46 7.19 -1.25
C ALA A 80 6.18 5.86 -1.42
N MET A 81 6.25 5.38 -2.66
CA MET A 81 6.97 4.15 -2.99
C MET A 81 8.43 4.22 -2.62
N GLU A 82 9.06 5.35 -2.95
CA GLU A 82 10.47 5.56 -2.65
C GLU A 82 10.70 5.51 -1.15
N THR A 83 9.81 6.13 -0.41
CA THR A 83 9.90 6.15 1.02
C THR A 83 9.61 4.74 1.57
N LEU A 84 8.58 4.13 1.01
CA LEU A 84 8.14 2.79 1.36
C LEU A 84 9.27 1.79 1.24
N ARG A 85 9.91 1.73 0.07
CA ARG A 85 11.02 0.79 -0.16
C ARG A 85 12.15 0.97 0.87
N ARG A 86 12.38 2.21 1.26
CA ARG A 86 13.43 2.51 2.21
C ARG A 86 12.99 2.15 3.62
N SER A 87 11.84 2.59 4.01
CA SER A 87 11.37 2.34 5.36
C SER A 87 11.04 0.89 5.60
N MET A 88 10.63 0.17 4.58
CA MET A 88 10.31 -1.22 4.76
C MET A 88 11.58 -2.04 4.97
N SER A 89 12.65 -1.59 4.39
CA SER A 89 13.90 -2.27 4.50
C SER A 89 14.72 -1.74 5.69
N THR A 90 14.87 -0.43 5.76
CA THR A 90 15.69 0.18 6.77
C THR A 90 15.01 0.11 8.15
N GLU A 91 13.77 0.54 8.21
CA GLU A 91 13.02 0.52 9.46
C GLU A 91 12.41 -0.85 9.72
N GLY A 92 12.13 -1.59 8.65
CA GLY A 92 11.51 -2.90 8.74
C GLY A 92 12.28 -3.88 9.59
N ASN A 93 13.51 -4.16 9.20
CA ASN A 93 14.33 -5.12 9.95
C ASN A 93 14.81 -4.52 11.28
N LYS A 94 14.70 -3.21 11.40
CA LYS A 94 15.07 -2.53 12.62
C LYS A 94 13.98 -2.78 13.67
N ARG A 95 12.75 -2.63 13.25
CA ARG A 95 11.59 -2.89 14.07
C ARG A 95 11.43 -4.38 14.34
N GLY A 96 11.84 -5.18 13.37
CA GLY A 96 11.69 -6.63 13.46
C GLY A 96 10.47 -7.05 12.69
N MET A 97 9.58 -6.13 12.53
CA MET A 97 8.39 -6.27 11.78
C MET A 97 8.07 -4.94 11.19
N ILE A 98 7.26 -4.93 10.20
CA ILE A 98 6.92 -3.72 9.56
C ILE A 98 5.47 -3.39 9.86
N GLN A 99 5.27 -2.18 10.23
CA GLN A 99 3.97 -1.69 10.64
C GLN A 99 3.32 -0.95 9.51
N LEU A 100 2.12 -1.31 9.17
CA LEU A 100 1.43 -0.64 8.11
C LEU A 100 0.08 -0.19 8.62
N ILE A 101 -0.21 1.03 8.45
CA ILE A 101 -1.52 1.51 8.72
C ILE A 101 -2.16 1.68 7.38
N VAL A 102 -3.29 1.10 7.22
CA VAL A 102 -3.97 1.10 5.96
C VAL A 102 -5.35 1.72 6.12
N ALA A 103 -5.99 2.07 5.04
CA ALA A 103 -7.28 2.72 5.07
C ALA A 103 -8.19 2.16 4.02
N ARG A 104 -9.37 1.83 4.41
CA ARG A 104 -10.30 1.30 3.47
C ARG A 104 -11.38 2.28 3.20
N ARG A 105 -11.81 2.31 1.97
CA ARG A 105 -12.92 3.14 1.61
C ARG A 105 -14.20 2.34 1.76
N ILE A 106 -15.12 2.89 2.49
CA ILE A 106 -16.40 2.27 2.75
C ILE A 106 -17.27 2.37 1.50
N SER A 107 -17.09 3.45 0.83
CA SER A 107 -17.80 3.71 -0.39
C SER A 107 -17.05 3.08 -1.56
N ARG A 108 -17.39 1.87 -1.86
CA ARG A 108 -16.78 1.14 -2.95
C ARG A 108 -17.67 -0.05 -3.23
N CYS A 109 -18.42 0.02 -4.27
CA CYS A 109 -19.28 -1.08 -4.62
C CYS A 109 -18.44 -2.14 -5.30
N ASN A 110 -18.34 -3.29 -4.67
CA ASN A 110 -17.57 -4.39 -5.22
C ASN A 110 -18.33 -4.96 -6.40
N GLU A 111 -17.85 -4.68 -7.57
CA GLU A 111 -18.52 -5.08 -8.79
C GLU A 111 -17.50 -5.30 -9.90
N MET B 1 -0.58 -0.29 -27.38
CA MET B 1 -1.88 -0.42 -26.78
C MET B 1 -2.03 0.56 -25.63
N LEU B 2 -2.79 1.60 -25.84
CA LEU B 2 -3.04 2.58 -24.84
C LEU B 2 -4.45 3.10 -25.09
N ALA B 3 -5.35 2.86 -24.18
CA ALA B 3 -6.74 3.22 -24.39
C ALA B 3 -7.26 4.23 -23.38
N GLU B 4 -6.59 4.36 -22.27
CA GLU B 4 -7.04 5.24 -21.21
C GLU B 4 -6.14 6.47 -21.12
N LEU B 5 -6.69 7.61 -21.47
CA LEU B 5 -5.93 8.86 -21.54
C LEU B 5 -6.44 9.92 -20.58
N TYR B 6 -5.50 10.69 -20.04
CA TYR B 6 -5.73 11.96 -19.38
C TYR B 6 -6.01 11.81 -17.92
N GLY B 7 -6.60 10.72 -17.55
CA GLY B 7 -6.83 10.53 -16.18
C GLY B 7 -6.94 9.10 -15.77
N SER B 8 -7.10 8.89 -14.46
CA SER B 8 -7.14 7.58 -13.82
C SER B 8 -5.86 6.80 -14.13
N ASP B 9 -4.83 7.10 -13.39
CA ASP B 9 -3.54 6.49 -13.61
C ASP B 9 -3.19 5.50 -12.52
N PRO B 10 -3.38 4.20 -12.77
CA PRO B 10 -2.93 3.14 -11.88
C PRO B 10 -1.67 2.51 -12.45
N GLN B 11 -0.97 3.31 -13.23
CA GLN B 11 0.17 2.90 -14.02
C GLN B 11 1.41 2.63 -13.16
N GLU B 12 1.45 3.13 -11.96
CA GLU B 12 2.58 2.92 -11.11
C GLU B 12 2.32 1.79 -10.11
N GLU B 13 3.13 0.78 -10.21
CA GLU B 13 3.01 -0.45 -9.42
C GLU B 13 4.33 -0.81 -8.78
N LEU B 14 4.26 -1.37 -7.61
CA LEU B 14 5.41 -1.78 -6.88
C LEU B 14 5.09 -3.06 -6.10
N ILE B 15 6.00 -3.98 -6.02
CA ILE B 15 5.84 -5.13 -5.13
C ILE B 15 6.67 -4.89 -3.86
N ILE B 16 6.11 -5.21 -2.71
CA ILE B 16 6.83 -5.07 -1.49
C ILE B 16 7.11 -6.43 -0.87
N GLY A 1 -11.77 16.90 12.84
CA GLY A 1 -12.61 15.76 12.45
C GLY A 1 -11.80 14.70 11.77
N SER A 2 -12.48 13.84 11.00
CA SER A 2 -11.87 12.75 10.27
C SER A 2 -11.26 11.73 11.21
N ASP A 3 -12.02 10.72 11.51
CA ASP A 3 -11.60 9.68 12.42
C ASP A 3 -12.18 8.35 12.02
N GLY A 4 -13.49 8.32 11.79
CA GLY A 4 -14.10 7.05 11.54
C GLY A 4 -15.10 7.01 10.39
N THR A 5 -14.92 7.81 9.36
CA THR A 5 -15.78 7.68 8.19
C THR A 5 -15.28 6.44 7.42
N ARG A 6 -13.99 6.25 7.53
CA ARG A 6 -13.28 5.09 7.09
C ARG A 6 -12.46 4.68 8.28
N GLU A 7 -12.02 3.48 8.36
CA GLU A 7 -11.27 3.08 9.51
C GLU A 7 -9.93 2.54 9.13
N PHE A 8 -8.96 2.82 9.94
CA PHE A 8 -7.62 2.40 9.68
C PHE A 8 -7.36 1.07 10.32
N LEU A 9 -6.61 0.29 9.65
CA LEU A 9 -6.21 -0.97 10.16
C LEU A 9 -4.74 -1.03 10.07
N THR A 10 -4.12 -1.38 11.10
CA THR A 10 -2.73 -1.51 11.04
C THR A 10 -2.30 -2.92 11.29
N PHE A 11 -1.57 -3.43 10.36
CA PHE A 11 -1.09 -4.76 10.42
C PHE A 11 0.38 -4.74 10.63
N GLU A 12 0.84 -5.54 11.53
CA GLU A 12 2.22 -5.61 11.82
C GLU A 12 2.77 -6.93 11.32
N VAL A 13 3.81 -6.84 10.56
CA VAL A 13 4.36 -7.99 9.87
C VAL A 13 5.80 -8.16 10.31
N PRO A 14 6.16 -9.28 10.85
CA PRO A 14 7.52 -9.52 11.24
C PRO A 14 8.38 -9.91 10.03
N LEU A 15 9.56 -9.32 9.94
CA LEU A 15 10.47 -9.63 8.83
C LEU A 15 11.16 -10.91 9.12
N ASN A 16 10.43 -11.96 8.94
CA ASN A 16 10.95 -13.30 9.18
C ASN A 16 10.70 -14.19 8.01
N ASP A 17 9.46 -14.39 7.67
CA ASP A 17 9.14 -15.23 6.56
C ASP A 17 8.37 -14.48 5.52
N SER A 18 9.07 -13.63 4.83
CA SER A 18 8.58 -12.83 3.72
C SER A 18 9.75 -12.49 2.83
N GLY A 19 10.79 -13.27 2.98
CA GLY A 19 12.01 -13.08 2.23
C GLY A 19 11.80 -13.48 0.81
N SER A 20 10.75 -14.25 0.58
CA SER A 20 10.36 -14.66 -0.73
C SER A 20 9.80 -13.47 -1.51
N ALA A 21 9.45 -12.41 -0.79
CA ALA A 21 9.02 -11.18 -1.44
C ALA A 21 9.59 -9.94 -0.73
N GLY A 22 8.94 -9.59 0.32
CA GLY A 22 9.32 -8.46 1.15
C GLY A 22 8.36 -8.45 2.28
N LEU A 23 7.12 -8.28 1.92
CA LEU A 23 5.99 -8.48 2.82
C LEU A 23 5.10 -9.51 2.16
N GLY A 24 5.00 -9.36 0.86
CA GLY A 24 4.26 -10.22 0.04
C GLY A 24 2.94 -9.60 -0.31
N VAL A 25 2.99 -8.36 -0.72
CA VAL A 25 1.82 -7.68 -1.19
C VAL A 25 2.22 -6.90 -2.42
N SER A 26 1.30 -6.67 -3.31
CA SER A 26 1.56 -5.83 -4.41
C SER A 26 0.72 -4.61 -4.25
N VAL A 27 1.30 -3.50 -4.46
CA VAL A 27 0.62 -2.25 -4.36
C VAL A 27 0.80 -1.43 -5.60
N LYS A 28 -0.08 -0.52 -5.79
CA LYS A 28 -0.01 0.40 -6.88
C LYS A 28 -0.62 1.71 -6.48
N GLY A 29 -0.16 2.76 -7.07
CA GLY A 29 -0.70 4.03 -6.76
C GLY A 29 -1.58 4.51 -7.84
N ASN A 30 -2.61 5.20 -7.47
CA ASN A 30 -3.56 5.73 -8.42
C ASN A 30 -3.48 7.27 -8.32
N ARG A 31 -3.39 7.93 -9.44
CA ARG A 31 -3.34 9.38 -9.47
C ARG A 31 -4.51 9.98 -10.16
N SER A 32 -4.84 11.17 -9.74
CA SER A 32 -5.90 11.94 -10.35
C SER A 32 -5.42 12.55 -11.65
N LYS A 33 -6.32 13.19 -12.35
CA LYS A 33 -6.05 13.69 -13.66
C LYS A 33 -4.90 14.63 -13.67
N GLU A 34 -3.88 14.25 -14.43
CA GLU A 34 -2.70 15.10 -14.73
C GLU A 34 -1.92 15.32 -13.43
N ASN A 35 -2.18 14.43 -12.49
CA ASN A 35 -1.63 14.48 -11.17
C ASN A 35 -2.02 15.80 -10.48
N HIS A 36 -3.29 16.20 -10.63
CA HIS A 36 -3.80 17.35 -9.85
C HIS A 36 -3.91 16.96 -8.38
N ALA A 37 -3.83 15.67 -8.15
CA ALA A 37 -3.88 15.07 -6.86
C ALA A 37 -3.50 13.63 -7.03
N ASP A 38 -3.22 12.97 -5.97
CA ASP A 38 -2.96 11.56 -6.01
C ASP A 38 -3.97 10.90 -5.13
N LEU A 39 -4.29 9.69 -5.43
CA LEU A 39 -5.27 8.98 -4.63
C LEU A 39 -4.56 8.12 -3.62
N GLY A 40 -3.26 8.00 -3.80
CA GLY A 40 -2.44 7.26 -2.87
C GLY A 40 -2.13 5.86 -3.36
N ILE A 41 -1.47 5.11 -2.51
CA ILE A 41 -1.08 3.75 -2.81
C ILE A 41 -2.16 2.78 -2.35
N PHE A 42 -2.59 1.94 -3.24
CA PHE A 42 -3.60 0.95 -2.96
C PHE A 42 -3.04 -0.44 -3.21
N VAL A 43 -3.55 -1.40 -2.49
CA VAL A 43 -3.20 -2.80 -2.72
C VAL A 43 -3.83 -3.28 -4.03
N LYS A 44 -3.07 -4.00 -4.81
CA LYS A 44 -3.54 -4.54 -6.09
C LYS A 44 -3.65 -6.07 -6.02
N SER A 45 -2.72 -6.69 -5.33
CA SER A 45 -2.75 -8.12 -5.18
C SER A 45 -2.09 -8.49 -3.86
N ILE A 46 -2.61 -9.50 -3.23
CA ILE A 46 -2.04 -10.01 -2.02
C ILE A 46 -1.27 -11.26 -2.36
N ILE A 47 -0.05 -11.33 -1.93
CA ILE A 47 0.78 -12.49 -2.22
C ILE A 47 0.68 -13.47 -1.08
N ASN A 48 0.09 -14.61 -1.36
CA ASN A 48 -0.11 -15.64 -0.37
C ASN A 48 1.14 -16.42 -0.18
N GLY A 49 1.97 -15.93 0.69
CA GLY A 49 3.23 -16.54 0.98
C GLY A 49 3.99 -15.72 1.97
N GLY A 50 3.79 -14.42 1.91
CA GLY A 50 4.43 -13.54 2.85
C GLY A 50 3.66 -13.44 4.15
N ALA A 51 4.31 -12.93 5.18
CA ALA A 51 3.71 -12.83 6.51
C ALA A 51 2.61 -11.78 6.54
N ALA A 52 2.73 -10.78 5.68
CA ALA A 52 1.74 -9.72 5.60
C ALA A 52 0.41 -10.26 5.15
N SER A 53 0.47 -11.32 4.42
CA SER A 53 -0.72 -11.93 3.93
C SER A 53 -1.38 -12.73 5.03
N LYS A 54 -0.60 -13.52 5.72
CA LYS A 54 -1.11 -14.41 6.74
C LYS A 54 -1.51 -13.65 8.00
N ASP A 55 -0.61 -12.81 8.49
CA ASP A 55 -0.86 -12.08 9.73
C ASP A 55 -1.77 -10.90 9.50
N GLY A 56 -1.55 -10.18 8.43
CA GLY A 56 -2.29 -8.97 8.20
C GLY A 56 -3.62 -9.18 7.55
N ARG A 57 -3.68 -10.04 6.52
CA ARG A 57 -4.90 -10.26 5.76
C ARG A 57 -5.49 -8.96 5.21
N LEU A 58 -4.86 -8.43 4.19
CA LEU A 58 -5.33 -7.19 3.60
C LEU A 58 -6.27 -7.47 2.47
N ARG A 59 -6.71 -6.45 1.82
CA ARG A 59 -7.64 -6.60 0.74
C ARG A 59 -7.15 -5.84 -0.47
N VAL A 60 -7.70 -6.13 -1.60
CA VAL A 60 -7.35 -5.44 -2.83
C VAL A 60 -8.11 -4.11 -2.87
N ASN A 61 -7.48 -3.07 -3.44
CA ASN A 61 -8.05 -1.71 -3.57
C ASN A 61 -8.08 -1.01 -2.19
N ASP A 62 -7.26 -1.50 -1.27
CA ASP A 62 -7.21 -0.90 0.06
C ASP A 62 -6.13 0.16 0.08
N GLN A 63 -6.30 1.18 0.88
CA GLN A 63 -5.41 2.34 0.87
C GLN A 63 -4.29 2.23 1.90
N LEU A 64 -3.07 2.37 1.44
CA LEU A 64 -1.92 2.37 2.31
C LEU A 64 -1.68 3.77 2.86
N ILE A 65 -1.91 3.91 4.14
CA ILE A 65 -1.82 5.19 4.81
C ILE A 65 -0.39 5.45 5.25
N ALA A 66 0.13 4.55 6.02
CA ALA A 66 1.45 4.73 6.60
C ALA A 66 2.20 3.42 6.69
N VAL A 67 3.51 3.50 6.73
CA VAL A 67 4.36 2.36 6.84
C VAL A 67 5.43 2.63 7.90
N ASN A 68 5.61 1.71 8.85
CA ASN A 68 6.54 1.89 9.99
C ASN A 68 6.38 3.25 10.67
N GLY A 69 5.14 3.70 10.73
CA GLY A 69 4.83 4.99 11.33
C GLY A 69 5.07 6.21 10.42
N GLU A 70 5.55 5.99 9.20
CA GLU A 70 5.80 7.07 8.26
C GLU A 70 4.56 7.20 7.37
N SER A 71 4.06 8.40 7.23
CA SER A 71 2.83 8.65 6.51
C SER A 71 3.05 8.74 4.99
N LEU A 72 2.64 7.70 4.29
CA LEU A 72 2.74 7.67 2.84
C LEU A 72 1.62 8.48 2.23
N LEU A 73 0.52 8.56 2.94
CA LEU A 73 -0.67 9.29 2.48
C LEU A 73 -0.40 10.81 2.39
N GLY A 74 0.69 11.25 2.97
CA GLY A 74 1.03 12.65 2.92
C GLY A 74 1.90 13.01 1.74
N LYS A 75 2.32 11.99 0.99
CA LYS A 75 3.19 12.18 -0.15
C LYS A 75 2.64 11.48 -1.38
N ALA A 76 3.13 11.83 -2.56
CA ALA A 76 2.64 11.25 -3.82
C ALA A 76 3.03 9.79 -3.93
N ASN A 77 2.34 9.06 -4.81
CA ASN A 77 2.52 7.59 -4.98
C ASN A 77 3.98 7.21 -5.17
N GLN A 78 4.64 7.91 -6.06
CA GLN A 78 6.02 7.64 -6.37
C GLN A 78 6.95 8.00 -5.21
N GLU A 79 6.63 9.06 -4.49
CA GLU A 79 7.42 9.47 -3.33
C GLU A 79 7.21 8.44 -2.23
N ALA A 80 5.96 7.99 -2.15
CA ALA A 80 5.53 7.02 -1.19
C ALA A 80 6.26 5.72 -1.38
N MET A 81 6.39 5.27 -2.62
CA MET A 81 7.10 4.02 -2.90
C MET A 81 8.55 4.05 -2.48
N GLU A 82 9.21 5.16 -2.75
CA GLU A 82 10.60 5.33 -2.37
C GLU A 82 10.73 5.27 -0.86
N THR A 83 9.78 5.90 -0.19
CA THR A 83 9.75 5.92 1.24
C THR A 83 9.36 4.54 1.78
N LEU A 84 8.43 3.91 1.11
CA LEU A 84 7.91 2.61 1.48
C LEU A 84 9.01 1.56 1.50
N ARG A 85 9.71 1.41 0.39
CA ARG A 85 10.77 0.39 0.32
C ARG A 85 11.88 0.69 1.33
N ARG A 86 12.15 1.97 1.50
CA ARG A 86 13.13 2.49 2.45
C ARG A 86 12.75 2.09 3.85
N SER A 87 11.53 2.35 4.21
CA SER A 87 11.06 2.08 5.54
C SER A 87 11.09 0.58 5.83
N MET A 88 10.83 -0.21 4.81
CA MET A 88 10.86 -1.67 4.96
C MET A 88 12.28 -2.13 5.23
N SER A 89 13.21 -1.53 4.53
CA SER A 89 14.60 -1.89 4.65
C SER A 89 15.21 -1.26 5.92
N THR A 90 15.10 0.05 6.03
CA THR A 90 15.70 0.79 7.10
C THR A 90 15.03 0.52 8.45
N GLU A 91 13.74 0.71 8.50
CA GLU A 91 13.02 0.54 9.77
C GLU A 91 12.58 -0.87 10.02
N GLY A 92 12.20 -1.58 8.97
CA GLY A 92 11.73 -2.94 9.11
C GLY A 92 12.77 -3.85 9.73
N ASN A 93 13.96 -3.84 9.18
CA ASN A 93 15.04 -4.70 9.68
C ASN A 93 15.62 -4.14 11.00
N LYS A 94 15.26 -2.90 11.32
CA LYS A 94 15.73 -2.29 12.54
C LYS A 94 14.84 -2.69 13.73
N ARG A 95 13.55 -2.73 13.48
CA ARG A 95 12.59 -3.03 14.53
C ARG A 95 12.33 -4.52 14.60
N GLY A 96 12.59 -5.20 13.50
CA GLY A 96 12.36 -6.64 13.43
C GLY A 96 11.04 -6.94 12.76
N MET A 97 10.12 -6.05 12.93
CA MET A 97 8.80 -6.15 12.37
C MET A 97 8.41 -4.82 11.76
N ILE A 98 7.60 -4.88 10.77
CA ILE A 98 7.16 -3.74 10.04
C ILE A 98 5.69 -3.48 10.31
N GLN A 99 5.34 -2.25 10.43
CA GLN A 99 4.01 -1.84 10.67
C GLN A 99 3.40 -1.24 9.42
N LEU A 100 2.20 -1.61 9.10
CA LEU A 100 1.53 -1.07 7.93
C LEU A 100 0.20 -0.56 8.37
N ILE A 101 -0.08 0.68 8.12
CA ILE A 101 -1.36 1.22 8.45
C ILE A 101 -2.11 1.43 7.15
N VAL A 102 -3.22 0.80 7.01
CA VAL A 102 -4.04 0.90 5.82
C VAL A 102 -5.42 1.37 6.21
N ALA A 103 -6.25 1.63 5.24
CA ALA A 103 -7.55 2.17 5.52
C ALA A 103 -8.59 1.53 4.68
N ARG A 104 -9.59 1.02 5.32
CA ARG A 104 -10.70 0.48 4.62
C ARG A 104 -11.86 1.39 4.81
N ARG A 105 -12.67 1.48 3.84
CA ARG A 105 -13.85 2.24 4.00
C ARG A 105 -14.93 1.32 4.51
N ILE A 106 -15.77 1.85 5.35
CA ILE A 106 -16.87 1.11 5.96
C ILE A 106 -17.78 0.52 4.87
N SER A 107 -17.93 1.25 3.82
CA SER A 107 -18.69 0.80 2.68
C SER A 107 -17.86 -0.22 1.89
N ARG A 108 -18.41 -1.40 1.70
CA ARG A 108 -17.73 -2.49 1.02
C ARG A 108 -17.32 -2.12 -0.40
N CYS A 109 -16.04 -1.98 -0.61
CA CYS A 109 -15.48 -1.70 -1.90
C CYS A 109 -14.27 -2.59 -2.09
N ASN A 110 -14.40 -3.57 -2.95
CA ASN A 110 -13.35 -4.53 -3.18
C ASN A 110 -13.10 -4.67 -4.67
N GLU A 111 -11.88 -4.96 -5.03
CA GLU A 111 -11.51 -5.14 -6.42
C GLU A 111 -10.78 -6.47 -6.55
N MET B 1 -5.80 3.56 -31.12
CA MET B 1 -5.70 2.13 -30.83
C MET B 1 -5.53 1.93 -29.33
N LEU B 2 -4.59 2.66 -28.77
CA LEU B 2 -4.32 2.64 -27.37
C LEU B 2 -3.93 4.03 -26.91
N ALA B 3 -4.18 4.34 -25.67
CA ALA B 3 -3.88 5.66 -25.15
C ALA B 3 -3.37 5.58 -23.73
N GLU B 4 -4.17 4.93 -22.88
CA GLU B 4 -3.86 4.78 -21.46
C GLU B 4 -3.88 6.14 -20.75
N LEU B 5 -3.35 6.18 -19.53
CA LEU B 5 -3.27 7.37 -18.71
C LEU B 5 -4.63 7.82 -18.20
N TYR B 6 -4.90 7.53 -16.96
CA TYR B 6 -6.14 7.93 -16.36
C TYR B 6 -5.83 9.16 -15.58
N GLY B 7 -4.74 9.09 -14.85
CA GLY B 7 -4.29 10.18 -14.09
C GLY B 7 -2.95 10.65 -14.59
N SER B 8 -2.70 10.39 -15.88
CA SER B 8 -1.41 10.70 -16.54
C SER B 8 -0.32 9.82 -15.93
N ASP B 9 -0.76 8.68 -15.46
CA ASP B 9 0.06 7.69 -14.80
C ASP B 9 0.52 6.62 -15.79
N PRO B 10 1.56 5.85 -15.45
CA PRO B 10 2.01 4.70 -16.23
C PRO B 10 1.73 3.37 -15.49
N GLN B 11 0.66 3.32 -14.70
CA GLN B 11 0.39 2.18 -13.78
C GLN B 11 1.55 2.08 -12.78
N GLU B 12 1.49 2.86 -11.73
CA GLU B 12 2.53 2.85 -10.72
C GLU B 12 2.39 1.66 -9.82
N GLU B 13 3.15 0.63 -10.10
CA GLU B 13 3.06 -0.64 -9.36
C GLU B 13 4.34 -0.99 -8.65
N LEU B 14 4.18 -1.47 -7.43
CA LEU B 14 5.27 -1.89 -6.62
C LEU B 14 4.91 -3.16 -5.86
N ILE B 15 5.79 -4.12 -5.84
CA ILE B 15 5.58 -5.31 -5.01
C ILE B 15 6.47 -5.20 -3.80
N ILE B 16 5.89 -5.32 -2.65
CA ILE B 16 6.59 -5.27 -1.43
C ILE B 16 6.65 -6.65 -0.84
N GLY A 1 -21.51 6.74 -4.89
CA GLY A 1 -22.12 7.18 -3.64
C GLY A 1 -21.10 7.22 -2.53
N SER A 2 -21.32 6.43 -1.51
CA SER A 2 -20.37 6.31 -0.45
C SER A 2 -19.50 5.10 -0.77
N ASP A 3 -18.40 5.36 -1.45
CA ASP A 3 -17.52 4.28 -1.89
C ASP A 3 -16.12 4.48 -1.37
N GLY A 4 -15.66 5.73 -1.41
CA GLY A 4 -14.31 6.05 -0.99
C GLY A 4 -14.21 6.30 0.51
N THR A 5 -15.31 6.09 1.20
CA THR A 5 -15.36 6.21 2.64
C THR A 5 -14.47 5.11 3.21
N ARG A 6 -13.75 5.36 4.28
CA ARG A 6 -12.73 4.42 4.68
C ARG A 6 -12.57 4.30 6.18
N GLU A 7 -12.18 3.13 6.62
CA GLU A 7 -11.88 2.88 8.01
C GLU A 7 -10.38 2.59 8.13
N PHE A 8 -9.82 2.67 9.31
CA PHE A 8 -8.39 2.50 9.50
C PHE A 8 -8.05 1.23 10.24
N LEU A 9 -7.09 0.49 9.72
CA LEU A 9 -6.62 -0.72 10.34
C LEU A 9 -5.12 -0.71 10.45
N THR A 10 -4.62 -1.18 11.54
CA THR A 10 -3.19 -1.21 11.78
C THR A 10 -2.72 -2.66 11.90
N PHE A 11 -1.79 -3.04 11.07
CA PHE A 11 -1.26 -4.38 11.09
C PHE A 11 0.24 -4.37 11.21
N GLU A 12 0.79 -5.28 11.97
CA GLU A 12 2.22 -5.41 12.02
C GLU A 12 2.65 -6.76 11.47
N VAL A 13 3.54 -6.70 10.55
CA VAL A 13 4.01 -7.82 9.81
C VAL A 13 5.49 -8.00 10.07
N PRO A 14 5.90 -9.11 10.65
CA PRO A 14 7.30 -9.36 10.86
C PRO A 14 7.94 -9.81 9.56
N LEU A 15 9.18 -9.44 9.36
CA LEU A 15 9.90 -9.88 8.19
C LEU A 15 10.37 -11.29 8.44
N ASN A 16 9.45 -12.20 8.30
CA ASN A 16 9.68 -13.61 8.61
C ASN A 16 9.26 -14.49 7.46
N ASP A 17 10.22 -15.26 6.95
CA ASP A 17 10.04 -16.25 5.87
C ASP A 17 9.94 -15.59 4.52
N SER A 18 9.30 -14.47 4.48
CA SER A 18 9.20 -13.67 3.32
C SER A 18 10.49 -12.89 3.13
N GLY A 19 11.30 -13.41 2.24
CA GLY A 19 12.54 -12.81 1.89
C GLY A 19 12.55 -12.41 0.44
N SER A 20 11.86 -13.19 -0.39
CA SER A 20 11.73 -12.87 -1.79
C SER A 20 10.72 -11.76 -1.97
N ALA A 21 9.89 -11.63 -1.00
CA ALA A 21 8.96 -10.59 -0.93
C ALA A 21 9.00 -10.15 0.47
N GLY A 22 8.99 -8.89 0.69
CA GLY A 22 9.09 -8.38 2.04
C GLY A 22 7.87 -8.71 2.82
N LEU A 23 6.77 -8.27 2.31
CA LEU A 23 5.50 -8.54 2.89
C LEU A 23 4.76 -9.48 2.02
N GLY A 24 5.08 -9.41 0.75
CA GLY A 24 4.44 -10.20 -0.22
C GLY A 24 3.13 -9.63 -0.53
N VAL A 25 3.14 -8.38 -0.87
CA VAL A 25 1.99 -7.71 -1.32
C VAL A 25 2.40 -6.90 -2.52
N SER A 26 1.50 -6.67 -3.39
CA SER A 26 1.75 -5.83 -4.48
C SER A 26 0.88 -4.63 -4.32
N VAL A 27 1.44 -3.50 -4.49
CA VAL A 27 0.73 -2.28 -4.39
C VAL A 27 0.86 -1.45 -5.63
N LYS A 28 -0.02 -0.53 -5.77
CA LYS A 28 -0.04 0.38 -6.90
C LYS A 28 -0.64 1.69 -6.46
N GLY A 29 -0.30 2.75 -7.12
CA GLY A 29 -0.84 4.01 -6.72
C GLY A 29 -1.90 4.51 -7.64
N ASN A 30 -3.04 4.83 -7.08
CA ASN A 30 -4.14 5.37 -7.85
C ASN A 30 -4.06 6.88 -7.73
N ARG A 31 -4.12 7.56 -8.83
CA ARG A 31 -3.96 8.97 -8.84
C ARG A 31 -5.00 9.63 -9.70
N SER A 32 -5.59 10.68 -9.20
CA SER A 32 -6.52 11.45 -9.97
C SER A 32 -5.70 12.39 -10.85
N LYS A 33 -5.45 11.97 -12.08
CA LYS A 33 -4.56 12.69 -13.01
C LYS A 33 -5.06 14.08 -13.33
N GLU A 34 -6.36 14.22 -13.56
CA GLU A 34 -6.96 15.51 -13.86
C GLU A 34 -6.85 16.45 -12.66
N ASN A 35 -7.10 15.90 -11.50
CA ASN A 35 -7.03 16.67 -10.26
C ASN A 35 -5.57 16.93 -9.87
N HIS A 36 -4.68 16.08 -10.39
CA HIS A 36 -3.21 16.15 -10.18
C HIS A 36 -2.84 15.82 -8.74
N ALA A 37 -3.68 15.04 -8.10
CA ALA A 37 -3.43 14.59 -6.76
C ALA A 37 -3.65 13.10 -6.70
N ASP A 38 -3.00 12.46 -5.80
CA ASP A 38 -3.04 11.02 -5.67
C ASP A 38 -4.15 10.62 -4.73
N LEU A 39 -4.60 9.40 -4.86
CA LEU A 39 -5.56 8.85 -3.95
C LEU A 39 -4.80 8.01 -2.92
N GLY A 40 -3.53 7.85 -3.20
CA GLY A 40 -2.63 7.10 -2.35
C GLY A 40 -2.22 5.80 -2.99
N ILE A 41 -1.54 4.98 -2.23
CA ILE A 41 -1.10 3.68 -2.69
C ILE A 41 -2.10 2.63 -2.22
N PHE A 42 -2.54 1.78 -3.10
CA PHE A 42 -3.52 0.76 -2.79
C PHE A 42 -2.96 -0.61 -3.11
N VAL A 43 -3.32 -1.58 -2.32
CA VAL A 43 -2.98 -2.96 -2.61
C VAL A 43 -3.70 -3.41 -3.89
N LYS A 44 -2.95 -3.95 -4.79
CA LYS A 44 -3.50 -4.47 -6.04
C LYS A 44 -3.68 -5.97 -5.96
N SER A 45 -2.70 -6.65 -5.44
CA SER A 45 -2.75 -8.07 -5.32
C SER A 45 -1.94 -8.51 -4.10
N ILE A 46 -2.38 -9.55 -3.46
CA ILE A 46 -1.72 -10.12 -2.33
C ILE A 46 -0.87 -11.28 -2.81
N ILE A 47 0.32 -11.39 -2.27
CA ILE A 47 1.20 -12.50 -2.62
C ILE A 47 1.10 -13.57 -1.55
N ASN A 48 0.63 -14.72 -1.94
CA ASN A 48 0.50 -15.83 -1.02
C ASN A 48 1.86 -16.29 -0.57
N GLY A 49 2.00 -16.46 0.72
CA GLY A 49 3.26 -16.81 1.29
C GLY A 49 3.86 -15.66 2.04
N GLY A 50 3.45 -14.46 1.68
CA GLY A 50 3.96 -13.28 2.33
C GLY A 50 3.46 -13.16 3.75
N ALA A 51 4.31 -12.66 4.62
CA ALA A 51 3.98 -12.52 6.04
C ALA A 51 2.79 -11.59 6.25
N ALA A 52 2.68 -10.57 5.42
CA ALA A 52 1.56 -9.62 5.50
C ALA A 52 0.26 -10.29 5.15
N SER A 53 0.36 -11.32 4.38
CA SER A 53 -0.81 -12.06 3.98
C SER A 53 -1.24 -12.93 5.16
N LYS A 54 -0.29 -13.64 5.73
CA LYS A 54 -0.55 -14.55 6.83
C LYS A 54 -0.97 -13.79 8.10
N ASP A 55 -0.17 -12.83 8.48
CA ASP A 55 -0.39 -12.03 9.69
C ASP A 55 -1.43 -10.93 9.51
N GLY A 56 -1.27 -10.13 8.49
CA GLY A 56 -2.09 -8.95 8.33
C GLY A 56 -3.46 -9.21 7.73
N ARG A 57 -3.53 -10.06 6.70
CA ARG A 57 -4.81 -10.37 6.02
C ARG A 57 -5.38 -9.14 5.30
N LEU A 58 -4.49 -8.27 4.78
CA LEU A 58 -4.92 -7.08 4.03
C LEU A 58 -5.66 -7.47 2.78
N ARG A 59 -6.42 -6.56 2.24
CA ARG A 59 -7.21 -6.88 1.08
C ARG A 59 -6.76 -6.11 -0.14
N VAL A 60 -7.44 -6.37 -1.23
CA VAL A 60 -7.20 -5.67 -2.48
C VAL A 60 -7.93 -4.32 -2.43
N ASN A 61 -7.29 -3.29 -2.99
CA ASN A 61 -7.81 -1.90 -3.03
C ASN A 61 -7.81 -1.36 -1.60
N ASP A 62 -6.86 -1.85 -0.84
CA ASP A 62 -6.64 -1.44 0.53
C ASP A 62 -5.63 -0.29 0.47
N GLN A 63 -5.94 0.85 1.03
CA GLN A 63 -5.13 2.05 0.85
C GLN A 63 -4.09 2.20 1.98
N LEU A 64 -2.82 2.13 1.60
CA LEU A 64 -1.70 2.26 2.52
C LEU A 64 -1.50 3.72 2.99
N ILE A 65 -1.80 3.96 4.25
CA ILE A 65 -1.77 5.31 4.85
C ILE A 65 -0.39 5.64 5.39
N ALA A 66 0.08 4.79 6.25
CA ALA A 66 1.33 4.98 6.91
C ALA A 66 2.05 3.66 6.97
N VAL A 67 3.33 3.71 6.88
CA VAL A 67 4.11 2.50 6.85
C VAL A 67 5.24 2.59 7.86
N ASN A 68 5.44 1.51 8.60
CA ASN A 68 6.49 1.40 9.63
C ASN A 68 6.27 2.41 10.74
N GLY A 69 5.07 2.96 10.79
CA GLY A 69 4.76 3.95 11.78
C GLY A 69 4.93 5.35 11.25
N GLU A 70 5.45 5.46 10.03
CA GLU A 70 5.68 6.72 9.40
C GLU A 70 4.59 7.01 8.40
N SER A 71 4.01 8.17 8.53
CA SER A 71 2.97 8.61 7.67
C SER A 71 3.55 9.18 6.37
N LEU A 72 2.97 8.81 5.25
CA LEU A 72 3.46 9.28 3.96
C LEU A 72 2.33 9.70 3.07
N LEU A 73 1.14 9.68 3.61
CA LEU A 73 -0.02 9.99 2.83
C LEU A 73 -0.08 11.49 2.55
N GLY A 74 0.43 11.87 1.42
CA GLY A 74 0.41 13.24 1.01
C GLY A 74 1.59 13.59 0.14
N LYS A 75 1.95 12.67 -0.73
CA LYS A 75 3.05 12.85 -1.65
C LYS A 75 2.76 12.09 -2.94
N ALA A 76 3.63 12.19 -3.90
CA ALA A 76 3.41 11.50 -5.17
C ALA A 76 3.55 9.98 -4.98
N ASN A 77 2.98 9.23 -5.89
CA ASN A 77 2.92 7.77 -5.78
C ASN A 77 4.31 7.16 -5.83
N GLN A 78 5.17 7.69 -6.70
CA GLN A 78 6.54 7.21 -6.81
C GLN A 78 7.32 7.53 -5.54
N GLU A 79 7.08 8.74 -5.01
CA GLU A 79 7.72 9.20 -3.78
C GLU A 79 7.33 8.27 -2.64
N ALA A 80 6.04 7.95 -2.60
CA ALA A 80 5.48 7.06 -1.60
C ALA A 80 6.13 5.69 -1.66
N MET A 81 6.36 5.20 -2.88
CA MET A 81 7.01 3.91 -3.09
C MET A 81 8.39 3.89 -2.48
N GLU A 82 9.15 4.95 -2.70
CA GLU A 82 10.48 5.02 -2.16
C GLU A 82 10.43 5.09 -0.64
N THR A 83 9.46 5.82 -0.12
CA THR A 83 9.26 5.91 1.31
C THR A 83 8.91 4.52 1.86
N LEU A 84 8.09 3.77 1.12
CA LEU A 84 7.71 2.42 1.53
C LEU A 84 8.93 1.53 1.58
N ARG A 85 9.62 1.43 0.45
CA ARG A 85 10.78 0.53 0.32
C ARG A 85 11.85 0.88 1.34
N ARG A 86 12.08 2.16 1.52
CA ARG A 86 13.03 2.65 2.50
C ARG A 86 12.62 2.34 3.91
N SER A 87 11.36 2.47 4.23
CA SER A 87 10.94 2.19 5.57
C SER A 87 11.01 0.68 5.83
N MET A 88 10.81 -0.10 4.79
CA MET A 88 10.89 -1.57 4.90
C MET A 88 12.31 -1.96 5.19
N SER A 89 13.22 -1.31 4.51
CA SER A 89 14.63 -1.59 4.63
C SER A 89 15.21 -0.98 5.91
N THR A 90 14.96 0.31 6.12
CA THR A 90 15.50 1.03 7.23
C THR A 90 14.86 0.59 8.55
N GLU A 91 13.57 0.73 8.63
CA GLU A 91 12.86 0.48 9.88
C GLU A 91 12.66 -1.03 10.06
N GLY A 92 12.32 -1.72 8.98
CA GLY A 92 12.09 -3.16 9.03
C GLY A 92 13.30 -3.96 9.51
N ASN A 93 14.48 -3.37 9.37
CA ASN A 93 15.72 -4.01 9.82
C ASN A 93 15.91 -3.79 11.32
N LYS A 94 15.35 -2.70 11.83
CA LYS A 94 15.49 -2.33 13.23
C LYS A 94 14.68 -3.25 14.13
N ARG A 95 13.37 -3.23 13.98
CA ARG A 95 12.51 -4.04 14.82
C ARG A 95 12.34 -5.45 14.29
N GLY A 96 12.58 -5.62 13.01
CA GLY A 96 12.41 -6.93 12.42
C GLY A 96 11.00 -7.12 11.91
N MET A 97 10.20 -6.10 12.09
CA MET A 97 8.83 -6.12 11.63
C MET A 97 8.45 -4.79 11.08
N ILE A 98 7.49 -4.80 10.24
CA ILE A 98 6.99 -3.65 9.59
C ILE A 98 5.53 -3.42 9.98
N GLN A 99 5.17 -2.19 10.17
CA GLN A 99 3.82 -1.83 10.57
C GLN A 99 3.10 -1.17 9.42
N LEU A 100 1.91 -1.59 9.16
CA LEU A 100 1.16 -1.06 8.06
C LEU A 100 -0.11 -0.47 8.58
N ILE A 101 -0.32 0.77 8.28
CA ILE A 101 -1.54 1.42 8.60
C ILE A 101 -2.25 1.62 7.32
N VAL A 102 -3.34 0.98 7.21
CA VAL A 102 -4.07 0.98 5.99
C VAL A 102 -5.48 1.46 6.21
N ALA A 103 -6.03 2.01 5.20
CA ALA A 103 -7.36 2.44 5.20
C ALA A 103 -8.12 1.58 4.26
N ARG A 104 -9.21 1.13 4.70
CA ARG A 104 -10.00 0.24 3.93
C ARG A 104 -11.19 0.99 3.47
N ARG A 105 -11.45 0.96 2.20
CA ARG A 105 -12.59 1.66 1.76
C ARG A 105 -13.81 0.80 1.96
N ILE A 106 -14.78 1.36 2.59
CA ILE A 106 -15.99 0.74 2.84
C ILE A 106 -17.07 1.38 2.01
N SER A 107 -17.46 0.68 1.02
CA SER A 107 -18.47 1.12 0.14
C SER A 107 -19.79 0.57 0.62
N ARG A 108 -20.84 1.34 0.52
CA ARG A 108 -22.12 0.84 0.92
C ARG A 108 -22.73 0.04 -0.23
N CYS A 109 -22.19 -1.14 -0.40
CA CYS A 109 -22.52 -2.06 -1.45
C CYS A 109 -21.66 -3.30 -1.25
N ASN A 110 -22.13 -4.41 -1.71
CA ASN A 110 -21.39 -5.65 -1.65
C ASN A 110 -20.41 -5.66 -2.84
N GLU A 111 -19.14 -5.93 -2.58
CA GLU A 111 -18.12 -5.95 -3.65
C GLU A 111 -18.42 -7.05 -4.66
N MET B 1 0.05 -8.08 -25.25
CA MET B 1 -1.05 -8.95 -24.84
C MET B 1 -1.73 -8.35 -23.63
N LEU B 2 -0.98 -7.58 -22.88
CA LEU B 2 -1.48 -6.89 -21.72
C LEU B 2 -1.22 -5.41 -21.88
N ALA B 3 -2.21 -4.71 -22.36
CA ALA B 3 -2.08 -3.30 -22.55
C ALA B 3 -3.04 -2.57 -21.64
N GLU B 4 -2.62 -2.35 -20.42
CA GLU B 4 -3.43 -1.67 -19.48
C GLU B 4 -2.62 -0.68 -18.66
N LEU B 5 -3.05 0.54 -18.72
CA LEU B 5 -2.46 1.62 -17.96
C LEU B 5 -3.58 2.26 -17.18
N TYR B 6 -3.34 3.39 -16.56
CA TYR B 6 -4.40 4.05 -15.86
C TYR B 6 -5.02 5.00 -16.84
N GLY B 7 -4.16 5.69 -17.56
CA GLY B 7 -4.57 6.47 -18.68
C GLY B 7 -3.41 6.71 -19.61
N SER B 8 -2.34 7.21 -19.05
CA SER B 8 -1.08 7.45 -19.73
C SER B 8 -0.06 7.60 -18.63
N ASP B 9 0.46 6.48 -18.18
CA ASP B 9 1.26 6.43 -17.00
C ASP B 9 2.36 5.43 -17.21
N PRO B 10 3.45 5.48 -16.40
CA PRO B 10 4.55 4.52 -16.50
C PRO B 10 4.20 3.17 -15.84
N GLN B 11 2.92 3.04 -15.45
CA GLN B 11 2.39 1.88 -14.72
C GLN B 11 2.99 1.82 -13.35
N GLU B 12 2.39 2.51 -12.44
CA GLU B 12 2.92 2.66 -11.10
C GLU B 12 2.41 1.59 -10.17
N GLU B 13 3.21 0.57 -10.07
CA GLU B 13 3.00 -0.60 -9.23
C GLU B 13 4.28 -0.88 -8.51
N LEU B 14 4.19 -1.41 -7.34
CA LEU B 14 5.33 -1.68 -6.55
C LEU B 14 5.07 -2.96 -5.77
N ILE B 15 6.02 -3.85 -5.78
CA ILE B 15 5.89 -5.09 -5.00
C ILE B 15 6.73 -4.98 -3.75
N ILE B 16 6.14 -5.25 -2.62
CA ILE B 16 6.85 -5.16 -1.40
C ILE B 16 7.19 -6.55 -0.85
N GLY A 1 -14.87 16.58 5.50
CA GLY A 1 -15.23 15.45 6.38
C GLY A 1 -16.29 14.62 5.75
N SER A 2 -16.19 13.29 5.91
CA SER A 2 -17.14 12.32 5.36
C SER A 2 -17.12 12.31 3.81
N ASP A 3 -16.03 12.84 3.25
CA ASP A 3 -15.82 12.88 1.79
C ASP A 3 -15.65 11.45 1.29
N GLY A 4 -15.09 10.66 2.15
CA GLY A 4 -14.89 9.27 1.93
C GLY A 4 -14.56 8.62 3.23
N THR A 5 -15.59 8.35 4.02
CA THR A 5 -15.44 7.81 5.36
C THR A 5 -14.59 6.55 5.39
N ARG A 6 -13.50 6.59 6.14
CA ARG A 6 -12.59 5.47 6.20
C ARG A 6 -12.02 5.33 7.59
N GLU A 7 -11.66 4.12 7.95
CA GLU A 7 -11.04 3.86 9.23
C GLU A 7 -9.65 3.33 8.99
N PHE A 8 -8.77 3.52 9.93
CA PHE A 8 -7.42 3.02 9.79
C PHE A 8 -7.27 1.66 10.41
N LEU A 9 -6.68 0.77 9.66
CA LEU A 9 -6.38 -0.55 10.10
C LEU A 9 -4.90 -0.69 10.15
N THR A 10 -4.43 -1.20 11.22
CA THR A 10 -3.03 -1.37 11.39
C THR A 10 -2.70 -2.85 11.42
N PHE A 11 -1.86 -3.25 10.52
CA PHE A 11 -1.42 -4.62 10.46
C PHE A 11 0.08 -4.66 10.66
N GLU A 12 0.55 -5.53 11.50
CA GLU A 12 1.97 -5.64 11.70
C GLU A 12 2.46 -6.95 11.18
N VAL A 13 3.51 -6.90 10.43
CA VAL A 13 4.02 -8.04 9.74
C VAL A 13 5.45 -8.23 10.14
N PRO A 14 5.79 -9.33 10.75
CA PRO A 14 7.15 -9.58 11.13
C PRO A 14 7.98 -10.09 9.96
N LEU A 15 9.23 -9.73 9.95
CA LEU A 15 10.16 -10.25 8.97
C LEU A 15 10.58 -11.61 9.40
N ASN A 16 9.61 -12.47 9.39
CA ASN A 16 9.76 -13.83 9.83
C ASN A 16 9.67 -14.76 8.66
N ASP A 17 8.46 -14.91 8.16
CA ASP A 17 8.23 -15.75 7.02
C ASP A 17 8.24 -14.87 5.80
N SER A 18 9.42 -14.52 5.43
CA SER A 18 9.67 -13.62 4.36
C SER A 18 11.01 -13.93 3.79
N GLY A 19 11.00 -14.45 2.61
CA GLY A 19 12.22 -14.77 1.96
C GLY A 19 12.10 -14.53 0.48
N SER A 20 10.93 -14.80 -0.05
CA SER A 20 10.68 -14.51 -1.45
C SER A 20 10.22 -13.07 -1.61
N ALA A 21 9.78 -12.51 -0.51
CA ALA A 21 9.37 -11.16 -0.45
C ALA A 21 9.64 -10.69 0.96
N GLY A 22 9.36 -9.46 1.22
CA GLY A 22 9.56 -8.91 2.53
C GLY A 22 8.31 -9.07 3.33
N LEU A 23 7.22 -8.65 2.76
CA LEU A 23 5.93 -8.85 3.37
C LEU A 23 5.14 -9.80 2.51
N GLY A 24 5.29 -9.61 1.22
CA GLY A 24 4.61 -10.37 0.28
C GLY A 24 3.36 -9.68 -0.11
N VAL A 25 3.48 -8.42 -0.43
CA VAL A 25 2.35 -7.67 -0.91
C VAL A 25 2.82 -6.90 -2.13
N SER A 26 1.92 -6.63 -3.01
CA SER A 26 2.21 -5.79 -4.10
C SER A 26 1.35 -4.56 -3.97
N VAL A 27 1.95 -3.44 -4.09
CA VAL A 27 1.27 -2.20 -4.06
C VAL A 27 1.53 -1.39 -5.29
N LYS A 28 0.63 -0.58 -5.60
CA LYS A 28 0.73 0.32 -6.73
C LYS A 28 -0.06 1.54 -6.44
N GLY A 29 0.27 2.62 -7.06
CA GLY A 29 -0.45 3.81 -6.78
C GLY A 29 -1.41 4.11 -7.87
N ASN A 30 -2.65 4.33 -7.48
CA ASN A 30 -3.68 4.61 -8.43
C ASN A 30 -3.77 6.10 -8.52
N ARG A 31 -3.62 6.58 -9.70
CA ARG A 31 -3.57 7.96 -9.95
C ARG A 31 -4.76 8.32 -10.81
N SER A 32 -5.33 9.47 -10.56
CA SER A 32 -6.39 9.98 -11.40
C SER A 32 -5.80 10.31 -12.76
N LYS A 33 -6.29 9.63 -13.77
CA LYS A 33 -5.76 9.68 -15.13
C LYS A 33 -5.51 11.11 -15.66
N GLU A 34 -6.57 11.84 -15.92
CA GLU A 34 -6.40 13.14 -16.53
C GLU A 34 -6.27 14.24 -15.48
N ASN A 35 -6.76 13.96 -14.27
CA ASN A 35 -6.70 14.93 -13.19
C ASN A 35 -5.27 14.98 -12.62
N HIS A 36 -4.53 13.87 -12.84
CA HIS A 36 -3.10 13.73 -12.47
C HIS A 36 -2.81 13.79 -10.98
N ALA A 37 -3.83 13.68 -10.18
CA ALA A 37 -3.66 13.64 -8.74
C ALA A 37 -3.69 12.21 -8.32
N ASP A 38 -2.93 11.88 -7.32
CA ASP A 38 -2.89 10.51 -6.87
C ASP A 38 -4.06 10.22 -5.95
N LEU A 39 -4.52 9.00 -5.99
CA LEU A 39 -5.54 8.55 -5.09
C LEU A 39 -4.86 7.85 -3.93
N GLY A 40 -3.55 7.71 -4.07
CA GLY A 40 -2.70 7.10 -3.07
C GLY A 40 -2.13 5.78 -3.53
N ILE A 41 -1.38 5.14 -2.66
CA ILE A 41 -0.83 3.84 -2.94
C ILE A 41 -1.80 2.80 -2.41
N PHE A 42 -2.19 1.89 -3.26
CA PHE A 42 -3.14 0.88 -2.88
C PHE A 42 -2.56 -0.50 -3.00
N VAL A 43 -3.01 -1.36 -2.14
CA VAL A 43 -2.69 -2.75 -2.23
C VAL A 43 -3.44 -3.32 -3.39
N LYS A 44 -2.72 -3.80 -4.33
CA LYS A 44 -3.28 -4.37 -5.52
C LYS A 44 -3.44 -5.85 -5.38
N SER A 45 -2.43 -6.49 -4.87
CA SER A 45 -2.40 -7.91 -4.81
C SER A 45 -1.61 -8.34 -3.59
N ILE A 46 -2.10 -9.30 -2.85
CA ILE A 46 -1.34 -9.86 -1.79
C ILE A 46 -0.63 -11.06 -2.32
N ILE A 47 0.61 -11.21 -1.98
CA ILE A 47 1.34 -12.35 -2.41
C ILE A 47 1.05 -13.46 -1.43
N ASN A 48 0.34 -14.45 -1.90
CA ASN A 48 -0.12 -15.53 -1.07
C ASN A 48 1.03 -16.38 -0.61
N GLY A 49 1.34 -16.28 0.65
CA GLY A 49 2.44 -17.01 1.21
C GLY A 49 3.33 -16.11 2.01
N GLY A 50 3.20 -14.82 1.81
CA GLY A 50 4.00 -13.87 2.57
C GLY A 50 3.49 -13.71 3.99
N ALA A 51 4.29 -13.09 4.85
CA ALA A 51 3.91 -12.89 6.24
C ALA A 51 2.71 -11.94 6.37
N ALA A 52 2.63 -10.96 5.48
CA ALA A 52 1.50 -10.04 5.48
C ALA A 52 0.26 -10.73 5.00
N SER A 53 0.48 -11.73 4.21
CA SER A 53 -0.59 -12.55 3.68
C SER A 53 -1.22 -13.36 4.80
N LYS A 54 -0.39 -14.08 5.51
CA LYS A 54 -0.84 -14.95 6.55
C LYS A 54 -1.26 -14.23 7.85
N ASP A 55 -0.41 -13.37 8.38
CA ASP A 55 -0.72 -12.71 9.66
C ASP A 55 -1.67 -11.53 9.51
N GLY A 56 -1.30 -10.62 8.62
CA GLY A 56 -2.02 -9.36 8.50
C GLY A 56 -3.33 -9.50 7.79
N ARG A 57 -3.35 -10.31 6.72
CA ARG A 57 -4.48 -10.51 5.88
C ARG A 57 -5.01 -9.21 5.29
N LEU A 58 -4.35 -8.74 4.24
CA LEU A 58 -4.76 -7.52 3.60
C LEU A 58 -6.01 -7.68 2.74
N ARG A 59 -6.61 -6.57 2.44
CA ARG A 59 -7.97 -6.52 1.93
C ARG A 59 -8.13 -6.09 0.45
N VAL A 60 -7.03 -5.62 -0.16
CA VAL A 60 -7.00 -5.24 -1.61
C VAL A 60 -7.79 -3.95 -1.91
N ASN A 61 -7.22 -3.09 -2.81
CA ASN A 61 -7.77 -1.74 -3.14
C ASN A 61 -7.73 -0.97 -1.83
N ASP A 62 -6.73 -1.33 -1.09
CA ASP A 62 -6.52 -0.88 0.25
C ASP A 62 -5.51 0.24 0.24
N GLN A 63 -5.84 1.31 0.90
CA GLN A 63 -5.03 2.50 0.85
C GLN A 63 -3.95 2.51 1.92
N LEU A 64 -2.70 2.60 1.48
CA LEU A 64 -1.57 2.67 2.40
C LEU A 64 -1.44 4.08 2.95
N ILE A 65 -1.58 4.17 4.25
CA ILE A 65 -1.55 5.44 4.94
C ILE A 65 -0.15 5.70 5.46
N ALA A 66 0.32 4.76 6.24
CA ALA A 66 1.58 4.89 6.89
C ALA A 66 2.27 3.56 6.93
N VAL A 67 3.56 3.60 7.03
CA VAL A 67 4.35 2.40 7.10
C VAL A 67 5.42 2.57 8.18
N ASN A 68 5.55 1.57 9.05
CA ASN A 68 6.44 1.64 10.22
C ASN A 68 6.24 2.89 11.07
N GLY A 69 5.04 3.41 11.05
CA GLY A 69 4.73 4.61 11.81
C GLY A 69 4.86 5.90 11.00
N GLU A 70 5.59 5.84 9.90
CA GLU A 70 5.79 7.02 9.07
C GLU A 70 4.64 7.12 8.08
N SER A 71 3.99 8.26 8.05
CA SER A 71 2.84 8.45 7.22
C SER A 71 3.26 9.00 5.86
N LEU A 72 2.55 8.61 4.82
CA LEU A 72 2.83 9.10 3.50
C LEU A 72 1.60 9.56 2.73
N LEU A 73 0.46 9.56 3.40
CA LEU A 73 -0.74 10.04 2.73
C LEU A 73 -0.66 11.54 2.61
N GLY A 74 -0.31 11.98 1.45
CA GLY A 74 -0.26 13.39 1.17
C GLY A 74 0.73 13.66 0.09
N LYS A 75 1.72 12.82 0.01
CA LYS A 75 2.70 12.93 -1.02
C LYS A 75 2.26 12.09 -2.21
N ALA A 76 2.93 12.26 -3.30
CA ALA A 76 2.55 11.62 -4.56
C ALA A 76 2.99 10.17 -4.59
N ASN A 77 2.47 9.43 -5.57
CA ASN A 77 2.74 7.98 -5.73
C ASN A 77 4.23 7.69 -5.75
N GLN A 78 4.96 8.53 -6.46
CA GLN A 78 6.40 8.39 -6.59
C GLN A 78 7.06 8.56 -5.25
N GLU A 79 6.72 9.64 -4.58
CA GLU A 79 7.30 10.00 -3.29
C GLU A 79 6.94 8.95 -2.26
N ALA A 80 5.71 8.48 -2.33
CA ALA A 80 5.20 7.48 -1.44
C ALA A 80 5.96 6.19 -1.57
N MET A 81 6.20 5.74 -2.81
CA MET A 81 6.98 4.53 -3.00
C MET A 81 8.39 4.69 -2.48
N GLU A 82 9.00 5.84 -2.71
CA GLU A 82 10.36 6.11 -2.21
C GLU A 82 10.40 5.99 -0.69
N THR A 83 9.40 6.58 -0.05
CA THR A 83 9.28 6.57 1.40
C THR A 83 9.03 5.13 1.87
N LEU A 84 8.07 4.48 1.22
CA LEU A 84 7.69 3.12 1.53
C LEU A 84 8.87 2.17 1.43
N ARG A 85 9.60 2.22 0.31
CA ARG A 85 10.78 1.36 0.11
C ARG A 85 11.77 1.54 1.25
N ARG A 86 12.04 2.77 1.57
CA ARG A 86 13.00 3.13 2.60
C ARG A 86 12.57 2.62 3.96
N SER A 87 11.37 2.91 4.35
CA SER A 87 10.93 2.57 5.68
C SER A 87 10.73 1.07 5.84
N MET A 88 10.26 0.41 4.80
CA MET A 88 10.00 -1.02 4.90
C MET A 88 11.30 -1.81 4.88
N SER A 89 12.28 -1.30 4.16
CA SER A 89 13.56 -1.96 4.06
C SER A 89 14.46 -1.56 5.23
N THR A 90 14.61 -0.26 5.45
CA THR A 90 15.49 0.24 6.48
C THR A 90 15.00 -0.12 7.87
N GLU A 91 13.78 0.23 8.17
CA GLU A 91 13.29 0.00 9.52
C GLU A 91 12.61 -1.34 9.70
N GLY A 92 12.14 -1.92 8.60
CA GLY A 92 11.48 -3.21 8.68
C GLY A 92 12.38 -4.29 9.24
N ASN A 93 13.52 -4.49 8.60
CA ASN A 93 14.47 -5.51 9.04
C ASN A 93 15.19 -5.09 10.32
N LYS A 94 15.22 -3.81 10.57
CA LYS A 94 15.86 -3.27 11.76
C LYS A 94 15.06 -3.64 13.00
N ARG A 95 13.76 -3.42 12.94
CA ARG A 95 12.88 -3.70 14.06
C ARG A 95 12.61 -5.20 14.14
N GLY A 96 12.60 -5.84 12.99
CA GLY A 96 12.32 -7.25 12.92
C GLY A 96 10.91 -7.48 12.45
N MET A 97 10.14 -6.42 12.47
CA MET A 97 8.78 -6.43 12.00
C MET A 97 8.45 -5.09 11.43
N ILE A 98 7.52 -5.09 10.56
CA ILE A 98 7.09 -3.92 9.91
C ILE A 98 5.60 -3.66 10.19
N GLN A 99 5.27 -2.42 10.39
CA GLN A 99 3.91 -2.01 10.66
C GLN A 99 3.32 -1.36 9.42
N LEU A 100 2.12 -1.75 9.08
CA LEU A 100 1.44 -1.18 7.93
C LEU A 100 0.14 -0.59 8.38
N ILE A 101 -0.05 0.66 8.11
CA ILE A 101 -1.27 1.32 8.41
C ILE A 101 -1.98 1.60 7.14
N VAL A 102 -3.08 0.99 7.00
CA VAL A 102 -3.87 1.08 5.82
C VAL A 102 -5.25 1.58 6.17
N ALA A 103 -5.99 1.99 5.20
CA ALA A 103 -7.30 2.52 5.46
C ALA A 103 -8.36 1.71 4.80
N ARG A 104 -9.41 1.53 5.52
CA ARG A 104 -10.53 0.80 5.07
C ARG A 104 -11.62 1.76 4.79
N ARG A 105 -12.10 1.78 3.60
CA ARG A 105 -13.15 2.68 3.29
C ARG A 105 -14.46 2.11 3.79
N ILE A 106 -15.13 2.86 4.61
CA ILE A 106 -16.41 2.46 5.14
C ILE A 106 -17.45 2.81 4.10
N SER A 107 -17.15 3.83 3.37
CA SER A 107 -17.93 4.25 2.26
C SER A 107 -17.52 3.39 1.06
N ARG A 108 -18.30 2.37 0.81
CA ARG A 108 -18.01 1.44 -0.26
C ARG A 108 -19.30 1.19 -1.03
N CYS A 109 -19.19 0.96 -2.31
CA CYS A 109 -20.32 0.59 -3.10
C CYS A 109 -20.42 -0.93 -3.09
N ASN A 110 -21.63 -1.47 -3.22
CA ASN A 110 -21.83 -2.92 -3.23
C ASN A 110 -21.06 -3.57 -4.38
N GLU A 111 -20.09 -4.37 -4.02
CA GLU A 111 -19.25 -5.06 -5.00
C GLU A 111 -19.42 -6.58 -4.87
N MET B 1 2.27 -5.28 -25.45
CA MET B 1 1.01 -4.61 -25.63
C MET B 1 0.82 -3.60 -24.53
N LEU B 2 0.33 -2.44 -24.88
CA LEU B 2 0.13 -1.37 -23.95
C LEU B 2 -1.33 -1.02 -23.83
N ALA B 3 -1.70 -0.42 -22.70
CA ALA B 3 -3.08 -0.05 -22.47
C ALA B 3 -3.45 1.26 -23.17
N GLU B 4 -2.80 2.37 -22.78
CA GLU B 4 -3.09 3.67 -23.38
C GLU B 4 -1.98 4.68 -23.15
N LEU B 5 -1.41 4.63 -21.95
CA LEU B 5 -0.35 5.56 -21.53
C LEU B 5 -0.84 7.00 -21.53
N TYR B 6 -2.04 7.22 -21.02
CA TYR B 6 -2.61 8.54 -20.95
C TYR B 6 -2.93 8.83 -19.49
N GLY B 7 -2.38 8.01 -18.62
CA GLY B 7 -2.64 8.12 -17.22
C GLY B 7 -3.18 6.85 -16.63
N SER B 8 -2.54 5.77 -16.95
CA SER B 8 -2.93 4.48 -16.48
C SER B 8 -1.67 3.70 -16.21
N ASP B 9 -1.54 3.21 -14.98
CA ASP B 9 -0.37 2.48 -14.48
C ASP B 9 0.16 1.42 -15.46
N PRO B 10 1.28 1.73 -16.15
CA PRO B 10 1.91 0.81 -17.09
C PRO B 10 2.69 -0.25 -16.35
N GLN B 11 3.49 0.19 -15.43
CA GLN B 11 4.27 -0.65 -14.58
C GLN B 11 4.80 0.19 -13.42
N GLU B 12 3.90 0.64 -12.58
CA GLU B 12 4.24 1.40 -11.42
C GLU B 12 3.69 0.71 -10.23
N GLU B 13 4.38 -0.33 -9.92
CA GLU B 13 4.01 -1.27 -8.90
C GLU B 13 5.22 -1.54 -8.06
N LEU B 14 5.00 -1.67 -6.81
CA LEU B 14 6.03 -1.93 -5.89
C LEU B 14 5.70 -3.18 -5.10
N ILE B 15 6.59 -4.11 -5.08
CA ILE B 15 6.40 -5.32 -4.32
C ILE B 15 7.17 -5.22 -3.04
N ILE B 16 6.49 -5.43 -1.96
CA ILE B 16 7.08 -5.40 -0.68
C ILE B 16 6.96 -6.77 -0.02
N GLY A 1 -20.42 10.20 8.94
CA GLY A 1 -19.56 10.91 9.89
C GLY A 1 -18.17 11.10 9.32
N SER A 2 -17.50 12.16 9.72
CA SER A 2 -16.17 12.47 9.22
C SER A 2 -15.13 11.51 9.80
N ASP A 3 -15.48 10.85 10.89
CA ASP A 3 -14.59 9.89 11.55
C ASP A 3 -14.78 8.51 10.95
N GLY A 4 -15.84 8.35 10.18
CA GLY A 4 -16.15 7.07 9.62
C GLY A 4 -16.29 7.12 8.14
N THR A 5 -15.42 7.88 7.50
CA THR A 5 -15.43 7.97 6.07
C THR A 5 -14.59 6.81 5.53
N ARG A 6 -13.52 6.53 6.24
CA ARG A 6 -12.70 5.41 5.96
C ARG A 6 -12.16 4.85 7.23
N GLU A 7 -11.84 3.59 7.24
CA GLU A 7 -11.43 2.94 8.45
C GLU A 7 -9.97 2.63 8.40
N PHE A 8 -9.31 2.92 9.47
CA PHE A 8 -7.90 2.69 9.61
C PHE A 8 -7.66 1.44 10.38
N LEU A 9 -6.96 0.54 9.79
CA LEU A 9 -6.62 -0.67 10.44
C LEU A 9 -5.15 -0.80 10.45
N THR A 10 -4.64 -1.22 11.54
CA THR A 10 -3.24 -1.34 11.69
C THR A 10 -2.85 -2.81 11.73
N PHE A 11 -1.94 -3.17 10.89
CA PHE A 11 -1.43 -4.50 10.83
C PHE A 11 0.06 -4.49 11.02
N GLU A 12 0.55 -5.38 11.81
CA GLU A 12 1.96 -5.52 11.98
C GLU A 12 2.38 -6.83 11.38
N VAL A 13 3.42 -6.79 10.64
CA VAL A 13 3.89 -7.91 9.87
C VAL A 13 5.34 -8.20 10.20
N PRO A 14 5.64 -9.36 10.74
CA PRO A 14 7.00 -9.70 11.04
C PRO A 14 7.75 -10.07 9.77
N LEU A 15 9.01 -9.80 9.73
CA LEU A 15 9.80 -10.14 8.58
C LEU A 15 10.17 -11.60 8.61
N ASN A 16 9.23 -12.39 8.14
CA ASN A 16 9.36 -13.85 8.08
C ASN A 16 10.25 -14.28 6.92
N ASP A 17 10.14 -15.54 6.51
CA ASP A 17 10.93 -16.07 5.43
C ASP A 17 10.38 -15.64 4.11
N SER A 18 10.63 -14.41 3.82
CA SER A 18 10.27 -13.82 2.60
C SER A 18 11.52 -13.54 1.80
N GLY A 19 12.24 -12.50 2.14
CA GLY A 19 13.48 -12.18 1.45
C GLY A 19 13.24 -11.63 0.06
N SER A 20 12.65 -12.44 -0.80
CA SER A 20 12.31 -12.04 -2.13
C SER A 20 11.13 -11.10 -2.08
N ALA A 21 10.33 -11.28 -1.08
CA ALA A 21 9.33 -10.39 -0.79
C ALA A 21 9.68 -9.85 0.57
N GLY A 22 9.09 -8.81 0.92
CA GLY A 22 9.28 -8.28 2.23
C GLY A 22 8.13 -8.70 3.07
N LEU A 23 6.98 -8.25 2.66
CA LEU A 23 5.73 -8.57 3.26
C LEU A 23 5.04 -9.58 2.38
N GLY A 24 5.31 -9.47 1.09
CA GLY A 24 4.75 -10.29 0.10
C GLY A 24 3.41 -9.76 -0.28
N VAL A 25 3.41 -8.49 -0.64
CA VAL A 25 2.23 -7.82 -1.11
C VAL A 25 2.65 -7.00 -2.32
N SER A 26 1.75 -6.75 -3.20
CA SER A 26 2.02 -5.86 -4.27
C SER A 26 1.14 -4.65 -4.10
N VAL A 27 1.72 -3.53 -4.24
CA VAL A 27 1.02 -2.29 -4.15
C VAL A 27 1.22 -1.46 -5.38
N LYS A 28 0.35 -0.56 -5.58
CA LYS A 28 0.40 0.35 -6.72
C LYS A 28 -0.23 1.65 -6.34
N GLY A 29 0.14 2.69 -6.99
CA GLY A 29 -0.44 3.95 -6.65
C GLY A 29 -1.48 4.36 -7.64
N ASN A 30 -2.66 4.65 -7.13
CA ASN A 30 -3.78 5.04 -7.96
C ASN A 30 -3.80 6.56 -7.97
N ARG A 31 -3.89 7.12 -9.14
CA ARG A 31 -3.88 8.55 -9.29
C ARG A 31 -4.97 9.00 -10.23
N SER A 32 -5.71 9.96 -9.79
CA SER A 32 -6.78 10.53 -10.56
C SER A 32 -6.21 11.63 -11.43
N LYS A 33 -6.26 11.42 -12.73
CA LYS A 33 -5.64 12.32 -13.67
C LYS A 33 -6.51 13.53 -13.94
N GLU A 34 -7.81 13.34 -13.96
CA GLU A 34 -8.74 14.44 -14.17
C GLU A 34 -8.83 15.28 -12.92
N ASN A 35 -8.72 14.61 -11.79
CA ASN A 35 -8.70 15.28 -10.49
C ASN A 35 -7.36 15.91 -10.24
N HIS A 36 -6.33 15.41 -10.95
CA HIS A 36 -4.95 15.90 -10.83
C HIS A 36 -4.45 15.68 -9.41
N ALA A 37 -4.88 14.60 -8.83
CA ALA A 37 -4.54 14.26 -7.48
C ALA A 37 -4.41 12.77 -7.33
N ASP A 38 -3.47 12.35 -6.55
CA ASP A 38 -3.30 10.95 -6.27
C ASP A 38 -4.29 10.50 -5.24
N LEU A 39 -4.62 9.25 -5.28
CA LEU A 39 -5.52 8.68 -4.32
C LEU A 39 -4.70 7.94 -3.28
N GLY A 40 -3.41 7.88 -3.54
CA GLY A 40 -2.48 7.23 -2.65
C GLY A 40 -2.03 5.89 -3.18
N ILE A 41 -1.42 5.12 -2.33
CA ILE A 41 -0.93 3.81 -2.68
C ILE A 41 -1.95 2.77 -2.23
N PHE A 42 -2.28 1.83 -3.08
CA PHE A 42 -3.26 0.80 -2.77
C PHE A 42 -2.70 -0.58 -3.03
N VAL A 43 -3.21 -1.55 -2.32
CA VAL A 43 -2.85 -2.94 -2.52
C VAL A 43 -3.48 -3.46 -3.81
N LYS A 44 -2.73 -4.18 -4.59
CA LYS A 44 -3.22 -4.72 -5.85
C LYS A 44 -3.25 -6.25 -5.84
N SER A 45 -2.28 -6.85 -5.17
CA SER A 45 -2.19 -8.29 -5.11
C SER A 45 -1.58 -8.71 -3.79
N ILE A 46 -2.11 -9.75 -3.22
CA ILE A 46 -1.56 -10.35 -2.05
C ILE A 46 -0.70 -11.52 -2.49
N ILE A 47 0.50 -11.56 -2.03
CA ILE A 47 1.40 -12.63 -2.39
C ILE A 47 1.28 -13.76 -1.39
N ASN A 48 0.79 -14.88 -1.86
CA ASN A 48 0.57 -16.05 -1.03
C ASN A 48 1.89 -16.52 -0.48
N GLY A 49 1.95 -16.67 0.82
CA GLY A 49 3.18 -17.05 1.46
C GLY A 49 3.75 -15.90 2.24
N GLY A 50 3.36 -14.69 1.86
CA GLY A 50 3.84 -13.50 2.50
C GLY A 50 3.40 -13.39 3.93
N ALA A 51 4.18 -12.68 4.71
CA ALA A 51 3.92 -12.52 6.11
C ALA A 51 2.71 -11.65 6.35
N ALA A 52 2.53 -10.65 5.51
CA ALA A 52 1.39 -9.77 5.62
C ALA A 52 0.15 -10.51 5.21
N SER A 53 0.35 -11.46 4.38
CA SER A 53 -0.69 -12.27 3.87
C SER A 53 -1.19 -13.23 4.96
N LYS A 54 -0.26 -13.96 5.57
CA LYS A 54 -0.62 -14.92 6.59
C LYS A 54 -0.97 -14.26 7.93
N ASP A 55 -0.08 -13.41 8.41
CA ASP A 55 -0.19 -12.84 9.76
C ASP A 55 -1.19 -11.69 9.83
N GLY A 56 -1.04 -10.73 8.93
CA GLY A 56 -1.85 -9.53 8.99
C GLY A 56 -3.21 -9.69 8.33
N ARG A 57 -3.24 -10.33 7.16
CA ARG A 57 -4.45 -10.52 6.38
C ARG A 57 -4.95 -9.21 5.82
N LEU A 58 -4.37 -8.82 4.73
CA LEU A 58 -4.77 -7.61 4.06
C LEU A 58 -5.59 -7.89 2.85
N ARG A 59 -6.25 -6.88 2.40
CA ARG A 59 -7.19 -6.95 1.28
C ARG A 59 -6.67 -6.18 0.08
N VAL A 60 -7.26 -6.47 -1.04
CA VAL A 60 -6.92 -5.80 -2.27
C VAL A 60 -7.67 -4.45 -2.33
N ASN A 61 -6.99 -3.45 -2.88
CA ASN A 61 -7.52 -2.10 -3.10
C ASN A 61 -7.65 -1.29 -1.78
N ASP A 62 -6.95 -1.74 -0.73
CA ASP A 62 -6.89 -0.96 0.50
C ASP A 62 -5.83 0.14 0.28
N GLN A 63 -5.94 1.26 0.95
CA GLN A 63 -5.05 2.38 0.72
C GLN A 63 -4.02 2.49 1.88
N LEU A 64 -2.76 2.30 1.55
CA LEU A 64 -1.66 2.31 2.53
C LEU A 64 -1.36 3.72 3.04
N ILE A 65 -1.54 3.90 4.33
CA ILE A 65 -1.42 5.19 4.97
C ILE A 65 -0.03 5.39 5.55
N ALA A 66 0.32 4.55 6.51
CA ALA A 66 1.56 4.70 7.21
C ALA A 66 2.27 3.39 7.30
N VAL A 67 3.57 3.45 7.14
CA VAL A 67 4.43 2.31 7.14
C VAL A 67 5.49 2.53 8.18
N ASN A 68 5.55 1.66 9.18
CA ASN A 68 6.48 1.82 10.33
C ASN A 68 6.38 3.22 10.92
N GLY A 69 5.15 3.68 11.09
CA GLY A 69 4.89 5.01 11.63
C GLY A 69 5.19 6.17 10.64
N GLU A 70 5.63 5.83 9.45
CA GLU A 70 5.93 6.83 8.44
C GLU A 70 4.73 6.98 7.51
N SER A 71 4.28 8.19 7.31
CA SER A 71 3.08 8.43 6.53
C SER A 71 3.41 8.75 5.07
N LEU A 72 2.51 8.35 4.19
CA LEU A 72 2.62 8.63 2.78
C LEU A 72 1.64 9.70 2.38
N LEU A 73 0.78 10.09 3.33
CA LEU A 73 -0.27 11.04 3.06
C LEU A 73 0.29 12.43 2.85
N GLY A 74 0.40 12.81 1.62
CA GLY A 74 0.85 14.14 1.31
C GLY A 74 1.92 14.15 0.26
N LYS A 75 2.49 13.00 0.00
CA LYS A 75 3.52 12.89 -1.00
C LYS A 75 2.99 12.12 -2.21
N ALA A 76 3.51 12.46 -3.38
CA ALA A 76 3.09 11.85 -4.65
C ALA A 76 3.32 10.33 -4.65
N ASN A 77 2.69 9.63 -5.61
CA ASN A 77 2.75 8.16 -5.69
C ASN A 77 4.17 7.64 -5.71
N GLN A 78 5.02 8.23 -6.56
CA GLN A 78 6.40 7.78 -6.66
C GLN A 78 7.21 8.18 -5.42
N GLU A 79 6.91 9.36 -4.87
CA GLU A 79 7.58 9.83 -3.65
C GLU A 79 7.28 8.86 -2.54
N ALA A 80 6.01 8.50 -2.46
CA ALA A 80 5.52 7.56 -1.49
C ALA A 80 6.24 6.27 -1.60
N MET A 81 6.36 5.75 -2.82
CA MET A 81 7.05 4.49 -3.03
C MET A 81 8.50 4.51 -2.61
N GLU A 82 9.20 5.62 -2.80
CA GLU A 82 10.57 5.72 -2.35
C GLU A 82 10.59 5.62 -0.82
N THR A 83 9.73 6.40 -0.19
CA THR A 83 9.64 6.46 1.25
C THR A 83 9.16 5.10 1.79
N LEU A 84 8.30 4.48 1.03
CA LEU A 84 7.74 3.19 1.33
C LEU A 84 8.85 2.14 1.32
N ARG A 85 9.58 2.03 0.20
CA ARG A 85 10.66 1.04 0.08
C ARG A 85 11.67 1.21 1.19
N ARG A 86 12.05 2.44 1.41
CA ARG A 86 13.02 2.78 2.40
C ARG A 86 12.52 2.45 3.80
N SER A 87 11.33 2.84 4.13
CA SER A 87 10.86 2.66 5.49
C SER A 87 10.49 1.20 5.76
N MET A 88 10.00 0.51 4.76
CA MET A 88 9.59 -0.87 4.93
C MET A 88 10.81 -1.77 5.07
N SER A 89 11.89 -1.38 4.42
CA SER A 89 13.09 -2.15 4.47
C SER A 89 14.00 -1.67 5.61
N THR A 90 14.33 -0.38 5.61
CA THR A 90 15.27 0.19 6.58
C THR A 90 14.78 0.08 8.01
N GLU A 91 13.54 0.44 8.23
CA GLU A 91 12.99 0.42 9.54
C GLU A 91 12.40 -0.98 9.81
N GLY A 92 11.83 -1.59 8.77
CA GLY A 92 11.18 -2.88 8.92
C GLY A 92 12.14 -3.98 9.32
N ASN A 93 13.23 -4.11 8.60
CA ASN A 93 14.21 -5.17 8.87
C ASN A 93 15.08 -4.80 10.09
N LYS A 94 14.83 -3.61 10.63
CA LYS A 94 15.51 -3.17 11.83
C LYS A 94 14.74 -3.64 13.05
N ARG A 95 13.44 -3.45 13.02
CA ARG A 95 12.59 -3.80 14.14
C ARG A 95 12.33 -5.30 14.14
N GLY A 96 12.37 -5.89 12.95
CA GLY A 96 12.10 -7.31 12.81
C GLY A 96 10.68 -7.53 12.38
N MET A 97 9.91 -6.48 12.48
CA MET A 97 8.53 -6.47 12.10
C MET A 97 8.17 -5.09 11.60
N ILE A 98 7.32 -5.05 10.65
CA ILE A 98 6.89 -3.83 10.03
C ILE A 98 5.44 -3.53 10.39
N GLN A 99 5.14 -2.28 10.58
CA GLN A 99 3.81 -1.83 10.94
C GLN A 99 3.16 -1.12 9.77
N LEU A 100 1.95 -1.49 9.46
CA LEU A 100 1.24 -0.89 8.35
C LEU A 100 -0.09 -0.37 8.82
N ILE A 101 -0.34 0.88 8.58
CA ILE A 101 -1.65 1.42 8.81
C ILE A 101 -2.27 1.57 7.45
N VAL A 102 -3.37 0.92 7.26
CA VAL A 102 -4.04 0.94 6.01
C VAL A 102 -5.46 1.45 6.19
N ALA A 103 -6.01 2.02 5.16
CA ALA A 103 -7.30 2.64 5.23
C ALA A 103 -8.22 2.13 4.15
N ARG A 104 -9.36 1.68 4.53
CA ARG A 104 -10.34 1.26 3.56
C ARG A 104 -11.48 2.25 3.60
N ARG A 105 -11.79 2.85 2.48
CA ARG A 105 -12.82 3.86 2.46
C ARG A 105 -14.18 3.30 2.17
N ILE A 106 -15.16 3.77 2.90
CA ILE A 106 -16.52 3.22 2.84
C ILE A 106 -17.26 3.70 1.59
N SER A 107 -16.69 4.66 0.93
CA SER A 107 -17.24 5.16 -0.32
C SER A 107 -16.55 4.45 -1.50
N ARG A 108 -15.85 3.36 -1.21
CA ARG A 108 -15.14 2.60 -2.22
C ARG A 108 -16.03 1.41 -2.57
N CYS A 109 -16.67 1.47 -3.71
CA CYS A 109 -17.51 0.39 -4.15
C CYS A 109 -16.67 -0.75 -4.72
N ASN A 110 -16.36 -1.71 -3.88
CA ASN A 110 -15.54 -2.82 -4.30
C ASN A 110 -16.42 -3.97 -4.75
N GLU A 111 -16.31 -4.35 -6.00
CA GLU A 111 -17.12 -5.43 -6.54
C GLU A 111 -16.25 -6.21 -7.53
N MET B 1 -2.48 8.96 -34.21
CA MET B 1 -1.57 9.97 -33.72
C MET B 1 -0.70 9.38 -32.63
N LEU B 2 -1.24 8.34 -32.00
CA LEU B 2 -0.60 7.59 -30.92
C LEU B 2 -0.12 8.49 -29.78
N ALA B 3 -1.04 8.94 -29.00
CA ALA B 3 -0.74 9.75 -27.83
C ALA B 3 -1.49 9.19 -26.64
N GLU B 4 -2.26 8.16 -26.91
CA GLU B 4 -3.11 7.51 -25.94
C GLU B 4 -2.29 6.90 -24.83
N LEU B 5 -2.43 7.43 -23.65
CA LEU B 5 -1.75 6.89 -22.51
C LEU B 5 -2.75 6.48 -21.48
N TYR B 6 -2.38 5.54 -20.69
CA TYR B 6 -3.18 5.09 -19.63
C TYR B 6 -2.32 5.21 -18.43
N GLY B 7 -2.67 6.15 -17.60
CA GLY B 7 -1.84 6.53 -16.51
C GLY B 7 -1.70 5.53 -15.37
N SER B 8 -1.03 4.45 -15.65
CA SER B 8 -0.64 3.45 -14.69
C SER B 8 0.35 2.51 -15.34
N ASP B 9 1.61 2.85 -15.26
CA ASP B 9 2.65 2.03 -15.86
C ASP B 9 3.21 1.06 -14.82
N PRO B 10 3.98 0.01 -15.23
CA PRO B 10 4.53 -1.02 -14.30
C PRO B 10 5.47 -0.49 -13.21
N GLN B 11 5.86 0.77 -13.30
CA GLN B 11 6.71 1.36 -12.27
C GLN B 11 5.87 2.07 -11.24
N GLU B 12 4.56 2.09 -11.46
CA GLU B 12 3.62 2.65 -10.52
C GLU B 12 3.05 1.53 -9.67
N GLU B 13 3.67 0.38 -9.85
CA GLU B 13 3.44 -0.84 -9.09
C GLU B 13 4.72 -1.16 -8.35
N LEU B 14 4.58 -1.54 -7.13
CA LEU B 14 5.69 -1.87 -6.31
C LEU B 14 5.39 -3.12 -5.51
N ILE B 15 6.29 -4.06 -5.52
CA ILE B 15 6.11 -5.29 -4.76
C ILE B 15 6.94 -5.23 -3.49
N ILE B 16 6.31 -5.48 -2.36
CA ILE B 16 6.98 -5.47 -1.13
C ILE B 16 6.89 -6.84 -0.50
N GLY A 1 -12.52 7.68 9.79
CA GLY A 1 -11.75 8.56 8.93
C GLY A 1 -12.57 9.75 8.49
N SER A 2 -11.98 10.62 7.71
CA SER A 2 -12.63 11.79 7.23
C SER A 2 -13.35 11.54 5.90
N ASP A 3 -12.57 11.23 4.87
CA ASP A 3 -13.13 11.00 3.53
C ASP A 3 -13.79 9.66 3.39
N GLY A 4 -15.10 9.71 3.33
CA GLY A 4 -15.89 8.53 3.16
C GLY A 4 -15.96 7.71 4.41
N THR A 5 -16.53 6.57 4.32
CA THR A 5 -16.61 5.70 5.44
C THR A 5 -15.45 4.69 5.42
N ARG A 6 -14.37 5.04 6.08
CA ARG A 6 -13.22 4.17 6.15
C ARG A 6 -12.53 4.32 7.49
N GLU A 7 -12.07 3.22 8.04
CA GLU A 7 -11.34 3.26 9.29
C GLU A 7 -9.89 2.88 9.07
N PHE A 8 -9.05 3.20 10.01
CA PHE A 8 -7.63 2.91 9.90
C PHE A 8 -7.29 1.64 10.61
N LEU A 9 -6.73 0.73 9.89
CA LEU A 9 -6.33 -0.51 10.46
C LEU A 9 -4.85 -0.59 10.50
N THR A 10 -4.37 -0.96 11.61
CA THR A 10 -2.97 -1.10 11.79
C THR A 10 -2.59 -2.56 11.78
N PHE A 11 -1.75 -2.91 10.86
CA PHE A 11 -1.26 -4.25 10.73
C PHE A 11 0.23 -4.22 10.87
N GLU A 12 0.76 -5.00 11.75
CA GLU A 12 2.18 -5.07 11.92
C GLU A 12 2.68 -6.40 11.45
N VAL A 13 3.54 -6.35 10.51
CA VAL A 13 4.03 -7.50 9.82
C VAL A 13 5.46 -7.77 10.24
N PRO A 14 5.74 -8.90 10.84
CA PRO A 14 7.08 -9.24 11.23
C PRO A 14 7.92 -9.64 10.03
N LEU A 15 9.19 -9.31 10.08
CA LEU A 15 10.11 -9.65 9.02
C LEU A 15 10.51 -11.10 9.14
N ASN A 16 9.64 -11.94 8.67
CA ASN A 16 9.85 -13.38 8.72
C ASN A 16 9.86 -13.97 7.34
N ASP A 17 8.71 -13.90 6.68
CA ASP A 17 8.54 -14.42 5.32
C ASP A 17 8.99 -13.37 4.32
N SER A 18 9.70 -12.41 4.85
CA SER A 18 10.17 -11.27 4.14
C SER A 18 11.39 -11.56 3.29
N GLY A 19 11.74 -12.83 3.17
CA GLY A 19 12.87 -13.18 2.38
C GLY A 19 12.49 -13.41 0.93
N SER A 20 11.22 -13.71 0.70
CA SER A 20 10.74 -13.95 -0.66
C SER A 20 10.20 -12.65 -1.26
N ALA A 21 9.69 -11.84 -0.40
CA ALA A 21 9.15 -10.57 -0.67
C ALA A 21 9.08 -9.91 0.66
N GLY A 22 9.09 -8.61 0.71
CA GLY A 22 9.16 -7.91 1.96
C GLY A 22 7.95 -8.14 2.79
N LEU A 23 6.81 -7.85 2.24
CA LEU A 23 5.58 -8.10 2.90
C LEU A 23 4.84 -9.21 2.17
N GLY A 24 5.04 -9.22 0.85
CA GLY A 24 4.42 -10.16 0.00
C GLY A 24 3.14 -9.61 -0.50
N VAL A 25 3.17 -8.37 -0.83
CA VAL A 25 2.03 -7.73 -1.37
C VAL A 25 2.49 -6.95 -2.58
N SER A 26 1.63 -6.76 -3.49
CA SER A 26 1.91 -5.90 -4.57
C SER A 26 1.04 -4.71 -4.38
N VAL A 27 1.57 -3.57 -4.58
CA VAL A 27 0.83 -2.37 -4.49
C VAL A 27 0.98 -1.56 -5.72
N LYS A 28 0.11 -0.64 -5.88
CA LYS A 28 0.13 0.27 -6.99
C LYS A 28 -0.44 1.59 -6.57
N GLY A 29 -0.02 2.63 -7.20
CA GLY A 29 -0.56 3.90 -6.89
C GLY A 29 -1.48 4.36 -7.97
N ASN A 30 -2.61 4.87 -7.57
CA ASN A 30 -3.56 5.39 -8.50
C ASN A 30 -3.53 6.88 -8.43
N ARG A 31 -3.63 7.49 -9.55
CA ARG A 31 -3.61 8.91 -9.63
C ARG A 31 -4.74 9.35 -10.52
N SER A 32 -5.40 10.42 -10.14
CA SER A 32 -6.48 10.96 -10.91
C SER A 32 -6.02 11.30 -12.32
N LYS A 33 -6.56 10.58 -13.27
CA LYS A 33 -6.21 10.67 -14.67
C LYS A 33 -6.43 12.08 -15.22
N GLU A 34 -7.52 12.68 -14.81
CA GLU A 34 -7.87 14.01 -15.27
C GLU A 34 -7.60 15.06 -14.21
N ASN A 35 -7.89 14.74 -12.96
CA ASN A 35 -7.69 15.70 -11.86
C ASN A 35 -6.20 15.86 -11.51
N HIS A 36 -5.40 14.89 -11.94
CA HIS A 36 -3.91 14.91 -11.86
C HIS A 36 -3.33 14.81 -10.45
N ALA A 37 -4.18 14.58 -9.47
CA ALA A 37 -3.72 14.41 -8.09
C ALA A 37 -3.71 12.94 -7.76
N ASP A 38 -2.86 12.51 -6.86
CA ASP A 38 -2.78 11.10 -6.53
C ASP A 38 -3.90 10.69 -5.60
N LEU A 39 -4.37 9.49 -5.77
CA LEU A 39 -5.42 8.94 -4.92
C LEU A 39 -4.77 8.13 -3.84
N GLY A 40 -3.46 7.96 -3.99
CA GLY A 40 -2.68 7.22 -3.04
C GLY A 40 -2.30 5.85 -3.53
N ILE A 41 -1.62 5.12 -2.67
CA ILE A 41 -1.15 3.79 -2.98
C ILE A 41 -2.17 2.78 -2.50
N PHE A 42 -2.51 1.85 -3.36
CA PHE A 42 -3.49 0.84 -3.06
C PHE A 42 -2.90 -0.53 -3.26
N VAL A 43 -3.43 -1.49 -2.54
CA VAL A 43 -3.04 -2.87 -2.70
C VAL A 43 -3.48 -3.39 -4.07
N LYS A 44 -2.55 -3.92 -4.74
CA LYS A 44 -2.69 -4.44 -6.06
C LYS A 44 -3.01 -5.93 -6.02
N SER A 45 -2.14 -6.71 -5.43
CA SER A 45 -2.33 -8.14 -5.34
C SER A 45 -1.67 -8.67 -4.08
N ILE A 46 -2.24 -9.68 -3.47
CA ILE A 46 -1.60 -10.31 -2.35
C ILE A 46 -0.77 -11.50 -2.81
N ILE A 47 0.44 -11.55 -2.35
CA ILE A 47 1.31 -12.66 -2.66
C ILE A 47 1.13 -13.66 -1.56
N ASN A 48 0.59 -14.81 -1.89
CA ASN A 48 0.36 -15.82 -0.87
C ASN A 48 1.65 -16.56 -0.58
N GLY A 49 2.42 -15.94 0.23
CA GLY A 49 3.70 -16.44 0.63
C GLY A 49 4.48 -15.31 1.24
N GLY A 50 3.81 -14.57 2.09
CA GLY A 50 4.38 -13.43 2.73
C GLY A 50 3.79 -13.24 4.10
N ALA A 51 4.49 -12.53 4.94
CA ALA A 51 4.05 -12.33 6.31
C ALA A 51 2.84 -11.42 6.40
N ALA A 52 2.77 -10.43 5.54
CA ALA A 52 1.63 -9.50 5.55
C ALA A 52 0.40 -10.20 5.07
N SER A 53 0.61 -11.18 4.29
CA SER A 53 -0.46 -11.95 3.75
C SER A 53 -1.08 -12.81 4.84
N LYS A 54 -0.24 -13.59 5.52
CA LYS A 54 -0.72 -14.47 6.57
C LYS A 54 -1.09 -13.74 7.84
N ASP A 55 -0.16 -12.95 8.34
CA ASP A 55 -0.37 -12.28 9.60
C ASP A 55 -1.23 -11.06 9.43
N GLY A 56 -0.85 -10.22 8.48
CA GLY A 56 -1.52 -8.95 8.26
C GLY A 56 -2.97 -9.08 7.84
N ARG A 57 -3.26 -10.04 6.94
CA ARG A 57 -4.66 -10.30 6.46
C ARG A 57 -5.19 -9.13 5.62
N LEU A 58 -4.31 -8.44 4.89
CA LEU A 58 -4.73 -7.30 4.07
C LEU A 58 -5.58 -7.71 2.87
N ARG A 59 -6.32 -6.75 2.37
CA ARG A 59 -7.23 -6.95 1.24
C ARG A 59 -6.80 -6.15 0.01
N VAL A 60 -7.25 -6.58 -1.16
CA VAL A 60 -6.93 -5.91 -2.41
C VAL A 60 -7.61 -4.53 -2.48
N ASN A 61 -6.91 -3.58 -3.08
CA ASN A 61 -7.39 -2.19 -3.28
C ASN A 61 -7.53 -1.48 -1.92
N ASP A 62 -6.71 -1.89 -0.96
CA ASP A 62 -6.67 -1.20 0.32
C ASP A 62 -5.77 0.01 0.13
N GLN A 63 -6.05 1.10 0.79
CA GLN A 63 -5.25 2.30 0.59
C GLN A 63 -4.22 2.41 1.72
N LEU A 64 -2.95 2.26 1.35
CA LEU A 64 -1.84 2.30 2.29
C LEU A 64 -1.58 3.73 2.77
N ILE A 65 -1.85 3.94 4.04
CA ILE A 65 -1.79 5.26 4.64
C ILE A 65 -0.41 5.56 5.21
N ALA A 66 0.07 4.67 6.05
CA ALA A 66 1.32 4.94 6.75
C ALA A 66 2.14 3.67 6.92
N VAL A 67 3.47 3.84 7.00
CA VAL A 67 4.40 2.73 7.20
C VAL A 67 5.39 3.08 8.30
N ASN A 68 5.61 2.12 9.19
CA ASN A 68 6.56 2.26 10.34
C ASN A 68 6.45 3.58 11.09
N GLY A 69 5.24 4.07 11.21
CA GLY A 69 5.04 5.32 11.93
C GLY A 69 4.89 6.55 11.06
N GLU A 70 5.41 6.51 9.84
CA GLU A 70 5.32 7.67 8.98
C GLU A 70 4.09 7.63 8.11
N SER A 71 3.36 8.73 8.08
CA SER A 71 2.21 8.87 7.23
C SER A 71 2.67 9.19 5.80
N LEU A 72 2.18 8.44 4.84
CA LEU A 72 2.49 8.65 3.45
C LEU A 72 1.37 9.37 2.75
N LEU A 73 0.21 9.40 3.36
CA LEU A 73 -0.92 10.10 2.80
C LEU A 73 -0.64 11.59 2.93
N GLY A 74 -0.07 12.14 1.89
CA GLY A 74 0.28 13.52 1.85
C GLY A 74 1.39 13.74 0.86
N LYS A 75 2.24 12.74 0.74
CA LYS A 75 3.29 12.77 -0.25
C LYS A 75 2.81 12.10 -1.52
N ALA A 76 3.49 12.35 -2.62
CA ALA A 76 3.08 11.81 -3.93
C ALA A 76 3.29 10.29 -3.98
N ASN A 77 2.72 9.63 -5.00
CA ASN A 77 2.81 8.15 -5.10
C ASN A 77 4.24 7.71 -5.14
N GLN A 78 5.03 8.36 -5.99
CA GLN A 78 6.46 8.03 -6.16
C GLN A 78 7.17 8.05 -4.81
N GLU A 79 6.89 9.09 -4.05
CA GLU A 79 7.47 9.29 -2.75
C GLU A 79 7.04 8.20 -1.81
N ALA A 80 5.74 7.96 -1.81
CA ALA A 80 5.14 6.97 -0.96
C ALA A 80 5.73 5.59 -1.23
N MET A 81 5.82 5.23 -2.49
CA MET A 81 6.32 3.92 -2.88
C MET A 81 7.78 3.76 -2.49
N GLU A 82 8.56 4.81 -2.67
CA GLU A 82 9.95 4.74 -2.28
C GLU A 82 10.09 4.66 -0.77
N THR A 83 9.27 5.43 -0.05
CA THR A 83 9.28 5.39 1.41
C THR A 83 8.81 4.01 1.89
N LEU A 84 7.82 3.48 1.23
CA LEU A 84 7.23 2.19 1.54
C LEU A 84 8.26 1.07 1.42
N ARG A 85 8.89 0.95 0.28
CA ARG A 85 9.88 -0.10 0.10
C ARG A 85 11.12 0.15 0.95
N ARG A 86 11.43 1.40 1.21
CA ARG A 86 12.58 1.75 2.02
C ARG A 86 12.31 1.43 3.47
N SER A 87 11.15 1.74 3.97
CA SER A 87 10.86 1.53 5.38
C SER A 87 10.86 0.05 5.73
N MET A 88 10.42 -0.79 4.83
CA MET A 88 10.43 -2.23 5.06
C MET A 88 11.81 -2.82 4.91
N SER A 89 12.69 -2.10 4.25
CA SER A 89 14.04 -2.52 4.09
C SER A 89 14.90 -1.95 5.23
N THR A 90 14.88 -0.64 5.35
CA THR A 90 15.69 0.08 6.30
C THR A 90 15.23 -0.14 7.75
N GLU A 91 13.95 0.00 7.98
CA GLU A 91 13.43 -0.15 9.32
C GLU A 91 12.89 -1.54 9.56
N GLY A 92 12.68 -2.28 8.49
CA GLY A 92 12.19 -3.64 8.57
C GLY A 92 13.18 -4.51 9.30
N ASN A 93 14.30 -4.80 8.66
CA ASN A 93 15.35 -5.55 9.29
C ASN A 93 16.13 -4.63 10.19
N LYS A 94 15.55 -4.40 11.34
CA LYS A 94 16.02 -3.50 12.34
C LYS A 94 15.11 -3.62 13.55
N ARG A 95 13.82 -3.43 13.31
CA ARG A 95 12.83 -3.52 14.36
C ARG A 95 12.43 -4.97 14.56
N GLY A 96 12.27 -5.65 13.46
CA GLY A 96 11.82 -7.02 13.51
C GLY A 96 10.46 -7.14 12.90
N MET A 97 9.73 -6.04 12.90
CA MET A 97 8.43 -5.98 12.28
C MET A 97 8.20 -4.61 11.71
N ILE A 98 7.38 -4.56 10.72
CA ILE A 98 6.99 -3.34 10.06
C ILE A 98 5.54 -3.04 10.35
N GLN A 99 5.25 -1.80 10.57
CA GLN A 99 3.89 -1.37 10.86
C GLN A 99 3.26 -0.74 9.65
N LEU A 100 2.07 -1.18 9.32
CA LEU A 100 1.34 -0.66 8.21
C LEU A 100 0.01 -0.14 8.66
N ILE A 101 -0.26 1.09 8.38
CA ILE A 101 -1.57 1.62 8.62
C ILE A 101 -2.23 1.72 7.29
N VAL A 102 -3.30 1.04 7.15
CA VAL A 102 -4.03 1.02 5.92
C VAL A 102 -5.45 1.47 6.20
N ALA A 103 -6.15 1.85 5.19
CA ALA A 103 -7.47 2.35 5.36
C ALA A 103 -8.46 1.39 4.80
N ARG A 104 -9.41 1.01 5.60
CA ARG A 104 -10.37 0.04 5.20
C ARG A 104 -11.69 0.69 4.98
N ARG A 105 -12.17 0.56 3.76
CA ARG A 105 -13.42 1.12 3.37
C ARG A 105 -14.56 0.31 3.96
N ILE A 106 -15.37 0.99 4.67
CA ILE A 106 -16.55 0.42 5.24
C ILE A 106 -17.67 0.67 4.29
N SER A 107 -17.95 -0.34 3.54
CA SER A 107 -18.92 -0.29 2.49
C SER A 107 -19.13 -1.72 2.00
N ARG A 108 -20.34 -2.05 1.64
CA ARG A 108 -20.66 -3.37 1.16
C ARG A 108 -20.93 -3.33 -0.33
N CYS A 109 -20.74 -4.46 -1.00
CA CYS A 109 -20.93 -4.63 -2.46
C CYS A 109 -19.81 -3.98 -3.28
N ASN A 110 -19.35 -2.81 -2.83
CA ASN A 110 -18.23 -2.14 -3.46
C ASN A 110 -16.97 -2.90 -3.16
N GLU A 111 -16.32 -3.37 -4.17
CA GLU A 111 -15.10 -4.13 -4.00
C GLU A 111 -14.01 -3.58 -4.91
N MET B 1 -7.07 -0.73 -26.92
CA MET B 1 -6.05 -0.46 -27.90
C MET B 1 -6.15 0.98 -28.39
N LEU B 2 -5.03 1.70 -28.30
CA LEU B 2 -4.94 3.11 -28.65
C LEU B 2 -5.96 3.94 -27.92
N ALA B 3 -5.66 4.22 -26.67
CA ALA B 3 -6.54 4.98 -25.84
C ALA B 3 -6.02 6.38 -25.63
N GLU B 4 -6.59 7.29 -26.35
CA GLU B 4 -6.22 8.67 -26.24
C GLU B 4 -7.48 9.47 -26.01
N LEU B 5 -7.33 10.65 -25.38
CA LEU B 5 -8.48 11.53 -24.97
C LEU B 5 -9.16 10.86 -23.75
N TYR B 6 -8.56 9.80 -23.32
CA TYR B 6 -8.98 9.02 -22.21
C TYR B 6 -7.78 8.82 -21.39
N GLY B 7 -7.76 9.37 -20.24
CA GLY B 7 -6.61 9.26 -19.44
C GLY B 7 -6.53 7.93 -18.76
N SER B 8 -5.37 7.57 -18.36
CA SER B 8 -5.11 6.37 -17.67
C SER B 8 -4.04 6.68 -16.67
N ASP B 9 -4.01 5.98 -15.59
CA ASP B 9 -2.99 6.20 -14.57
C ASP B 9 -1.62 5.80 -15.14
N PRO B 10 -0.53 6.45 -14.70
CA PRO B 10 0.83 6.22 -15.25
C PRO B 10 1.41 4.83 -14.94
N GLN B 11 0.64 4.00 -14.25
CA GLN B 11 1.03 2.66 -13.84
C GLN B 11 2.22 2.70 -12.89
N GLU B 12 1.92 2.73 -11.64
CA GLU B 12 2.92 2.78 -10.62
C GLU B 12 2.74 1.60 -9.71
N GLU B 13 3.45 0.55 -10.00
CA GLU B 13 3.31 -0.70 -9.27
C GLU B 13 4.58 -1.11 -8.59
N LEU B 14 4.46 -1.55 -7.37
CA LEU B 14 5.55 -1.97 -6.56
C LEU B 14 5.22 -3.26 -5.86
N ILE B 15 6.09 -4.20 -5.90
CA ILE B 15 5.93 -5.39 -5.09
C ILE B 15 6.74 -5.21 -3.83
N ILE B 16 6.07 -5.27 -2.73
CA ILE B 16 6.71 -5.09 -1.48
C ILE B 16 7.01 -6.40 -0.85
N GLY A 1 -10.37 8.23 18.55
CA GLY A 1 -11.51 8.56 17.71
C GLY A 1 -11.46 7.77 16.43
N SER A 2 -12.47 7.91 15.62
CA SER A 2 -12.52 7.19 14.36
C SER A 2 -13.12 8.08 13.28
N ASP A 3 -13.05 9.40 13.49
CA ASP A 3 -13.64 10.40 12.58
C ASP A 3 -13.09 10.29 11.18
N GLY A 4 -13.96 9.98 10.26
CA GLY A 4 -13.59 9.82 8.89
C GLY A 4 -14.49 8.81 8.24
N THR A 5 -14.64 8.88 6.94
CA THR A 5 -15.51 7.96 6.23
C THR A 5 -14.75 6.65 5.90
N ARG A 6 -13.57 6.56 6.43
CA ARG A 6 -12.76 5.37 6.34
C ARG A 6 -12.12 5.11 7.68
N GLU A 7 -11.79 3.87 7.96
CA GLU A 7 -11.17 3.52 9.21
C GLU A 7 -9.73 3.14 8.94
N PHE A 8 -8.94 3.12 9.96
CA PHE A 8 -7.56 2.78 9.82
C PHE A 8 -7.30 1.42 10.39
N LEU A 9 -6.67 0.61 9.62
CA LEU A 9 -6.28 -0.69 10.05
C LEU A 9 -4.80 -0.75 10.17
N THR A 10 -4.36 -1.23 11.25
CA THR A 10 -2.98 -1.33 11.52
C THR A 10 -2.57 -2.79 11.51
N PHE A 11 -1.65 -3.12 10.65
CA PHE A 11 -1.12 -4.44 10.58
C PHE A 11 0.36 -4.38 10.82
N GLU A 12 0.84 -5.27 11.64
CA GLU A 12 2.26 -5.32 11.92
C GLU A 12 2.78 -6.66 11.52
N VAL A 13 3.60 -6.63 10.54
CA VAL A 13 4.06 -7.80 9.87
C VAL A 13 5.52 -8.06 10.16
N PRO A 14 5.84 -9.18 10.79
CA PRO A 14 7.21 -9.54 11.06
C PRO A 14 7.91 -9.95 9.78
N LEU A 15 9.20 -9.70 9.70
CA LEU A 15 9.97 -10.10 8.54
C LEU A 15 10.16 -11.62 8.48
N ASN A 16 9.13 -12.28 8.04
CA ASN A 16 9.10 -13.72 7.91
C ASN A 16 8.99 -14.13 6.46
N ASP A 17 10.00 -14.87 6.00
CA ASP A 17 10.10 -15.39 4.61
C ASP A 17 10.20 -14.21 3.64
N SER A 18 10.67 -13.11 4.20
CA SER A 18 10.76 -11.83 3.55
C SER A 18 11.91 -11.75 2.54
N GLY A 19 12.50 -12.87 2.23
CA GLY A 19 13.55 -12.87 1.28
C GLY A 19 13.00 -12.92 -0.13
N SER A 20 11.89 -13.62 -0.31
CA SER A 20 11.27 -13.71 -1.61
C SER A 20 10.37 -12.50 -1.83
N ALA A 21 9.65 -12.17 -0.83
CA ALA A 21 8.81 -11.04 -0.78
C ALA A 21 8.77 -10.58 0.65
N GLY A 22 8.94 -9.32 0.85
CA GLY A 22 9.05 -8.74 2.18
C GLY A 22 7.82 -8.97 3.00
N LEU A 23 6.75 -8.45 2.52
CA LEU A 23 5.48 -8.64 3.13
C LEU A 23 4.66 -9.53 2.26
N GLY A 24 5.00 -9.52 0.99
CA GLY A 24 4.36 -10.30 0.03
C GLY A 24 3.08 -9.67 -0.37
N VAL A 25 3.16 -8.40 -0.66
CA VAL A 25 2.03 -7.69 -1.14
C VAL A 25 2.51 -6.88 -2.33
N SER A 26 1.64 -6.64 -3.24
CA SER A 26 1.94 -5.78 -4.32
C SER A 26 1.09 -4.57 -4.18
N VAL A 27 1.67 -3.46 -4.33
CA VAL A 27 0.96 -2.23 -4.27
C VAL A 27 1.15 -1.42 -5.50
N LYS A 28 0.27 -0.51 -5.69
CA LYS A 28 0.30 0.38 -6.81
C LYS A 28 -0.30 1.70 -6.41
N GLY A 29 0.08 2.72 -7.05
CA GLY A 29 -0.44 4.00 -6.73
C GLY A 29 -1.03 4.67 -7.91
N ASN A 30 -2.14 5.32 -7.71
CA ASN A 30 -2.83 6.00 -8.77
C ASN A 30 -3.04 7.44 -8.43
N ARG A 31 -2.89 8.29 -9.41
CA ARG A 31 -3.13 9.68 -9.25
C ARG A 31 -4.02 10.16 -10.34
N SER A 32 -5.09 10.78 -9.97
CA SER A 32 -6.01 11.29 -10.92
C SER A 32 -5.58 12.71 -11.27
N LYS A 33 -4.79 12.82 -12.32
CA LYS A 33 -4.18 14.08 -12.71
C LYS A 33 -5.24 15.07 -13.22
N GLU A 34 -6.35 14.54 -13.70
CA GLU A 34 -7.42 15.38 -14.16
C GLU A 34 -8.24 15.96 -13.00
N ASN A 35 -8.24 15.25 -11.89
CA ASN A 35 -8.85 15.73 -10.65
C ASN A 35 -7.82 16.59 -9.92
N HIS A 36 -6.55 16.34 -10.29
CA HIS A 36 -5.35 17.01 -9.73
C HIS A 36 -5.02 16.43 -8.36
N ALA A 37 -5.53 15.26 -8.09
CA ALA A 37 -5.39 14.66 -6.80
C ALA A 37 -4.93 13.23 -6.90
N ASP A 38 -4.08 12.84 -5.99
CA ASP A 38 -3.59 11.49 -5.90
C ASP A 38 -4.56 10.67 -5.11
N LEU A 39 -4.73 9.44 -5.50
CA LEU A 39 -5.65 8.56 -4.84
C LEU A 39 -4.91 7.82 -3.73
N GLY A 40 -3.60 7.93 -3.77
CA GLY A 40 -2.77 7.26 -2.80
C GLY A 40 -2.28 5.93 -3.33
N ILE A 41 -1.73 5.14 -2.44
CA ILE A 41 -1.22 3.82 -2.78
C ILE A 41 -2.25 2.79 -2.40
N PHE A 42 -2.48 1.83 -3.25
CA PHE A 42 -3.45 0.80 -3.01
C PHE A 42 -2.83 -0.56 -3.22
N VAL A 43 -3.29 -1.51 -2.46
CA VAL A 43 -2.91 -2.89 -2.66
C VAL A 43 -3.51 -3.40 -3.97
N LYS A 44 -2.70 -3.93 -4.81
CA LYS A 44 -3.15 -4.47 -6.08
C LYS A 44 -3.32 -5.97 -6.01
N SER A 45 -2.38 -6.65 -5.40
CA SER A 45 -2.43 -8.07 -5.30
C SER A 45 -1.76 -8.53 -4.02
N ILE A 46 -2.28 -9.57 -3.42
CA ILE A 46 -1.69 -10.17 -2.25
C ILE A 46 -0.90 -11.39 -2.67
N ILE A 47 0.32 -11.47 -2.22
CA ILE A 47 1.18 -12.58 -2.55
C ILE A 47 1.02 -13.66 -1.48
N ASN A 48 0.60 -14.83 -1.90
CA ASN A 48 0.39 -15.93 -0.99
C ASN A 48 1.70 -16.42 -0.44
N GLY A 49 1.79 -16.52 0.86
CA GLY A 49 3.01 -16.92 1.48
C GLY A 49 3.71 -15.74 2.10
N GLY A 50 3.19 -14.56 1.83
CA GLY A 50 3.74 -13.36 2.42
C GLY A 50 3.35 -13.26 3.87
N ALA A 51 4.21 -12.71 4.68
CA ALA A 51 3.96 -12.58 6.12
C ALA A 51 2.77 -11.69 6.39
N ALA A 52 2.62 -10.65 5.59
CA ALA A 52 1.50 -9.73 5.73
C ALA A 52 0.23 -10.43 5.36
N SER A 53 0.35 -11.34 4.47
CA SER A 53 -0.76 -12.09 4.00
C SER A 53 -1.20 -13.06 5.09
N LYS A 54 -0.26 -13.84 5.58
CA LYS A 54 -0.55 -14.87 6.54
C LYS A 54 -0.95 -14.31 7.91
N ASP A 55 -0.16 -13.41 8.44
CA ASP A 55 -0.42 -12.87 9.78
C ASP A 55 -1.51 -11.81 9.78
N GLY A 56 -1.36 -10.84 8.92
CA GLY A 56 -2.24 -9.69 8.93
C GLY A 56 -3.56 -9.89 8.20
N ARG A 57 -3.50 -10.54 7.03
CA ARG A 57 -4.69 -10.73 6.18
C ARG A 57 -5.23 -9.38 5.66
N LEU A 58 -4.58 -8.86 4.65
CA LEU A 58 -5.02 -7.60 4.06
C LEU A 58 -5.90 -7.87 2.87
N ARG A 59 -6.32 -6.83 2.23
CA ARG A 59 -7.23 -6.94 1.12
C ARG A 59 -6.71 -6.17 -0.07
N VAL A 60 -7.34 -6.40 -1.20
CA VAL A 60 -7.00 -5.70 -2.43
C VAL A 60 -7.71 -4.35 -2.43
N ASN A 61 -7.13 -3.37 -3.12
CA ASN A 61 -7.70 -2.02 -3.30
C ASN A 61 -7.83 -1.34 -1.93
N ASP A 62 -6.93 -1.66 -1.04
CA ASP A 62 -6.92 -1.02 0.24
C ASP A 62 -5.88 0.10 0.15
N GLN A 63 -6.14 1.21 0.80
CA GLN A 63 -5.32 2.40 0.61
C GLN A 63 -4.26 2.53 1.74
N LEU A 64 -2.98 2.44 1.37
CA LEU A 64 -1.84 2.50 2.31
C LEU A 64 -1.58 3.94 2.81
N ILE A 65 -1.57 4.10 4.12
CA ILE A 65 -1.46 5.40 4.78
C ILE A 65 -0.05 5.63 5.31
N ALA A 66 0.41 4.72 6.13
CA ALA A 66 1.68 4.88 6.79
C ALA A 66 2.44 3.58 6.86
N VAL A 67 3.74 3.69 7.01
CA VAL A 67 4.60 2.55 7.06
C VAL A 67 5.66 2.73 8.18
N ASN A 68 5.80 1.69 9.01
CA ASN A 68 6.73 1.67 10.16
C ASN A 68 6.58 2.83 11.12
N GLY A 69 5.42 3.45 11.11
CA GLY A 69 5.17 4.57 11.98
C GLY A 69 5.25 5.91 11.27
N GLU A 70 5.77 5.91 10.07
CA GLU A 70 5.89 7.13 9.31
C GLU A 70 4.78 7.20 8.28
N SER A 71 4.04 8.29 8.29
CA SER A 71 2.93 8.46 7.39
C SER A 71 3.36 9.01 6.03
N LEU A 72 2.93 8.35 4.98
CA LEU A 72 3.31 8.74 3.65
C LEU A 72 2.14 9.30 2.85
N LEU A 73 0.99 9.39 3.47
CA LEU A 73 -0.15 9.97 2.80
C LEU A 73 -0.07 11.48 2.87
N GLY A 74 0.69 12.03 1.96
CA GLY A 74 0.86 13.45 1.86
C GLY A 74 1.98 13.78 0.92
N LYS A 75 2.08 12.98 -0.12
CA LYS A 75 3.12 13.09 -1.13
C LYS A 75 2.64 12.33 -2.36
N ALA A 76 3.44 12.30 -3.41
CA ALA A 76 3.04 11.62 -4.63
C ALA A 76 3.13 10.11 -4.46
N ASN A 77 2.51 9.40 -5.38
CA ASN A 77 2.41 7.94 -5.32
C ASN A 77 3.78 7.30 -5.37
N GLN A 78 4.59 7.76 -6.31
CA GLN A 78 5.95 7.26 -6.45
C GLN A 78 6.77 7.55 -5.19
N GLU A 79 6.56 8.73 -4.62
CA GLU A 79 7.27 9.14 -3.40
C GLU A 79 6.90 8.20 -2.27
N ALA A 80 5.61 7.93 -2.16
CA ALA A 80 5.06 7.07 -1.14
C ALA A 80 5.65 5.68 -1.22
N MET A 81 5.74 5.14 -2.41
CA MET A 81 6.28 3.80 -2.54
C MET A 81 7.79 3.77 -2.36
N GLU A 82 8.47 4.87 -2.68
CA GLU A 82 9.89 4.98 -2.35
C GLU A 82 10.05 4.99 -0.84
N THR A 83 9.11 5.68 -0.18
CA THR A 83 9.07 5.73 1.26
C THR A 83 8.88 4.31 1.82
N LEU A 84 7.99 3.54 1.17
CA LEU A 84 7.77 2.12 1.54
C LEU A 84 9.06 1.36 1.44
N ARG A 85 9.70 1.44 0.27
CA ARG A 85 10.96 0.72 0.00
C ARG A 85 12.01 1.04 1.05
N ARG A 86 12.12 2.31 1.38
CA ARG A 86 13.07 2.76 2.37
C ARG A 86 12.71 2.28 3.76
N SER A 87 11.48 2.48 4.14
CA SER A 87 11.06 2.19 5.48
C SER A 87 11.05 0.70 5.75
N MET A 88 10.68 -0.09 4.76
CA MET A 88 10.62 -1.53 4.95
C MET A 88 12.02 -2.13 5.07
N SER A 89 13.00 -1.43 4.53
CA SER A 89 14.35 -1.86 4.62
C SER A 89 15.03 -1.25 5.85
N THR A 90 15.03 0.09 5.90
CA THR A 90 15.71 0.84 6.93
C THR A 90 15.07 0.63 8.30
N GLU A 91 13.78 0.85 8.39
CA GLU A 91 13.08 0.65 9.64
C GLU A 91 12.73 -0.80 9.85
N GLY A 92 12.29 -1.47 8.78
CA GLY A 92 11.86 -2.86 8.85
C GLY A 92 12.87 -3.79 9.51
N ASN A 93 14.10 -3.73 9.04
CA ASN A 93 15.15 -4.61 9.57
C ASN A 93 15.64 -4.19 10.94
N LYS A 94 15.20 -3.02 11.39
CA LYS A 94 15.57 -2.53 12.71
C LYS A 94 14.47 -2.87 13.72
N ARG A 95 13.25 -2.61 13.32
CA ARG A 95 12.08 -2.85 14.16
C ARG A 95 11.84 -4.34 14.34
N GLY A 96 12.21 -5.11 13.32
CA GLY A 96 12.03 -6.56 13.36
C GLY A 96 10.75 -6.96 12.67
N MET A 97 9.86 -6.03 12.60
CA MET A 97 8.58 -6.17 11.98
C MET A 97 8.22 -4.86 11.36
N ILE A 98 7.42 -4.91 10.38
CA ILE A 98 7.02 -3.75 9.68
C ILE A 98 5.56 -3.44 9.96
N GLN A 99 5.33 -2.23 10.31
CA GLN A 99 4.02 -1.76 10.62
C GLN A 99 3.44 -1.08 9.39
N LEU A 100 2.27 -1.46 9.03
CA LEU A 100 1.61 -0.86 7.92
C LEU A 100 0.21 -0.47 8.27
N ILE A 101 -0.07 0.77 8.02
CA ILE A 101 -1.34 1.35 8.30
C ILE A 101 -2.06 1.56 7.03
N VAL A 102 -3.18 0.96 6.91
CA VAL A 102 -3.98 1.02 5.73
C VAL A 102 -5.37 1.55 6.06
N ALA A 103 -6.03 2.10 5.08
CA ALA A 103 -7.31 2.71 5.27
C ALA A 103 -8.40 1.94 4.58
N ARG A 104 -9.38 1.58 5.33
CA ARG A 104 -10.48 0.86 4.84
C ARG A 104 -11.71 1.74 4.84
N ARG A 105 -12.28 1.92 3.68
CA ARG A 105 -13.41 2.77 3.50
C ARG A 105 -14.63 2.16 4.13
N ILE A 106 -15.41 2.98 4.81
CA ILE A 106 -16.62 2.52 5.43
C ILE A 106 -17.66 2.34 4.33
N SER A 107 -17.82 1.12 3.95
CA SER A 107 -18.72 0.69 2.94
C SER A 107 -19.05 -0.76 3.29
N ARG A 108 -19.58 -1.54 2.36
CA ARG A 108 -19.85 -2.94 2.64
C ARG A 108 -18.55 -3.68 2.95
N CYS A 109 -17.66 -3.72 1.98
CA CYS A 109 -16.36 -4.34 2.14
C CYS A 109 -15.40 -3.75 1.11
N ASN A 110 -15.55 -4.19 -0.12
CA ASN A 110 -14.73 -3.76 -1.23
C ASN A 110 -15.57 -3.69 -2.48
N GLU A 111 -16.15 -4.85 -2.84
CA GLU A 111 -17.05 -4.97 -4.00
C GLU A 111 -16.30 -4.69 -5.30
N MET B 1 -0.29 8.87 -36.84
CA MET B 1 0.10 10.03 -36.06
C MET B 1 -0.94 10.36 -35.01
N LEU B 2 -0.72 9.84 -33.83
CA LEU B 2 -1.61 10.10 -32.71
C LEU B 2 -0.83 10.01 -31.41
N ALA B 3 -0.70 11.13 -30.75
CA ALA B 3 0.00 11.18 -29.49
C ALA B 3 -0.47 12.37 -28.69
N GLU B 4 -1.35 12.11 -27.77
CA GLU B 4 -1.85 13.14 -26.89
C GLU B 4 -1.32 12.94 -25.51
N LEU B 5 -1.02 14.01 -24.85
CA LEU B 5 -0.58 13.98 -23.50
C LEU B 5 -1.14 15.16 -22.72
N TYR B 6 -2.37 15.01 -22.29
CA TYR B 6 -3.02 16.03 -21.50
C TYR B 6 -2.56 15.84 -20.11
N GLY B 7 -2.49 14.62 -19.72
CA GLY B 7 -2.00 14.31 -18.47
C GLY B 7 -2.78 13.28 -17.75
N SER B 8 -2.19 12.14 -17.62
CA SER B 8 -2.72 11.06 -16.88
C SER B 8 -1.54 10.25 -16.44
N ASP B 9 -1.48 9.93 -15.18
CA ASP B 9 -0.38 9.15 -14.66
C ASP B 9 -0.54 7.71 -15.07
N PRO B 10 0.56 7.06 -15.51
CA PRO B 10 0.52 5.70 -16.02
C PRO B 10 0.02 4.67 -15.02
N GLN B 11 0.89 4.25 -14.12
CA GLN B 11 0.58 3.28 -13.09
C GLN B 11 1.86 2.92 -12.34
N GLU B 12 2.03 3.47 -11.18
CA GLU B 12 3.15 3.12 -10.34
C GLU B 12 2.81 1.84 -9.60
N GLU B 13 3.76 0.91 -9.56
CA GLU B 13 3.58 -0.41 -8.92
C GLU B 13 4.84 -0.84 -8.19
N LEU B 14 4.67 -1.27 -6.97
CA LEU B 14 5.73 -1.72 -6.16
C LEU B 14 5.35 -3.02 -5.45
N ILE B 15 6.22 -3.98 -5.48
CA ILE B 15 6.02 -5.20 -4.70
C ILE B 15 6.83 -5.10 -3.43
N ILE B 16 6.20 -5.33 -2.31
CA ILE B 16 6.86 -5.27 -1.05
C ILE B 16 6.99 -6.66 -0.44
N GLY A 1 -11.36 12.98 14.41
CA GLY A 1 -11.73 11.57 14.29
C GLY A 1 -11.75 11.15 12.85
N SER A 2 -11.78 9.86 12.61
CA SER A 2 -11.83 9.36 11.27
C SER A 2 -13.19 8.75 10.99
N ASP A 3 -13.90 9.33 10.06
CA ASP A 3 -15.22 8.85 9.68
C ASP A 3 -15.49 9.25 8.25
N GLY A 4 -15.52 8.28 7.38
CA GLY A 4 -15.73 8.55 5.99
C GLY A 4 -16.08 7.32 5.22
N THR A 5 -15.46 7.17 4.09
CA THR A 5 -15.72 6.07 3.19
C THR A 5 -14.78 4.89 3.50
N ARG A 6 -13.82 5.12 4.38
CA ARG A 6 -12.82 4.14 4.72
C ARG A 6 -12.49 4.18 6.22
N GLU A 7 -12.06 3.05 6.76
CA GLU A 7 -11.67 2.95 8.16
C GLU A 7 -10.23 2.45 8.26
N PHE A 8 -9.59 2.76 9.35
CA PHE A 8 -8.18 2.44 9.53
C PHE A 8 -7.93 1.17 10.27
N LEU A 9 -6.98 0.42 9.78
CA LEU A 9 -6.55 -0.81 10.40
C LEU A 9 -5.05 -0.83 10.43
N THR A 10 -4.53 -1.16 11.54
CA THR A 10 -3.11 -1.23 11.73
C THR A 10 -2.67 -2.69 11.86
N PHE A 11 -1.80 -3.11 10.98
CA PHE A 11 -1.29 -4.45 11.01
C PHE A 11 0.19 -4.43 11.25
N GLU A 12 0.69 -5.41 11.93
CA GLU A 12 2.11 -5.53 12.13
C GLU A 12 2.58 -6.85 11.64
N VAL A 13 3.63 -6.82 10.90
CA VAL A 13 4.15 -7.98 10.25
C VAL A 13 5.58 -8.17 10.62
N PRO A 14 5.92 -9.26 11.26
CA PRO A 14 7.32 -9.54 11.53
C PRO A 14 7.97 -10.06 10.25
N LEU A 15 9.23 -9.75 10.05
CA LEU A 15 9.93 -10.19 8.85
C LEU A 15 10.32 -11.64 8.98
N ASN A 16 9.34 -12.49 8.88
CA ASN A 16 9.54 -13.93 9.03
C ASN A 16 9.95 -14.61 7.73
N ASP A 17 8.98 -15.04 6.95
CA ASP A 17 9.28 -15.70 5.67
C ASP A 17 9.36 -14.64 4.60
N SER A 18 8.95 -13.45 4.95
CA SER A 18 9.04 -12.32 4.10
C SER A 18 10.49 -11.91 3.98
N GLY A 19 11.09 -12.43 2.98
CA GLY A 19 12.46 -12.21 2.64
C GLY A 19 12.63 -12.47 1.18
N SER A 20 11.80 -13.39 0.67
CA SER A 20 11.72 -13.67 -0.75
C SER A 20 11.12 -12.46 -1.44
N ALA A 21 10.34 -11.75 -0.68
CA ALA A 21 9.74 -10.54 -1.04
C ALA A 21 9.91 -9.66 0.17
N GLY A 22 9.39 -8.50 0.12
CA GLY A 22 9.51 -7.59 1.24
C GLY A 22 8.54 -7.99 2.31
N LEU A 23 7.29 -8.05 1.92
CA LEU A 23 6.23 -8.52 2.76
C LEU A 23 5.55 -9.67 2.07
N GLY A 24 5.34 -9.46 0.79
CA GLY A 24 4.70 -10.38 -0.06
C GLY A 24 3.36 -9.84 -0.45
N VAL A 25 3.33 -8.57 -0.86
CA VAL A 25 2.12 -7.96 -1.34
C VAL A 25 2.48 -7.12 -2.55
N SER A 26 1.55 -6.93 -3.44
CA SER A 26 1.76 -6.08 -4.55
C SER A 26 0.92 -4.85 -4.36
N VAL A 27 1.50 -3.73 -4.55
CA VAL A 27 0.79 -2.50 -4.48
C VAL A 27 0.96 -1.71 -5.74
N LYS A 28 0.11 -0.78 -5.89
CA LYS A 28 0.12 0.13 -7.00
C LYS A 28 -0.43 1.43 -6.55
N GLY A 29 -0.05 2.46 -7.17
CA GLY A 29 -0.50 3.72 -6.74
C GLY A 29 -1.53 4.27 -7.64
N ASN A 30 -2.36 5.10 -7.10
CA ASN A 30 -3.37 5.77 -7.85
C ASN A 30 -3.21 7.25 -7.70
N ARG A 31 -3.18 7.91 -8.80
CA ARG A 31 -2.99 9.30 -8.85
C ARG A 31 -4.07 9.88 -9.71
N SER A 32 -4.78 10.82 -9.19
CA SER A 32 -5.84 11.43 -9.90
C SER A 32 -5.27 12.48 -10.83
N LYS A 33 -5.22 12.15 -12.06
CA LYS A 33 -4.68 12.97 -13.11
C LYS A 33 -5.53 14.21 -13.32
N GLU A 34 -6.82 13.99 -13.46
CA GLU A 34 -7.78 15.06 -13.68
C GLU A 34 -7.93 15.95 -12.44
N ASN A 35 -7.72 15.36 -11.27
CA ASN A 35 -7.83 16.08 -10.00
C ASN A 35 -6.50 16.73 -9.63
N HIS A 36 -5.40 16.15 -10.14
CA HIS A 36 -4.02 16.64 -9.93
C HIS A 36 -3.48 16.34 -8.54
N ALA A 37 -4.05 15.36 -7.89
CA ALA A 37 -3.60 14.94 -6.58
C ALA A 37 -3.48 13.43 -6.57
N ASP A 38 -2.81 12.88 -5.58
CA ASP A 38 -2.64 11.46 -5.52
C ASP A 38 -3.66 10.92 -4.58
N LEU A 39 -4.07 9.71 -4.79
CA LEU A 39 -4.98 9.06 -3.88
C LEU A 39 -4.17 8.32 -2.84
N GLY A 40 -2.95 8.01 -3.22
CA GLY A 40 -2.08 7.25 -2.37
C GLY A 40 -1.70 5.94 -3.02
N ILE A 41 -1.26 4.99 -2.22
CA ILE A 41 -0.86 3.70 -2.74
C ILE A 41 -1.88 2.65 -2.28
N PHE A 42 -2.28 1.76 -3.17
CA PHE A 42 -3.29 0.76 -2.86
C PHE A 42 -2.78 -0.64 -3.14
N VAL A 43 -3.22 -1.58 -2.33
CA VAL A 43 -2.96 -2.99 -2.56
C VAL A 43 -3.72 -3.45 -3.79
N LYS A 44 -3.10 -4.26 -4.57
CA LYS A 44 -3.70 -4.77 -5.77
C LYS A 44 -3.76 -6.30 -5.77
N SER A 45 -2.75 -6.92 -5.24
CA SER A 45 -2.68 -8.35 -5.21
C SER A 45 -1.93 -8.77 -3.98
N ILE A 46 -2.43 -9.77 -3.32
CA ILE A 46 -1.80 -10.29 -2.14
C ILE A 46 -1.02 -11.53 -2.51
N ILE A 47 0.22 -11.54 -2.14
CA ILE A 47 1.06 -12.68 -2.41
C ILE A 47 0.93 -13.64 -1.25
N ASN A 48 0.51 -14.87 -1.53
CA ASN A 48 0.27 -15.89 -0.47
C ASN A 48 1.51 -16.17 0.36
N GLY A 49 2.65 -15.86 -0.18
CA GLY A 49 3.89 -16.10 0.48
C GLY A 49 4.39 -14.88 1.18
N GLY A 50 3.68 -14.48 2.19
CA GLY A 50 4.11 -13.36 2.96
C GLY A 50 3.50 -13.35 4.33
N ALA A 51 4.27 -12.92 5.31
CA ALA A 51 3.80 -12.84 6.69
C ALA A 51 2.70 -11.81 6.81
N ALA A 52 2.76 -10.78 5.96
CA ALA A 52 1.74 -9.75 5.94
C ALA A 52 0.44 -10.32 5.50
N SER A 53 0.55 -11.16 4.53
CA SER A 53 -0.57 -11.81 3.92
C SER A 53 -1.23 -12.79 4.88
N LYS A 54 -0.41 -13.54 5.60
CA LYS A 54 -0.90 -14.52 6.55
C LYS A 54 -1.44 -13.86 7.83
N ASP A 55 -0.64 -13.01 8.46
CA ASP A 55 -1.02 -12.43 9.76
C ASP A 55 -2.03 -11.30 9.64
N GLY A 56 -1.74 -10.32 8.81
CA GLY A 56 -2.58 -9.15 8.71
C GLY A 56 -3.67 -9.28 7.67
N ARG A 57 -3.49 -10.26 6.78
CA ARG A 57 -4.37 -10.57 5.68
C ARG A 57 -4.42 -9.47 4.60
N LEU A 58 -4.85 -8.26 4.99
CA LEU A 58 -5.05 -7.13 4.07
C LEU A 58 -6.13 -7.47 3.01
N ARG A 59 -6.31 -6.60 2.05
CA ARG A 59 -7.24 -6.87 0.97
C ARG A 59 -6.84 -6.10 -0.26
N VAL A 60 -7.51 -6.35 -1.34
CA VAL A 60 -7.27 -5.64 -2.58
C VAL A 60 -7.98 -4.27 -2.53
N ASN A 61 -7.37 -3.27 -3.17
CA ASN A 61 -7.88 -1.87 -3.22
C ASN A 61 -7.81 -1.32 -1.80
N ASP A 62 -6.77 -1.74 -1.12
CA ASP A 62 -6.55 -1.35 0.24
C ASP A 62 -5.62 -0.16 0.26
N GLN A 63 -5.99 0.84 0.98
CA GLN A 63 -5.30 2.10 0.98
C GLN A 63 -4.15 2.11 1.97
N LEU A 64 -2.94 2.14 1.47
CA LEU A 64 -1.77 2.25 2.32
C LEU A 64 -1.64 3.68 2.79
N ILE A 65 -1.67 3.86 4.08
CA ILE A 65 -1.67 5.17 4.71
C ILE A 65 -0.30 5.51 5.26
N ALA A 66 0.15 4.69 6.16
CA ALA A 66 1.40 4.89 6.81
C ALA A 66 2.13 3.59 6.88
N VAL A 67 3.40 3.63 6.59
CA VAL A 67 4.17 2.45 6.58
C VAL A 67 5.26 2.46 7.61
N ASN A 68 5.23 1.44 8.41
CA ASN A 68 6.19 1.10 9.43
C ASN A 68 6.46 2.26 10.41
N GLY A 69 5.38 2.99 10.73
CA GLY A 69 5.47 4.08 11.67
C GLY A 69 5.61 5.45 11.03
N GLU A 70 5.69 5.50 9.72
CA GLU A 70 5.86 6.76 9.01
C GLU A 70 4.71 7.00 8.02
N SER A 71 4.19 8.22 8.02
CA SER A 71 3.02 8.58 7.20
C SER A 71 3.38 8.95 5.73
N LEU A 72 2.50 8.58 4.81
CA LEU A 72 2.67 8.88 3.39
C LEU A 72 1.46 9.63 2.85
N LEU A 73 0.69 10.22 3.73
CA LEU A 73 -0.50 10.93 3.34
C LEU A 73 -0.22 12.30 2.77
N GLY A 74 -0.17 12.36 1.46
CA GLY A 74 0.00 13.62 0.81
C GLY A 74 1.07 13.60 -0.24
N LYS A 75 2.06 12.77 -0.03
CA LYS A 75 3.14 12.65 -0.99
C LYS A 75 2.70 11.91 -2.24
N ALA A 76 3.36 12.20 -3.35
CA ALA A 76 3.04 11.60 -4.64
C ALA A 76 3.30 10.10 -4.65
N ASN A 77 2.71 9.40 -5.63
CA ASN A 77 2.84 7.91 -5.75
C ASN A 77 4.30 7.46 -5.71
N GLN A 78 5.14 8.11 -6.47
CA GLN A 78 6.55 7.79 -6.51
C GLN A 78 7.27 8.14 -5.21
N GLU A 79 6.91 9.26 -4.59
CA GLU A 79 7.51 9.66 -3.32
C GLU A 79 7.16 8.64 -2.28
N ALA A 80 5.92 8.19 -2.37
CA ALA A 80 5.41 7.19 -1.50
C ALA A 80 6.18 5.91 -1.65
N MET A 81 6.39 5.47 -2.88
CA MET A 81 7.14 4.25 -3.13
C MET A 81 8.55 4.32 -2.61
N GLU A 82 9.19 5.47 -2.79
CA GLU A 82 10.55 5.66 -2.27
C GLU A 82 10.57 5.56 -0.76
N THR A 83 9.61 6.20 -0.13
CA THR A 83 9.48 6.18 1.31
C THR A 83 9.14 4.76 1.75
N LEU A 84 8.23 4.16 1.04
CA LEU A 84 7.77 2.84 1.29
C LEU A 84 8.88 1.82 1.23
N ARG A 85 9.61 1.74 0.12
CA ARG A 85 10.69 0.74 -0.01
C ARG A 85 11.72 0.93 1.07
N ARG A 86 12.05 2.16 1.32
CA ARG A 86 13.05 2.51 2.27
C ARG A 86 12.63 2.17 3.69
N SER A 87 11.46 2.59 4.09
CA SER A 87 11.04 2.41 5.45
C SER A 87 10.59 0.97 5.71
N MET A 88 10.08 0.31 4.70
CA MET A 88 9.64 -1.06 4.88
C MET A 88 10.83 -2.01 4.96
N SER A 89 11.93 -1.64 4.32
CA SER A 89 13.12 -2.44 4.35
C SER A 89 14.04 -1.98 5.50
N THR A 90 14.41 -0.69 5.48
CA THR A 90 15.36 -0.14 6.44
C THR A 90 14.81 -0.19 7.87
N GLU A 91 13.64 0.40 8.07
CA GLU A 91 13.01 0.39 9.38
C GLU A 91 12.43 -0.98 9.68
N GLY A 92 12.16 -1.73 8.62
CA GLY A 92 11.61 -3.07 8.75
C GLY A 92 12.57 -3.97 9.45
N ASN A 93 13.77 -4.06 8.93
CA ASN A 93 14.80 -4.89 9.52
C ASN A 93 15.32 -4.25 10.82
N LYS A 94 15.22 -2.92 10.89
CA LYS A 94 15.61 -2.15 12.08
C LYS A 94 14.83 -2.64 13.31
N ARG A 95 13.51 -2.64 13.20
CA ARG A 95 12.66 -3.11 14.29
C ARG A 95 12.66 -4.62 14.33
N GLY A 96 12.63 -5.21 13.16
CA GLY A 96 12.52 -6.65 13.03
C GLY A 96 11.14 -7.01 12.57
N MET A 97 10.26 -6.05 12.65
CA MET A 97 8.89 -6.16 12.23
C MET A 97 8.45 -4.85 11.66
N ILE A 98 7.51 -4.91 10.80
CA ILE A 98 7.00 -3.79 10.10
C ILE A 98 5.54 -3.52 10.47
N GLN A 99 5.18 -2.27 10.54
CA GLN A 99 3.83 -1.88 10.85
C GLN A 99 3.16 -1.31 9.59
N LEU A 100 1.94 -1.64 9.35
CA LEU A 100 1.24 -1.11 8.20
C LEU A 100 -0.08 -0.52 8.64
N ILE A 101 -0.29 0.73 8.33
CA ILE A 101 -1.57 1.33 8.59
C ILE A 101 -2.23 1.48 7.28
N VAL A 102 -3.30 0.81 7.12
CA VAL A 102 -4.03 0.83 5.92
C VAL A 102 -5.44 1.27 6.20
N ALA A 103 -6.05 1.86 5.25
CA ALA A 103 -7.38 2.27 5.35
C ALA A 103 -8.16 1.41 4.41
N ARG A 104 -9.18 0.78 4.89
CA ARG A 104 -9.89 -0.11 4.05
C ARG A 104 -11.20 0.52 3.72
N ARG A 105 -11.49 0.55 2.45
CA ARG A 105 -12.64 1.21 1.92
C ARG A 105 -13.87 0.42 2.29
N ILE A 106 -14.79 1.06 2.96
CA ILE A 106 -15.98 0.42 3.45
C ILE A 106 -16.99 0.36 2.34
N SER A 107 -17.02 1.40 1.60
CA SER A 107 -17.91 1.49 0.50
C SER A 107 -17.15 1.15 -0.77
N ARG A 108 -17.45 0.00 -1.30
CA ARG A 108 -16.89 -0.46 -2.55
C ARG A 108 -18.01 -1.07 -3.36
N CYS A 109 -19.19 -0.54 -3.11
CA CYS A 109 -20.40 -1.01 -3.71
C CYS A 109 -20.41 -0.73 -5.21
N ASN A 110 -20.61 -1.79 -5.99
CA ASN A 110 -20.65 -1.75 -7.45
C ASN A 110 -19.28 -1.42 -8.03
N GLU A 111 -18.50 -2.46 -8.24
CA GLU A 111 -17.18 -2.35 -8.79
C GLU A 111 -16.80 -3.71 -9.35
N MET B 1 -1.41 11.32 -36.09
CA MET B 1 -0.69 10.09 -35.81
C MET B 1 -0.73 9.79 -34.33
N LEU B 2 -0.04 10.61 -33.55
CA LEU B 2 0.03 10.45 -32.12
C LEU B 2 0.13 11.78 -31.37
N ALA B 3 -0.88 12.07 -30.60
CA ALA B 3 -0.91 13.27 -29.76
C ALA B 3 -1.74 13.00 -28.52
N GLU B 4 -2.16 11.76 -28.37
CA GLU B 4 -3.02 11.33 -27.29
C GLU B 4 -2.28 11.17 -25.97
N LEU B 5 -3.06 11.22 -24.89
CA LEU B 5 -2.63 10.98 -23.53
C LEU B 5 -3.79 11.14 -22.56
N TYR B 6 -3.91 10.23 -21.62
CA TYR B 6 -4.96 10.31 -20.62
C TYR B 6 -4.29 10.70 -19.32
N GLY B 7 -3.00 10.77 -19.40
CA GLY B 7 -2.17 11.14 -18.35
C GLY B 7 -0.79 10.67 -18.62
N SER B 8 0.13 11.08 -17.83
CA SER B 8 1.46 10.62 -17.96
C SER B 8 1.61 9.41 -17.06
N ASP B 9 1.45 8.25 -17.65
CA ASP B 9 1.46 6.99 -16.93
C ASP B 9 2.80 6.33 -16.93
N PRO B 10 3.47 6.28 -15.77
CA PRO B 10 4.68 5.50 -15.62
C PRO B 10 4.32 4.07 -15.21
N GLN B 11 3.00 3.86 -14.98
CA GLN B 11 2.44 2.62 -14.47
C GLN B 11 3.05 2.34 -13.11
N GLU B 12 2.51 2.98 -12.11
CA GLU B 12 3.12 2.94 -10.81
C GLU B 12 2.65 1.76 -9.97
N GLU B 13 3.48 0.73 -9.97
CA GLU B 13 3.31 -0.49 -9.20
C GLU B 13 4.57 -0.79 -8.42
N LEU B 14 4.42 -1.37 -7.26
CA LEU B 14 5.54 -1.69 -6.44
C LEU B 14 5.19 -2.98 -5.70
N ILE B 15 6.10 -3.92 -5.65
CA ILE B 15 5.83 -5.14 -4.92
C ILE B 15 6.66 -5.16 -3.69
N ILE B 16 6.03 -5.33 -2.58
CA ILE B 16 6.71 -5.42 -1.36
C ILE B 16 6.61 -6.82 -0.91
N GLY A 1 -14.60 12.53 11.77
CA GLY A 1 -14.75 12.42 13.22
C GLY A 1 -14.99 11.00 13.60
N SER A 2 -15.97 10.78 14.44
CA SER A 2 -16.37 9.45 14.79
C SER A 2 -17.26 8.93 13.67
N ASP A 3 -16.65 8.28 12.72
CA ASP A 3 -17.36 7.79 11.55
C ASP A 3 -17.07 6.33 11.36
N GLY A 4 -17.60 5.78 10.32
CA GLY A 4 -17.37 4.41 10.02
C GLY A 4 -17.52 4.12 8.56
N THR A 5 -17.10 5.04 7.73
CA THR A 5 -17.17 4.86 6.31
C THR A 5 -15.90 4.17 5.80
N ARG A 6 -14.82 4.34 6.53
CA ARG A 6 -13.59 3.63 6.26
C ARG A 6 -12.90 3.35 7.57
N GLU A 7 -12.31 2.20 7.68
CA GLU A 7 -11.69 1.79 8.91
C GLU A 7 -10.20 1.76 8.78
N PHE A 8 -9.53 2.30 9.75
CA PHE A 8 -8.09 2.27 9.80
C PHE A 8 -7.65 1.12 10.65
N LEU A 9 -6.88 0.25 10.08
CA LEU A 9 -6.35 -0.87 10.82
C LEU A 9 -4.87 -0.85 10.76
N THR A 10 -4.26 -1.29 11.81
CA THR A 10 -2.85 -1.34 11.87
C THR A 10 -2.41 -2.79 11.94
N PHE A 11 -1.61 -3.19 11.00
CA PHE A 11 -1.09 -4.52 10.97
C PHE A 11 0.35 -4.48 11.40
N GLU A 12 0.72 -5.30 12.32
CA GLU A 12 2.09 -5.39 12.72
C GLU A 12 2.60 -6.73 12.29
N VAL A 13 3.63 -6.71 11.53
CA VAL A 13 4.14 -7.88 10.90
C VAL A 13 5.58 -8.09 11.29
N PRO A 14 5.89 -9.17 11.96
CA PRO A 14 7.25 -9.49 12.26
C PRO A 14 7.92 -10.05 11.02
N LEU A 15 9.16 -9.71 10.82
CA LEU A 15 9.89 -10.23 9.70
C LEU A 15 10.33 -11.64 9.98
N ASN A 16 9.41 -12.54 9.85
CA ASN A 16 9.68 -13.96 10.10
C ASN A 16 10.16 -14.65 8.85
N ASP A 17 9.24 -15.24 8.11
CA ASP A 17 9.57 -15.84 6.83
C ASP A 17 8.88 -15.05 5.79
N SER A 18 9.58 -14.12 5.28
CA SER A 18 9.05 -13.23 4.32
C SER A 18 10.24 -12.68 3.56
N GLY A 19 11.12 -13.57 3.28
CA GLY A 19 12.30 -13.27 2.52
C GLY A 19 12.04 -13.30 1.05
N SER A 20 11.07 -14.12 0.65
CA SER A 20 10.70 -14.22 -0.75
C SER A 20 9.95 -12.97 -1.19
N ALA A 21 9.24 -12.42 -0.25
CA ALA A 21 8.54 -11.19 -0.40
C ALA A 21 8.47 -10.56 0.97
N GLY A 22 9.04 -9.37 1.09
CA GLY A 22 9.21 -8.66 2.38
C GLY A 22 7.98 -8.71 3.25
N LEU A 23 6.86 -8.38 2.68
CA LEU A 23 5.59 -8.55 3.34
C LEU A 23 4.70 -9.41 2.52
N GLY A 24 4.88 -9.29 1.23
CA GLY A 24 4.17 -10.08 0.31
C GLY A 24 2.92 -9.41 -0.13
N VAL A 25 3.02 -8.13 -0.37
CA VAL A 25 1.91 -7.43 -0.94
C VAL A 25 2.44 -6.69 -2.15
N SER A 26 1.60 -6.47 -3.10
CA SER A 26 1.97 -5.67 -4.20
C SER A 26 1.08 -4.47 -4.20
N VAL A 27 1.66 -3.35 -4.37
CA VAL A 27 0.96 -2.13 -4.41
C VAL A 27 1.25 -1.35 -5.65
N LYS A 28 0.40 -0.44 -5.93
CA LYS A 28 0.58 0.50 -7.01
C LYS A 28 -0.13 1.78 -6.67
N GLY A 29 0.31 2.87 -7.22
CA GLY A 29 -0.36 4.10 -6.92
C GLY A 29 -1.24 4.54 -8.04
N ASN A 30 -2.46 4.85 -7.70
CA ASN A 30 -3.46 5.23 -8.67
C ASN A 30 -3.49 6.75 -8.75
N ARG A 31 -3.68 7.23 -9.93
CA ARG A 31 -3.77 8.63 -10.19
C ARG A 31 -4.93 8.85 -11.10
N SER A 32 -5.72 9.82 -10.79
CA SER A 32 -6.81 10.19 -11.63
C SER A 32 -6.25 10.80 -12.93
N LYS A 33 -6.68 10.28 -14.06
CA LYS A 33 -6.19 10.68 -15.34
C LYS A 33 -6.53 12.12 -15.68
N GLU A 34 -7.80 12.40 -15.93
CA GLU A 34 -8.23 13.71 -16.36
C GLU A 34 -8.30 14.69 -15.20
N ASN A 35 -8.34 14.17 -14.00
CA ASN A 35 -8.34 15.00 -12.81
C ASN A 35 -6.90 15.38 -12.43
N HIS A 36 -5.95 14.52 -12.83
CA HIS A 36 -4.49 14.72 -12.60
C HIS A 36 -4.08 14.70 -11.13
N ALA A 37 -4.98 14.31 -10.27
CA ALA A 37 -4.69 14.21 -8.87
C ALA A 37 -4.48 12.75 -8.52
N ASP A 38 -3.65 12.47 -7.56
CA ASP A 38 -3.39 11.11 -7.18
C ASP A 38 -4.42 10.64 -6.22
N LEU A 39 -4.70 9.36 -6.23
CA LEU A 39 -5.62 8.79 -5.30
C LEU A 39 -4.84 8.15 -4.17
N GLY A 40 -3.56 8.05 -4.37
CA GLY A 40 -2.69 7.45 -3.38
C GLY A 40 -2.21 6.06 -3.78
N ILE A 41 -1.67 5.33 -2.81
CA ILE A 41 -1.09 4.02 -3.06
C ILE A 41 -2.05 2.95 -2.58
N PHE A 42 -2.37 2.03 -3.44
CA PHE A 42 -3.33 0.99 -3.13
C PHE A 42 -2.76 -0.35 -3.44
N VAL A 43 -3.25 -1.35 -2.75
CA VAL A 43 -2.89 -2.72 -3.01
C VAL A 43 -3.46 -3.15 -4.36
N LYS A 44 -2.69 -3.85 -5.09
CA LYS A 44 -3.11 -4.40 -6.36
C LYS A 44 -3.30 -5.91 -6.26
N SER A 45 -2.35 -6.56 -5.64
CA SER A 45 -2.40 -7.98 -5.48
C SER A 45 -1.71 -8.40 -4.20
N ILE A 46 -2.23 -9.40 -3.56
CA ILE A 46 -1.64 -9.94 -2.38
C ILE A 46 -0.82 -11.15 -2.73
N ILE A 47 0.39 -11.18 -2.28
CA ILE A 47 1.28 -12.28 -2.55
C ILE A 47 1.07 -13.34 -1.50
N ASN A 48 0.80 -14.54 -1.90
CA ASN A 48 0.59 -15.59 -0.96
C ASN A 48 1.91 -16.22 -0.58
N GLY A 49 2.60 -15.58 0.34
CA GLY A 49 3.87 -16.10 0.81
C GLY A 49 4.63 -15.09 1.62
N GLY A 50 3.92 -14.26 2.36
CA GLY A 50 4.55 -13.25 3.18
C GLY A 50 3.91 -13.16 4.53
N ALA A 51 4.64 -12.67 5.51
CA ALA A 51 4.15 -12.60 6.89
C ALA A 51 2.96 -11.66 7.02
N ALA A 52 3.02 -10.52 6.34
CA ALA A 52 1.93 -9.54 6.35
C ALA A 52 0.74 -10.11 5.70
N SER A 53 0.99 -10.88 4.70
CA SER A 53 -0.02 -11.52 3.94
C SER A 53 -0.77 -12.52 4.81
N LYS A 54 -0.04 -13.36 5.53
CA LYS A 54 -0.66 -14.40 6.33
C LYS A 54 -1.30 -13.85 7.60
N ASP A 55 -0.57 -13.07 8.37
CA ASP A 55 -1.11 -12.60 9.65
C ASP A 55 -2.08 -11.46 9.47
N GLY A 56 -1.67 -10.48 8.70
CA GLY A 56 -2.45 -9.29 8.54
C GLY A 56 -3.64 -9.46 7.63
N ARG A 57 -3.44 -10.16 6.50
CA ARG A 57 -4.49 -10.35 5.48
C ARG A 57 -4.98 -9.00 4.93
N LEU A 58 -4.24 -8.49 3.97
CA LEU A 58 -4.61 -7.22 3.35
C LEU A 58 -5.66 -7.44 2.29
N ARG A 59 -6.26 -6.37 1.83
CA ARG A 59 -7.30 -6.48 0.82
C ARG A 59 -6.74 -5.97 -0.47
N VAL A 60 -7.42 -6.23 -1.51
CA VAL A 60 -7.06 -5.69 -2.79
C VAL A 60 -7.67 -4.30 -2.91
N ASN A 61 -6.90 -3.37 -3.47
CA ASN A 61 -7.30 -1.96 -3.68
C ASN A 61 -7.48 -1.26 -2.32
N ASP A 62 -6.76 -1.78 -1.35
CA ASP A 62 -6.78 -1.26 0.01
C ASP A 62 -5.83 -0.07 0.06
N GLN A 63 -6.19 0.95 0.82
CA GLN A 63 -5.47 2.21 0.85
C GLN A 63 -4.38 2.20 1.89
N LEU A 64 -3.15 2.34 1.44
CA LEU A 64 -2.02 2.42 2.34
C LEU A 64 -1.88 3.83 2.89
N ILE A 65 -1.74 3.95 4.19
CA ILE A 65 -1.74 5.23 4.89
C ILE A 65 -0.37 5.54 5.49
N ALA A 66 0.09 4.65 6.33
CA ALA A 66 1.35 4.82 7.02
C ALA A 66 2.07 3.50 7.10
N VAL A 67 3.39 3.54 7.12
CA VAL A 67 4.16 2.35 7.13
C VAL A 67 5.38 2.45 8.06
N ASN A 68 5.62 1.37 8.81
CA ASN A 68 6.76 1.19 9.70
C ASN A 68 6.77 2.25 10.84
N GLY A 69 5.65 2.92 11.00
CA GLY A 69 5.56 3.97 12.00
C GLY A 69 5.67 5.36 11.38
N GLU A 70 5.93 5.41 10.09
CA GLU A 70 6.03 6.66 9.39
C GLU A 70 4.83 6.86 8.47
N SER A 71 4.25 8.02 8.53
CA SER A 71 3.11 8.34 7.71
C SER A 71 3.57 8.95 6.39
N LEU A 72 2.94 8.55 5.30
CA LEU A 72 3.29 9.07 3.99
C LEU A 72 2.06 9.55 3.27
N LEU A 73 0.98 9.64 4.00
CA LEU A 73 -0.25 10.08 3.44
C LEU A 73 -0.20 11.59 3.22
N GLY A 74 0.16 11.96 2.03
CA GLY A 74 0.21 13.36 1.69
C GLY A 74 1.18 13.65 0.59
N LYS A 75 2.19 12.81 0.47
CA LYS A 75 3.18 13.00 -0.57
C LYS A 75 2.69 12.37 -1.87
N ALA A 76 3.35 12.67 -2.96
CA ALA A 76 2.96 12.15 -4.28
C ALA A 76 3.20 10.64 -4.36
N ASN A 77 2.60 9.98 -5.36
CA ASN A 77 2.67 8.51 -5.45
C ASN A 77 4.08 7.98 -5.53
N GLN A 78 4.88 8.55 -6.43
CA GLN A 78 6.26 8.07 -6.61
C GLN A 78 7.07 8.29 -5.34
N GLU A 79 6.76 9.37 -4.66
CA GLU A 79 7.40 9.71 -3.41
C GLU A 79 7.03 8.69 -2.37
N ALA A 80 5.73 8.41 -2.30
CA ALA A 80 5.17 7.47 -1.36
C ALA A 80 5.74 6.08 -1.57
N MET A 81 5.84 5.67 -2.80
CA MET A 81 6.35 4.34 -3.12
C MET A 81 7.79 4.20 -2.71
N GLU A 82 8.57 5.27 -2.89
CA GLU A 82 9.93 5.26 -2.50
C GLU A 82 10.01 5.21 -0.97
N THR A 83 9.18 6.03 -0.32
CA THR A 83 9.11 6.08 1.14
C THR A 83 8.74 4.70 1.68
N LEU A 84 7.82 4.06 1.01
CA LEU A 84 7.30 2.77 1.37
C LEU A 84 8.35 1.67 1.24
N ARG A 85 8.93 1.51 0.05
CA ARG A 85 9.91 0.43 -0.16
C ARG A 85 11.15 0.66 0.71
N ARG A 86 11.48 1.91 0.93
CA ARG A 86 12.61 2.27 1.76
C ARG A 86 12.38 1.87 3.19
N SER A 87 11.26 2.24 3.75
CA SER A 87 11.06 2.01 5.16
C SER A 87 10.77 0.56 5.46
N MET A 88 10.05 -0.09 4.57
CA MET A 88 9.71 -1.47 4.79
C MET A 88 10.93 -2.38 4.66
N SER A 89 11.90 -1.94 3.86
CA SER A 89 13.11 -2.69 3.70
C SER A 89 14.18 -2.23 4.68
N THR A 90 14.48 -0.93 4.66
CA THR A 90 15.54 -0.36 5.47
C THR A 90 15.23 -0.42 6.95
N GLU A 91 14.02 -0.10 7.32
CA GLU A 91 13.63 -0.11 8.71
C GLU A 91 12.86 -1.38 9.05
N GLY A 92 12.58 -2.19 8.03
CA GLY A 92 11.92 -3.45 8.24
C GLY A 92 12.82 -4.37 8.99
N ASN A 93 13.89 -4.79 8.34
CA ASN A 93 14.89 -5.57 9.02
C ASN A 93 15.82 -4.66 9.79
N LYS A 94 15.26 -4.10 10.84
CA LYS A 94 15.91 -3.17 11.73
C LYS A 94 15.09 -3.07 13.00
N ARG A 95 13.79 -3.08 12.84
CA ARG A 95 12.89 -3.03 13.98
C ARG A 95 12.40 -4.42 14.33
N GLY A 96 12.68 -5.37 13.46
CA GLY A 96 12.26 -6.75 13.70
C GLY A 96 10.84 -7.00 13.24
N MET A 97 10.01 -6.01 13.46
CA MET A 97 8.63 -6.05 13.05
C MET A 97 8.27 -4.76 12.39
N ILE A 98 7.48 -4.86 11.37
CA ILE A 98 7.07 -3.76 10.57
C ILE A 98 5.57 -3.48 10.78
N GLN A 99 5.25 -2.23 10.88
CA GLN A 99 3.89 -1.79 11.12
C GLN A 99 3.27 -1.25 9.82
N LEU A 100 2.03 -1.58 9.57
CA LEU A 100 1.33 -1.12 8.37
C LEU A 100 0.00 -0.51 8.77
N ILE A 101 -0.28 0.64 8.25
CA ILE A 101 -1.55 1.27 8.50
C ILE A 101 -2.25 1.48 7.20
N VAL A 102 -3.35 0.84 7.09
CA VAL A 102 -4.15 0.88 5.90
C VAL A 102 -5.57 1.26 6.24
N ALA A 103 -6.28 1.74 5.28
CA ALA A 103 -7.63 2.13 5.45
C ALA A 103 -8.51 1.29 4.56
N ARG A 104 -9.48 0.63 5.14
CA ARG A 104 -10.37 -0.17 4.36
C ARG A 104 -11.72 0.48 4.34
N ARG A 105 -12.17 0.75 3.15
CA ARG A 105 -13.39 1.49 2.97
C ARG A 105 -14.60 0.59 3.01
N ILE A 106 -15.65 1.08 3.62
CA ILE A 106 -16.89 0.38 3.63
C ILE A 106 -17.57 0.72 2.34
N SER A 107 -17.56 -0.19 1.44
CA SER A 107 -18.07 0.05 0.15
C SER A 107 -18.59 -1.21 -0.47
N ARG A 108 -19.88 -1.28 -0.57
CA ARG A 108 -20.51 -2.37 -1.25
C ARG A 108 -20.98 -1.86 -2.61
N CYS A 109 -20.81 -0.55 -2.80
CA CYS A 109 -21.08 0.12 -4.06
C CYS A 109 -19.90 -0.08 -5.02
N ASN A 110 -18.80 -0.50 -4.44
CA ASN A 110 -17.57 -0.82 -5.14
C ASN A 110 -16.71 -1.59 -4.18
N GLU A 111 -16.80 -2.88 -4.25
CA GLU A 111 -16.08 -3.74 -3.34
C GLU A 111 -14.73 -4.11 -3.92
N MET B 1 0.85 -0.01 -34.63
CA MET B 1 0.60 1.12 -35.51
C MET B 1 -0.48 2.01 -34.94
N LEU B 2 -1.02 1.60 -33.83
CA LEU B 2 -2.05 2.34 -33.16
C LEU B 2 -1.83 2.35 -31.67
N ALA B 3 -2.32 3.38 -31.03
CA ALA B 3 -2.20 3.50 -29.60
C ALA B 3 -3.55 3.84 -29.01
N GLU B 4 -4.35 2.84 -28.83
CA GLU B 4 -5.67 3.03 -28.30
C GLU B 4 -5.66 2.80 -26.80
N LEU B 5 -5.71 3.88 -26.08
CA LEU B 5 -5.64 3.87 -24.63
C LEU B 5 -6.47 5.02 -24.08
N TYR B 6 -7.34 4.71 -23.14
CA TYR B 6 -8.15 5.71 -22.50
C TYR B 6 -8.33 5.33 -21.06
N GLY B 7 -7.43 5.77 -20.28
CA GLY B 7 -7.41 5.47 -18.90
C GLY B 7 -6.00 5.56 -18.42
N SER B 8 -5.42 4.41 -18.14
CA SER B 8 -4.04 4.28 -17.77
C SER B 8 -3.66 5.01 -16.47
N ASP B 9 -3.53 4.25 -15.41
CA ASP B 9 -3.02 4.79 -14.16
C ASP B 9 -1.49 4.86 -14.32
N PRO B 10 -0.71 5.40 -13.34
CA PRO B 10 0.76 5.45 -13.46
C PRO B 10 1.37 4.09 -13.73
N GLN B 11 0.65 3.04 -13.32
CA GLN B 11 1.04 1.64 -13.51
C GLN B 11 2.33 1.34 -12.80
N GLU B 12 2.65 2.19 -11.85
CA GLU B 12 3.80 2.03 -11.04
C GLU B 12 3.48 1.11 -9.94
N GLU B 13 3.99 -0.04 -10.06
CA GLU B 13 3.76 -1.11 -9.15
C GLU B 13 4.97 -1.32 -8.30
N LEU B 14 4.74 -1.61 -7.08
CA LEU B 14 5.79 -1.81 -6.15
C LEU B 14 5.41 -2.99 -5.27
N ILE B 15 6.31 -3.90 -5.13
CA ILE B 15 6.10 -5.06 -4.30
C ILE B 15 6.80 -4.86 -2.97
N ILE B 16 6.11 -5.13 -1.90
CA ILE B 16 6.68 -5.07 -0.61
C ILE B 16 6.58 -6.42 0.05
N GLY A 1 -14.48 14.61 12.30
CA GLY A 1 -15.84 14.10 12.20
C GLY A 1 -16.25 14.02 10.76
N SER A 2 -16.85 12.87 10.35
CA SER A 2 -17.27 12.66 8.95
C SER A 2 -16.08 12.86 8.02
N ASP A 3 -14.90 12.51 8.53
CA ASP A 3 -13.62 12.71 7.87
C ASP A 3 -13.58 11.99 6.53
N GLY A 4 -14.24 10.87 6.48
CA GLY A 4 -14.29 10.13 5.27
C GLY A 4 -15.14 8.91 5.38
N THR A 5 -15.17 8.16 4.34
CA THR A 5 -15.91 6.93 4.28
C THR A 5 -14.91 5.76 4.46
N ARG A 6 -13.79 6.09 5.05
CA ARG A 6 -12.74 5.12 5.30
C ARG A 6 -12.36 5.13 6.78
N GLU A 7 -11.88 4.00 7.26
CA GLU A 7 -11.38 3.89 8.62
C GLU A 7 -9.97 3.34 8.58
N PHE A 8 -9.23 3.48 9.65
CA PHE A 8 -7.85 3.04 9.71
C PHE A 8 -7.68 1.78 10.51
N LEU A 9 -6.89 0.88 9.99
CA LEU A 9 -6.56 -0.34 10.67
C LEU A 9 -5.06 -0.47 10.71
N THR A 10 -4.57 -0.96 11.80
CA THR A 10 -3.15 -1.12 11.98
C THR A 10 -2.79 -2.60 11.96
N PHE A 11 -1.92 -2.95 11.06
CA PHE A 11 -1.44 -4.30 10.96
C PHE A 11 0.04 -4.33 11.12
N GLU A 12 0.56 -5.32 11.79
CA GLU A 12 1.98 -5.44 11.93
C GLU A 12 2.43 -6.77 11.38
N VAL A 13 3.45 -6.71 10.60
CA VAL A 13 3.95 -7.84 9.88
C VAL A 13 5.38 -8.08 10.27
N PRO A 14 5.68 -9.22 10.85
CA PRO A 14 7.03 -9.53 11.22
C PRO A 14 7.85 -9.98 10.02
N LEU A 15 9.13 -9.68 10.03
CA LEU A 15 10.03 -10.09 8.97
C LEU A 15 10.33 -11.58 9.10
N ASN A 16 9.37 -12.37 8.67
CA ASN A 16 9.45 -13.83 8.72
C ASN A 16 9.62 -14.41 7.33
N ASP A 17 8.53 -14.41 6.56
CA ASP A 17 8.54 -14.91 5.16
C ASP A 17 8.96 -13.82 4.21
N SER A 18 9.77 -12.95 4.72
CA SER A 18 10.27 -11.81 4.04
C SER A 18 11.32 -12.16 3.01
N GLY A 19 11.70 -13.40 2.96
CA GLY A 19 12.65 -13.82 2.01
C GLY A 19 11.98 -14.10 0.67
N SER A 20 10.68 -14.34 0.72
CA SER A 20 9.91 -14.57 -0.49
C SER A 20 9.65 -13.26 -1.22
N ALA A 21 9.67 -12.19 -0.45
CA ALA A 21 9.51 -10.84 -0.98
C ALA A 21 9.93 -9.83 0.09
N GLY A 22 9.14 -9.79 1.11
CA GLY A 22 9.33 -8.89 2.23
C GLY A 22 8.11 -8.99 3.10
N LEU A 23 7.04 -8.52 2.59
CA LEU A 23 5.75 -8.70 3.23
C LEU A 23 4.96 -9.67 2.41
N GLY A 24 5.12 -9.55 1.11
CA GLY A 24 4.47 -10.37 0.17
C GLY A 24 3.20 -9.74 -0.27
N VAL A 25 3.26 -8.48 -0.57
CA VAL A 25 2.13 -7.75 -1.09
C VAL A 25 2.64 -6.95 -2.27
N SER A 26 1.79 -6.66 -3.19
CA SER A 26 2.16 -5.81 -4.24
C SER A 26 1.23 -4.63 -4.24
N VAL A 27 1.78 -3.48 -4.29
CA VAL A 27 1.03 -2.27 -4.26
C VAL A 27 1.33 -1.43 -5.45
N LYS A 28 0.43 -0.58 -5.77
CA LYS A 28 0.59 0.36 -6.84
C LYS A 28 -0.19 1.60 -6.52
N GLY A 29 0.23 2.69 -7.06
CA GLY A 29 -0.48 3.90 -6.80
C GLY A 29 -1.31 4.31 -7.97
N ASN A 30 -2.32 5.09 -7.71
CA ASN A 30 -3.22 5.55 -8.73
C ASN A 30 -3.26 7.06 -8.73
N ARG A 31 -3.45 7.65 -9.88
CA ARG A 31 -3.48 9.07 -10.01
C ARG A 31 -4.76 9.46 -10.73
N SER A 32 -5.52 10.34 -10.12
CA SER A 32 -6.80 10.76 -10.71
C SER A 32 -6.61 11.76 -11.86
N LYS A 33 -7.25 11.50 -12.97
CA LYS A 33 -7.17 12.36 -14.14
C LYS A 33 -8.07 13.59 -14.00
N GLU A 34 -9.22 13.41 -13.42
CA GLU A 34 -10.21 14.47 -13.30
C GLU A 34 -10.12 15.14 -11.95
N ASN A 35 -9.76 14.37 -10.92
CA ASN A 35 -9.58 14.95 -9.58
C ASN A 35 -8.24 15.68 -9.51
N HIS A 36 -7.31 15.29 -10.39
CA HIS A 36 -5.98 15.95 -10.59
C HIS A 36 -5.04 15.76 -9.40
N ALA A 37 -5.28 14.73 -8.65
CA ALA A 37 -4.45 14.43 -7.51
C ALA A 37 -4.10 12.97 -7.52
N ASP A 38 -3.23 12.55 -6.69
CA ASP A 38 -2.98 11.13 -6.61
C ASP A 38 -3.89 10.54 -5.56
N LEU A 39 -4.32 9.33 -5.81
CA LEU A 39 -5.27 8.67 -4.93
C LEU A 39 -4.54 7.92 -3.84
N GLY A 40 -3.25 7.95 -3.92
CA GLY A 40 -2.44 7.28 -2.95
C GLY A 40 -1.94 5.96 -3.46
N ILE A 41 -1.52 5.10 -2.54
CA ILE A 41 -0.97 3.81 -2.89
C ILE A 41 -1.94 2.72 -2.41
N PHE A 42 -2.28 1.78 -3.27
CA PHE A 42 -3.23 0.73 -2.93
C PHE A 42 -2.65 -0.64 -3.19
N VAL A 43 -3.08 -1.60 -2.40
CA VAL A 43 -2.75 -2.99 -2.65
C VAL A 43 -3.45 -3.45 -3.90
N LYS A 44 -2.73 -4.10 -4.75
CA LYS A 44 -3.28 -4.54 -6.01
C LYS A 44 -3.40 -6.06 -5.97
N SER A 45 -2.42 -6.71 -5.37
CA SER A 45 -2.37 -8.14 -5.30
C SER A 45 -1.66 -8.57 -4.02
N ILE A 46 -2.11 -9.64 -3.44
CA ILE A 46 -1.48 -10.23 -2.29
C ILE A 46 -0.67 -11.43 -2.72
N ILE A 47 0.50 -11.59 -2.16
CA ILE A 47 1.33 -12.71 -2.47
C ILE A 47 1.09 -13.80 -1.41
N ASN A 48 0.52 -14.90 -1.86
CA ASN A 48 0.13 -16.01 -0.99
C ASN A 48 1.34 -16.64 -0.31
N GLY A 49 1.35 -16.58 1.00
CA GLY A 49 2.45 -17.11 1.76
C GLY A 49 3.21 -16.01 2.46
N GLY A 50 2.95 -14.78 2.04
CA GLY A 50 3.59 -13.64 2.63
C GLY A 50 3.19 -13.44 4.08
N ALA A 51 4.06 -12.83 4.85
CA ALA A 51 3.82 -12.60 6.27
C ALA A 51 2.70 -11.61 6.47
N ALA A 52 2.61 -10.63 5.57
CA ALA A 52 1.53 -9.63 5.64
C ALA A 52 0.22 -10.25 5.29
N SER A 53 0.31 -11.28 4.52
CA SER A 53 -0.85 -12.00 4.10
C SER A 53 -1.38 -12.83 5.28
N LYS A 54 -0.49 -13.61 5.86
CA LYS A 54 -0.87 -14.50 6.94
C LYS A 54 -1.15 -13.76 8.25
N ASP A 55 -0.24 -12.93 8.69
CA ASP A 55 -0.41 -12.25 9.97
C ASP A 55 -1.35 -11.06 9.81
N GLY A 56 -1.05 -10.22 8.83
CA GLY A 56 -1.78 -8.98 8.62
C GLY A 56 -3.19 -9.17 8.08
N ARG A 57 -3.33 -10.09 7.10
CA ARG A 57 -4.64 -10.39 6.47
C ARG A 57 -5.15 -9.21 5.62
N LEU A 58 -4.22 -8.47 5.01
CA LEU A 58 -4.59 -7.32 4.15
C LEU A 58 -5.35 -7.76 2.90
N ARG A 59 -5.89 -6.81 2.18
CA ARG A 59 -6.76 -7.10 1.05
C ARG A 59 -6.44 -6.26 -0.18
N VAL A 60 -7.13 -6.53 -1.27
CA VAL A 60 -6.94 -5.78 -2.50
C VAL A 60 -7.69 -4.46 -2.39
N ASN A 61 -7.17 -3.42 -3.07
CA ASN A 61 -7.76 -2.05 -3.06
C ASN A 61 -7.54 -1.41 -1.69
N ASP A 62 -6.69 -2.06 -0.91
CA ASP A 62 -6.37 -1.65 0.42
C ASP A 62 -5.56 -0.37 0.34
N GLN A 63 -6.06 0.66 0.95
CA GLN A 63 -5.43 1.98 0.90
C GLN A 63 -4.29 2.10 1.90
N LEU A 64 -3.08 2.18 1.39
CA LEU A 64 -1.93 2.36 2.26
C LEU A 64 -1.84 3.78 2.73
N ILE A 65 -1.84 3.95 4.03
CA ILE A 65 -1.82 5.25 4.65
C ILE A 65 -0.46 5.52 5.26
N ALA A 66 0.00 4.61 6.06
CA ALA A 66 1.26 4.77 6.72
C ALA A 66 2.03 3.47 6.73
N VAL A 67 3.32 3.56 6.68
CA VAL A 67 4.15 2.40 6.64
C VAL A 67 5.33 2.52 7.62
N ASN A 68 5.45 1.52 8.46
CA ASN A 68 6.50 1.35 9.47
C ASN A 68 6.58 2.60 10.37
N GLY A 69 5.42 3.20 10.61
CA GLY A 69 5.36 4.37 11.45
C GLY A 69 5.43 5.69 10.68
N GLU A 70 5.87 5.65 9.44
CA GLU A 70 5.96 6.85 8.65
C GLU A 70 4.70 6.98 7.80
N SER A 71 4.25 8.18 7.58
CA SER A 71 3.01 8.43 6.89
C SER A 71 3.21 8.59 5.37
N LEU A 72 2.29 8.05 4.63
CA LEU A 72 2.25 8.16 3.18
C LEU A 72 0.97 8.92 2.85
N LEU A 73 0.56 8.93 1.57
CA LEU A 73 -0.70 9.57 1.11
C LEU A 73 -0.62 11.11 1.15
N GLY A 74 -0.12 11.67 2.25
CA GLY A 74 0.08 13.11 2.36
C GLY A 74 1.22 13.56 1.47
N LYS A 75 1.90 12.60 0.91
CA LYS A 75 2.95 12.79 -0.04
C LYS A 75 2.57 12.04 -1.29
N ALA A 76 3.05 12.49 -2.43
CA ALA A 76 2.66 11.92 -3.72
C ALA A 76 3.11 10.46 -3.87
N ASN A 77 2.56 9.77 -4.88
CA ASN A 77 2.85 8.33 -5.17
C ASN A 77 4.33 8.04 -5.19
N GLN A 78 5.06 8.86 -5.91
CA GLN A 78 6.50 8.71 -6.11
C GLN A 78 7.20 8.76 -4.75
N GLU A 79 6.81 9.77 -4.00
CA GLU A 79 7.37 10.07 -2.69
C GLU A 79 7.01 8.96 -1.72
N ALA A 80 5.79 8.50 -1.83
CA ALA A 80 5.29 7.45 -1.00
C ALA A 80 6.07 6.18 -1.21
N MET A 81 6.22 5.75 -2.46
CA MET A 81 6.97 4.52 -2.75
C MET A 81 8.41 4.60 -2.31
N GLU A 82 9.01 5.77 -2.46
CA GLU A 82 10.37 5.99 -2.05
C GLU A 82 10.48 5.80 -0.54
N THR A 83 9.55 6.44 0.18
CA THR A 83 9.51 6.37 1.64
C THR A 83 9.22 4.93 2.06
N LEU A 84 8.25 4.35 1.39
CA LEU A 84 7.80 3.00 1.59
C LEU A 84 8.94 2.02 1.48
N ARG A 85 9.64 2.03 0.35
CA ARG A 85 10.76 1.13 0.14
C ARG A 85 11.83 1.33 1.18
N ARG A 86 12.09 2.59 1.49
CA ARG A 86 13.11 2.95 2.44
C ARG A 86 12.79 2.38 3.80
N SER A 87 11.61 2.63 4.27
CA SER A 87 11.25 2.24 5.59
C SER A 87 10.93 0.76 5.69
N MET A 88 10.41 0.17 4.63
CA MET A 88 10.05 -1.23 4.70
C MET A 88 11.29 -2.11 4.66
N SER A 89 12.32 -1.64 4.00
CA SER A 89 13.54 -2.38 3.91
C SER A 89 14.51 -1.95 5.03
N THR A 90 14.78 -0.64 5.12
CA THR A 90 15.74 -0.14 6.07
C THR A 90 15.24 -0.31 7.51
N GLU A 91 14.09 0.26 7.78
CA GLU A 91 13.55 0.24 9.12
C GLU A 91 12.82 -1.07 9.41
N GLY A 92 12.46 -1.78 8.35
CA GLY A 92 11.79 -3.06 8.48
C GLY A 92 12.70 -4.09 9.07
N ASN A 93 13.85 -4.28 8.45
CA ASN A 93 14.84 -5.25 8.93
C ASN A 93 15.51 -4.77 10.21
N LYS A 94 15.32 -3.52 10.54
CA LYS A 94 15.88 -2.97 11.74
C LYS A 94 14.99 -3.31 12.94
N ARG A 95 13.71 -3.04 12.81
CA ARG A 95 12.76 -3.23 13.90
C ARG A 95 12.27 -4.67 14.03
N GLY A 96 12.59 -5.48 13.04
CA GLY A 96 12.22 -6.90 13.11
C GLY A 96 10.84 -7.16 12.56
N MET A 97 9.97 -6.17 12.66
CA MET A 97 8.65 -6.23 12.10
C MET A 97 8.33 -4.89 11.51
N ILE A 98 7.41 -4.91 10.60
CA ILE A 98 6.98 -3.73 9.93
C ILE A 98 5.50 -3.46 10.23
N GLN A 99 5.19 -2.22 10.43
CA GLN A 99 3.85 -1.79 10.79
C GLN A 99 3.17 -1.13 9.59
N LEU A 100 1.92 -1.43 9.36
CA LEU A 100 1.22 -0.84 8.23
C LEU A 100 -0.12 -0.27 8.70
N ILE A 101 -0.40 0.95 8.35
CA ILE A 101 -1.73 1.50 8.59
C ILE A 101 -2.38 1.63 7.27
N VAL A 102 -3.44 0.93 7.11
CA VAL A 102 -4.17 0.92 5.88
C VAL A 102 -5.62 1.33 6.15
N ALA A 103 -6.25 1.88 5.15
CA ALA A 103 -7.59 2.37 5.27
C ALA A 103 -8.53 1.52 4.47
N ARG A 104 -9.69 1.24 5.02
CA ARG A 104 -10.66 0.45 4.29
C ARG A 104 -11.91 1.28 4.06
N ARG A 105 -12.52 1.12 2.92
CA ARG A 105 -13.75 1.81 2.62
C ARG A 105 -14.86 1.18 3.46
N ILE A 106 -15.52 1.99 4.27
CA ILE A 106 -16.52 1.50 5.18
C ILE A 106 -17.76 1.11 4.44
N SER A 107 -18.21 2.03 3.62
CA SER A 107 -19.40 1.86 2.79
C SER A 107 -20.64 1.55 3.64
N ARG A 108 -20.60 2.01 4.90
CA ARG A 108 -21.65 1.78 5.89
C ARG A 108 -21.73 0.31 6.32
N CYS A 109 -20.78 -0.48 5.89
CA CYS A 109 -20.71 -1.88 6.24
C CYS A 109 -20.04 -2.00 7.59
N ASN A 110 -20.78 -2.45 8.59
CA ASN A 110 -20.26 -2.50 9.95
C ASN A 110 -19.49 -3.75 10.20
N GLU A 111 -18.19 -3.61 10.30
CA GLU A 111 -17.28 -4.72 10.59
C GLU A 111 -15.86 -4.19 10.72
N MET B 1 -5.88 -4.77 -28.97
CA MET B 1 -5.77 -3.35 -29.22
C MET B 1 -5.21 -2.67 -27.99
N LEU B 2 -3.98 -2.23 -28.06
CA LEU B 2 -3.38 -1.58 -26.94
C LEU B 2 -3.61 -0.07 -26.89
N ALA B 3 -4.78 0.28 -26.42
CA ALA B 3 -5.18 1.66 -26.29
C ALA B 3 -5.65 1.89 -24.85
N GLU B 4 -5.16 1.04 -23.97
CA GLU B 4 -5.51 1.07 -22.56
C GLU B 4 -4.99 2.33 -21.86
N LEU B 5 -5.33 2.43 -20.58
CA LEU B 5 -4.96 3.51 -19.70
C LEU B 5 -5.59 4.83 -20.09
N TYR B 6 -6.76 5.09 -19.55
CA TYR B 6 -7.37 6.38 -19.73
C TYR B 6 -7.26 7.09 -18.41
N GLY B 7 -7.49 6.34 -17.36
CA GLY B 7 -7.15 6.78 -16.03
C GLY B 7 -5.73 6.40 -15.86
N SER B 8 -4.86 7.24 -16.35
CA SER B 8 -3.48 6.94 -16.52
C SER B 8 -2.65 6.75 -15.25
N ASP B 9 -2.63 5.53 -14.78
CA ASP B 9 -1.65 5.11 -13.83
C ASP B 9 -0.57 4.43 -14.66
N PRO B 10 0.62 5.03 -14.75
CA PRO B 10 1.71 4.57 -15.66
C PRO B 10 2.39 3.27 -15.20
N GLN B 11 1.60 2.39 -14.61
CA GLN B 11 2.05 1.15 -14.03
C GLN B 11 3.21 1.36 -13.09
N GLU B 12 2.87 1.81 -11.92
CA GLU B 12 3.83 1.99 -10.90
C GLU B 12 3.51 1.07 -9.80
N GLU B 13 4.09 -0.08 -9.89
CA GLU B 13 3.86 -1.14 -8.96
C GLU B 13 5.07 -1.36 -8.12
N LEU B 14 4.85 -1.54 -6.87
CA LEU B 14 5.89 -1.75 -5.95
C LEU B 14 5.58 -3.03 -5.19
N ILE B 15 6.51 -3.92 -5.11
CA ILE B 15 6.29 -5.15 -4.39
C ILE B 15 7.00 -5.09 -3.06
N ILE B 16 6.28 -5.35 -2.02
CA ILE B 16 6.81 -5.35 -0.71
C ILE B 16 6.66 -6.72 -0.10
N GLY A 1 -18.85 16.71 5.57
CA GLY A 1 -18.36 16.48 6.94
C GLY A 1 -17.83 15.08 7.08
N SER A 2 -17.06 14.85 8.10
CA SER A 2 -16.51 13.54 8.30
C SER A 2 -16.78 13.06 9.71
N ASP A 3 -17.36 11.90 9.79
CA ASP A 3 -17.61 11.23 11.06
C ASP A 3 -16.60 10.12 11.19
N GLY A 4 -15.75 10.03 10.20
CA GLY A 4 -14.80 8.97 10.11
C GLY A 4 -15.07 8.17 8.87
N THR A 5 -14.80 8.78 7.73
CA THR A 5 -15.07 8.22 6.41
C THR A 5 -14.35 6.87 6.20
N ARG A 6 -13.13 6.79 6.67
CA ARG A 6 -12.36 5.59 6.56
C ARG A 6 -11.64 5.33 7.85
N GLU A 7 -11.44 4.09 8.16
CA GLU A 7 -10.77 3.72 9.37
C GLU A 7 -9.42 3.14 9.06
N PHE A 8 -8.49 3.38 9.93
CA PHE A 8 -7.15 2.92 9.73
C PHE A 8 -6.95 1.58 10.36
N LEU A 9 -6.45 0.68 9.60
CA LEU A 9 -6.15 -0.63 10.07
C LEU A 9 -4.69 -0.75 10.23
N THR A 10 -4.31 -1.25 11.34
CA THR A 10 -2.94 -1.42 11.62
C THR A 10 -2.57 -2.89 11.52
N PHE A 11 -1.66 -3.19 10.65
CA PHE A 11 -1.19 -4.52 10.46
C PHE A 11 0.27 -4.61 10.73
N GLU A 12 0.66 -5.54 11.54
CA GLU A 12 2.05 -5.71 11.88
C GLU A 12 2.54 -7.02 11.29
N VAL A 13 3.49 -6.91 10.43
CA VAL A 13 4.01 -8.04 9.70
C VAL A 13 5.45 -8.29 10.12
N PRO A 14 5.75 -9.45 10.70
CA PRO A 14 7.12 -9.76 11.11
C PRO A 14 8.00 -10.08 9.90
N LEU A 15 9.28 -9.76 10.00
CA LEU A 15 10.21 -10.05 8.91
C LEU A 15 10.55 -11.53 8.90
N ASN A 16 9.63 -12.31 8.38
CA ASN A 16 9.77 -13.75 8.33
C ASN A 16 10.15 -14.22 6.94
N ASP A 17 9.19 -14.22 6.03
CA ASP A 17 9.38 -14.68 4.63
C ASP A 17 9.91 -13.55 3.79
N SER A 18 10.46 -12.58 4.47
CA SER A 18 10.88 -11.33 3.93
C SER A 18 12.12 -11.42 3.03
N GLY A 19 12.63 -12.62 2.85
CA GLY A 19 13.78 -12.76 2.02
C GLY A 19 13.36 -12.84 0.56
N SER A 20 12.18 -13.36 0.34
CA SER A 20 11.63 -13.48 -0.99
C SER A 20 10.91 -12.20 -1.37
N ALA A 21 10.11 -11.75 -0.47
CA ALA A 21 9.38 -10.55 -0.56
C ALA A 21 9.21 -10.11 0.85
N GLY A 22 9.30 -8.85 1.10
CA GLY A 22 9.33 -8.33 2.45
C GLY A 22 8.09 -8.67 3.22
N LEU A 23 7.01 -8.26 2.70
CA LEU A 23 5.74 -8.53 3.27
C LEU A 23 5.04 -9.51 2.40
N GLY A 24 5.27 -9.33 1.13
CA GLY A 24 4.65 -10.11 0.16
C GLY A 24 3.36 -9.48 -0.21
N VAL A 25 3.41 -8.21 -0.51
CA VAL A 25 2.24 -7.55 -1.00
C VAL A 25 2.65 -6.82 -2.24
N SER A 26 1.75 -6.64 -3.13
CA SER A 26 2.00 -5.88 -4.25
C SER A 26 1.10 -4.67 -4.20
N VAL A 27 1.69 -3.52 -4.27
CA VAL A 27 0.96 -2.30 -4.19
C VAL A 27 1.19 -1.49 -5.41
N LYS A 28 0.38 -0.52 -5.60
CA LYS A 28 0.49 0.38 -6.68
C LYS A 28 -0.03 1.70 -6.27
N GLY A 29 0.46 2.72 -6.84
CA GLY A 29 -0.04 4.00 -6.57
C GLY A 29 -0.75 4.50 -7.75
N ASN A 30 -2.02 4.62 -7.65
CA ASN A 30 -2.78 5.04 -8.78
C ASN A 30 -2.98 6.53 -8.70
N ARG A 31 -2.79 7.15 -9.80
CA ARG A 31 -2.97 8.56 -9.94
C ARG A 31 -4.14 8.80 -10.84
N SER A 32 -4.88 9.85 -10.58
CA SER A 32 -5.92 10.27 -11.47
C SER A 32 -5.26 10.62 -12.81
N LYS A 33 -5.52 9.79 -13.79
CA LYS A 33 -4.84 9.81 -15.08
C LYS A 33 -4.98 11.16 -15.80
N GLU A 34 -6.09 11.81 -15.61
CA GLU A 34 -6.33 13.07 -16.27
C GLU A 34 -6.09 14.25 -15.32
N ASN A 35 -6.61 14.14 -14.09
CA ASN A 35 -6.50 15.22 -13.09
C ASN A 35 -5.04 15.39 -12.59
N HIS A 36 -4.26 14.31 -12.68
CA HIS A 36 -2.83 14.28 -12.27
C HIS A 36 -2.64 14.36 -10.75
N ALA A 37 -3.72 14.19 -10.03
CA ALA A 37 -3.66 14.14 -8.58
C ALA A 37 -3.60 12.69 -8.20
N ASP A 38 -2.98 12.36 -7.12
CA ASP A 38 -2.84 10.98 -6.76
C ASP A 38 -4.06 10.50 -6.02
N LEU A 39 -4.26 9.22 -6.09
CA LEU A 39 -5.31 8.58 -5.34
C LEU A 39 -4.69 7.97 -4.10
N GLY A 40 -3.37 7.85 -4.15
CA GLY A 40 -2.62 7.26 -3.05
C GLY A 40 -1.87 6.03 -3.48
N ILE A 41 -1.68 5.09 -2.56
CA ILE A 41 -0.98 3.84 -2.80
C ILE A 41 -1.90 2.74 -2.31
N PHE A 42 -2.18 1.79 -3.15
CA PHE A 42 -3.14 0.77 -2.85
C PHE A 42 -2.57 -0.59 -3.09
N VAL A 43 -3.00 -1.52 -2.30
CA VAL A 43 -2.69 -2.92 -2.52
C VAL A 43 -3.43 -3.39 -3.75
N LYS A 44 -2.75 -4.06 -4.68
CA LYS A 44 -3.50 -4.57 -5.82
C LYS A 44 -3.56 -6.07 -5.78
N SER A 45 -2.54 -6.68 -5.23
CA SER A 45 -2.48 -8.09 -5.11
C SER A 45 -1.69 -8.49 -3.88
N ILE A 46 -2.18 -9.47 -3.19
CA ILE A 46 -1.49 -10.00 -2.05
C ILE A 46 -0.68 -11.19 -2.49
N ILE A 47 0.52 -11.30 -2.01
CA ILE A 47 1.31 -12.44 -2.30
C ILE A 47 0.99 -13.47 -1.23
N ASN A 48 0.34 -14.52 -1.64
CA ASN A 48 -0.12 -15.53 -0.71
C ASN A 48 0.97 -16.46 -0.34
N GLY A 49 1.40 -16.32 0.87
CA GLY A 49 2.49 -17.10 1.37
C GLY A 49 3.38 -16.25 2.23
N GLY A 50 3.38 -14.96 1.94
CA GLY A 50 4.21 -14.03 2.70
C GLY A 50 3.67 -13.79 4.11
N ALA A 51 4.46 -13.13 4.92
CA ALA A 51 4.11 -12.87 6.32
C ALA A 51 2.91 -11.94 6.43
N ALA A 52 2.78 -11.01 5.49
CA ALA A 52 1.65 -10.09 5.49
C ALA A 52 0.39 -10.82 5.10
N SER A 53 0.60 -11.84 4.34
CA SER A 53 -0.47 -12.66 3.88
C SER A 53 -0.98 -13.53 5.03
N LYS A 54 -0.08 -14.24 5.68
CA LYS A 54 -0.46 -15.15 6.74
C LYS A 54 -0.95 -14.40 7.99
N ASP A 55 -0.17 -13.45 8.47
CA ASP A 55 -0.51 -12.76 9.71
C ASP A 55 -1.57 -11.68 9.51
N GLY A 56 -1.32 -10.80 8.54
CA GLY A 56 -2.19 -9.64 8.38
C GLY A 56 -3.45 -9.89 7.59
N ARG A 57 -3.35 -10.63 6.47
CA ARG A 57 -4.50 -10.94 5.61
C ARG A 57 -5.06 -9.59 5.11
N LEU A 58 -4.17 -8.74 4.61
CA LEU A 58 -4.58 -7.44 4.08
C LEU A 58 -5.40 -7.61 2.84
N ARG A 59 -6.21 -6.65 2.58
CA ARG A 59 -7.13 -6.72 1.47
C ARG A 59 -6.58 -6.02 0.26
N VAL A 60 -7.19 -6.30 -0.86
CA VAL A 60 -6.91 -5.61 -2.10
C VAL A 60 -7.63 -4.25 -2.07
N ASN A 61 -7.04 -3.25 -2.77
CA ASN A 61 -7.61 -1.89 -2.92
C ASN A 61 -7.49 -1.06 -1.64
N ASP A 62 -6.73 -1.55 -0.69
CA ASP A 62 -6.61 -0.82 0.54
C ASP A 62 -5.55 0.29 0.37
N GLN A 63 -5.80 1.43 0.98
CA GLN A 63 -4.93 2.60 0.88
C GLN A 63 -3.87 2.61 1.97
N LEU A 64 -2.62 2.58 1.56
CA LEU A 64 -1.50 2.61 2.47
C LEU A 64 -1.26 4.04 2.99
N ILE A 65 -1.54 4.24 4.26
CA ILE A 65 -1.47 5.55 4.91
C ILE A 65 -0.09 5.79 5.49
N ALA A 66 0.35 4.86 6.30
CA ALA A 66 1.60 4.98 6.99
C ALA A 66 2.32 3.64 7.01
N VAL A 67 3.62 3.70 7.10
CA VAL A 67 4.44 2.51 7.10
C VAL A 67 5.55 2.64 8.14
N ASN A 68 5.70 1.60 8.97
CA ASN A 68 6.70 1.53 10.06
C ASN A 68 6.46 2.64 11.07
N GLY A 69 5.23 3.13 11.12
CA GLY A 69 4.90 4.22 11.99
C GLY A 69 5.00 5.58 11.30
N GLU A 70 5.74 5.66 10.19
CA GLU A 70 5.93 6.91 9.47
C GLU A 70 4.79 7.13 8.49
N SER A 71 4.24 8.31 8.49
CA SER A 71 3.13 8.63 7.63
C SER A 71 3.60 9.19 6.30
N LEU A 72 2.91 8.82 5.23
CA LEU A 72 3.23 9.33 3.91
C LEU A 72 2.00 9.80 3.19
N LEU A 73 0.89 9.85 3.89
CA LEU A 73 -0.34 10.30 3.31
C LEU A 73 -0.27 11.79 3.00
N GLY A 74 0.00 12.10 1.75
CA GLY A 74 0.04 13.48 1.34
C GLY A 74 1.03 13.72 0.24
N LYS A 75 1.98 12.81 0.10
CA LYS A 75 2.96 12.94 -0.94
C LYS A 75 2.50 12.18 -2.18
N ALA A 76 3.06 12.53 -3.34
CA ALA A 76 2.68 11.92 -4.62
C ALA A 76 2.95 10.43 -4.66
N ASN A 77 2.42 9.75 -5.68
CA ASN A 77 2.48 8.28 -5.78
C ASN A 77 3.91 7.79 -5.73
N GLN A 78 4.77 8.39 -6.54
CA GLN A 78 6.16 7.96 -6.68
C GLN A 78 6.86 8.17 -5.38
N GLU A 79 6.68 9.37 -4.86
CA GLU A 79 7.25 9.78 -3.57
C GLU A 79 6.86 8.79 -2.49
N ALA A 80 5.58 8.47 -2.44
CA ALA A 80 5.05 7.55 -1.48
C ALA A 80 5.65 6.16 -1.64
N MET A 81 5.76 5.71 -2.86
CA MET A 81 6.30 4.39 -3.15
C MET A 81 7.74 4.30 -2.74
N GLU A 82 8.50 5.39 -2.93
CA GLU A 82 9.87 5.41 -2.48
C GLU A 82 9.95 5.41 -0.96
N THR A 83 9.08 6.20 -0.32
CA THR A 83 9.00 6.24 1.12
C THR A 83 8.69 4.82 1.65
N LEU A 84 7.76 4.19 0.98
CA LEU A 84 7.30 2.87 1.34
C LEU A 84 8.39 1.81 1.22
N ARG A 85 9.00 1.68 0.05
CA ARG A 85 10.03 0.66 -0.18
C ARG A 85 11.25 0.88 0.72
N ARG A 86 11.54 2.12 1.04
CA ARG A 86 12.66 2.43 1.91
C ARG A 86 12.34 2.14 3.36
N SER A 87 11.18 2.55 3.83
CA SER A 87 10.86 2.37 5.24
C SER A 87 10.73 0.90 5.54
N MET A 88 10.12 0.17 4.62
CA MET A 88 9.89 -1.24 4.82
C MET A 88 11.19 -2.03 4.81
N SER A 89 12.19 -1.47 4.17
CA SER A 89 13.48 -2.09 4.10
C SER A 89 14.35 -1.61 5.25
N THR A 90 14.51 -0.31 5.35
CA THR A 90 15.39 0.30 6.32
C THR A 90 14.88 0.16 7.74
N GLU A 91 13.63 0.53 7.95
CA GLU A 91 13.07 0.50 9.29
C GLU A 91 12.43 -0.86 9.58
N GLY A 92 12.16 -1.60 8.53
CA GLY A 92 11.59 -2.91 8.67
C GLY A 92 12.55 -3.84 9.36
N ASN A 93 13.70 -4.04 8.76
CA ASN A 93 14.69 -4.94 9.32
C ASN A 93 15.54 -4.21 10.36
N LYS A 94 14.93 -4.02 11.54
CA LYS A 94 15.53 -3.39 12.73
C LYS A 94 14.47 -3.30 13.82
N ARG A 95 13.22 -3.14 13.39
CA ARG A 95 12.07 -3.22 14.32
C ARG A 95 11.70 -4.67 14.57
N GLY A 96 12.00 -5.53 13.61
CA GLY A 96 11.68 -6.94 13.74
C GLY A 96 10.42 -7.25 12.98
N MET A 97 9.50 -6.33 13.03
CA MET A 97 8.29 -6.42 12.29
C MET A 97 8.00 -5.08 11.68
N ILE A 98 7.23 -5.09 10.66
CA ILE A 98 6.87 -3.90 9.98
C ILE A 98 5.41 -3.59 10.21
N GLN A 99 5.15 -2.37 10.55
CA GLN A 99 3.82 -1.93 10.83
C GLN A 99 3.25 -1.17 9.66
N LEU A 100 2.12 -1.58 9.19
CA LEU A 100 1.49 -0.93 8.08
C LEU A 100 0.19 -0.35 8.56
N ILE A 101 -0.02 0.89 8.30
CA ILE A 101 -1.26 1.51 8.61
C ILE A 101 -1.96 1.75 7.29
N VAL A 102 -3.06 1.11 7.13
CA VAL A 102 -3.82 1.20 5.91
C VAL A 102 -5.21 1.72 6.23
N ALA A 103 -6.00 1.98 5.24
CA ALA A 103 -7.28 2.60 5.46
C ALA A 103 -8.36 2.01 4.60
N ARG A 104 -9.42 1.62 5.23
CA ARG A 104 -10.53 1.10 4.51
C ARG A 104 -11.76 1.95 4.81
N ARG A 105 -12.47 2.32 3.78
CA ARG A 105 -13.63 3.18 3.91
C ARG A 105 -14.88 2.41 4.31
N ILE A 106 -15.73 3.08 5.11
CA ILE A 106 -16.99 2.49 5.62
C ILE A 106 -17.91 2.05 4.48
N SER A 107 -17.78 2.71 3.39
CA SER A 107 -18.50 2.36 2.19
C SER A 107 -17.69 1.30 1.43
N ARG A 108 -18.20 0.11 1.33
CA ARG A 108 -17.44 -0.96 0.70
C ARG A 108 -17.71 -1.00 -0.79
N CYS A 109 -16.74 -1.47 -1.54
CA CYS A 109 -16.92 -1.75 -2.94
C CYS A 109 -16.40 -3.16 -3.17
N ASN A 110 -17.30 -4.11 -3.09
CA ASN A 110 -16.92 -5.52 -3.19
C ASN A 110 -16.58 -5.92 -4.59
N GLU A 111 -15.56 -6.72 -4.70
CA GLU A 111 -15.06 -7.20 -5.96
C GLU A 111 -14.67 -8.66 -5.84
N MET B 1 -2.12 -5.22 -34.78
CA MET B 1 -0.70 -5.15 -34.47
C MET B 1 -0.40 -3.91 -33.67
N LEU B 2 -1.41 -3.09 -33.50
CA LEU B 2 -1.25 -1.86 -32.78
C LEU B 2 -2.11 -1.88 -31.52
N ALA B 3 -1.49 -2.19 -30.42
CA ALA B 3 -2.19 -2.23 -29.17
C ALA B 3 -1.43 -1.48 -28.11
N GLU B 4 -1.82 -0.25 -27.94
CA GLU B 4 -1.26 0.61 -26.94
C GLU B 4 -2.24 0.70 -25.79
N LEU B 5 -1.83 1.25 -24.70
CA LEU B 5 -2.70 1.44 -23.57
C LEU B 5 -3.08 2.90 -23.46
N TYR B 6 -4.15 3.18 -22.79
CA TYR B 6 -4.60 4.51 -22.59
C TYR B 6 -4.33 4.77 -21.16
N GLY B 7 -3.24 5.35 -20.91
CA GLY B 7 -2.81 5.47 -19.60
C GLY B 7 -1.58 4.67 -19.40
N SER B 8 -0.58 4.98 -20.17
CA SER B 8 0.63 4.26 -20.12
C SER B 8 1.53 4.76 -19.02
N ASP B 9 1.34 4.20 -17.86
CA ASP B 9 2.15 4.52 -16.74
C ASP B 9 3.15 3.42 -16.59
N PRO B 10 4.44 3.75 -16.61
CA PRO B 10 5.50 2.75 -16.51
C PRO B 10 5.47 1.97 -15.22
N GLN B 11 5.50 2.68 -14.13
CA GLN B 11 5.57 2.06 -12.85
C GLN B 11 4.63 2.69 -11.86
N GLU B 12 3.43 2.20 -11.79
CA GLU B 12 2.55 2.58 -10.69
C GLU B 12 2.63 1.51 -9.66
N GLU B 13 3.26 0.44 -9.99
CA GLU B 13 3.30 -0.73 -9.12
C GLU B 13 4.63 -0.87 -8.41
N LEU B 14 4.56 -1.31 -7.18
CA LEU B 14 5.70 -1.56 -6.37
C LEU B 14 5.40 -2.82 -5.54
N ILE B 15 6.35 -3.70 -5.42
CA ILE B 15 6.14 -4.92 -4.62
C ILE B 15 7.00 -4.84 -3.38
N ILE B 16 6.42 -5.13 -2.24
CA ILE B 16 7.15 -5.09 -1.01
C ILE B 16 7.29 -6.48 -0.41
#